data_2Z3T
#
_entry.id   2Z3T
#
_cell.length_a   89.640
_cell.length_b   78.718
_cell.length_c   145.656
_cell.angle_alpha   90.000
_cell.angle_beta   107.920
_cell.angle_gamma   90.000
#
_symmetry.space_group_name_H-M   'P 1 21 1'
#
loop_
_entity.id
_entity.type
_entity.pdbx_description
1 polymer 'Cytochrome P450'
2 non-polymer 'PROTOPORPHYRIN IX CONTAINING FE'
3 non-polymer IMIDAZOLE
4 non-polymer 1,2-ETHANEDIOL
5 water water
#
_entity_poly.entity_id   1
_entity_poly.type   'polypeptide(L)'
_entity_poly.pdbx_seq_one_letter_code
;MASATLPRFDLMGWDKKDIADPYPVYRRYREAAPVHRTASGPGKPDTYYVFTYDDVVRVLSNRRLGRNARVASGDTDTAP
VPIPTEHRALRTVVENWLVFLDPPHHTELRSLLTTEFSPSIVTGLRPRIAELASALLDRLRAQRRPDLVEGFAAPLPILV
ISALLGIPEEDHTWLRANAVALQEASTTRARDGRGYARAEAASQEFTRYFRREVDRRGGDDRDDLLTLLVRARDTGSPLS
VDGIVGTCVHLLTAGHETTTNFLAKAVLTLRAHRDVLDELRTTPESTPAAVEELMRYDPPVQAVTRWAYEDIRLGDHDIP
RGSRVVALLGSANRDPARFPDPDVLDVHRAAERQVGFGLGIHYCLGATLARAEAEIGLRALLDGIPALGRGAHEVEYADD
MVFHGPTRLLLDLPDAALEHHHHHH
;
_entity_poly.pdbx_strand_id   A,B,C,D
#
# COMPACT_ATOMS: atom_id res chain seq x y z
N THR A 5 -17.36 30.10 13.33
CA THR A 5 -18.15 29.38 14.36
C THR A 5 -18.32 27.89 14.00
N LEU A 6 -18.57 27.07 15.01
CA LEU A 6 -18.78 25.62 14.86
C LEU A 6 -20.01 25.33 15.70
N PRO A 7 -20.84 24.36 15.28
CA PRO A 7 -22.03 24.06 16.08
C PRO A 7 -21.67 23.47 17.44
N ARG A 8 -22.63 23.44 18.36
CA ARG A 8 -22.35 22.87 19.68
C ARG A 8 -21.96 21.42 19.50
N PHE A 9 -20.94 20.99 20.22
CA PHE A 9 -20.46 19.62 20.10
C PHE A 9 -21.23 18.63 20.95
N ASP A 10 -21.38 17.41 20.43
CA ASP A 10 -22.09 16.34 21.10
C ASP A 10 -21.85 15.07 20.30
N LEU A 11 -21.69 13.93 20.98
CA LEU A 11 -21.42 12.68 20.27
C LEU A 11 -22.68 12.00 19.72
N MET A 12 -23.85 12.53 20.08
CA MET A 12 -25.13 12.00 19.62
C MET A 12 -25.60 12.77 18.39
N GLY A 13 -26.31 12.08 17.50
CA GLY A 13 -26.85 12.74 16.33
C GLY A 13 -25.83 13.22 15.31
N TRP A 14 -24.87 12.35 15.01
CA TRP A 14 -23.82 12.63 14.04
C TRP A 14 -24.24 12.26 12.63
N ASP A 15 -23.82 13.05 11.66
CA ASP A 15 -24.12 12.77 10.27
C ASP A 15 -23.37 11.49 9.90
N LYS A 16 -24.06 10.58 9.22
CA LYS A 16 -23.48 9.32 8.80
C LYS A 16 -22.13 9.44 8.07
N LYS A 17 -21.94 10.54 7.36
CA LYS A 17 -20.70 10.76 6.63
C LYS A 17 -19.57 11.12 7.58
N ASP A 18 -19.90 11.82 8.66
CA ASP A 18 -18.89 12.18 9.63
C ASP A 18 -18.58 11.00 10.55
N ILE A 19 -19.53 10.10 10.70
CA ILE A 19 -19.33 8.92 11.51
C ILE A 19 -18.25 8.10 10.80
N ALA A 20 -18.33 8.08 9.48
CA ALA A 20 -17.37 7.34 8.66
C ALA A 20 -15.97 7.92 8.81
N ASP A 21 -15.87 9.24 8.89
CA ASP A 21 -14.56 9.87 9.10
C ASP A 21 -14.71 11.05 10.03
N PRO A 22 -14.58 10.79 11.34
CA PRO A 22 -14.69 11.75 12.44
C PRO A 22 -13.47 12.61 12.71
N TYR A 23 -12.30 12.12 12.29
CA TYR A 23 -11.07 12.83 12.56
C TYR A 23 -11.00 14.27 12.09
N PRO A 24 -11.53 14.57 10.89
CA PRO A 24 -11.48 15.96 10.45
C PRO A 24 -12.38 16.82 11.34
N VAL A 25 -13.39 16.19 11.93
CA VAL A 25 -14.31 16.89 12.84
C VAL A 25 -13.55 17.21 14.13
N TYR A 26 -12.85 16.21 14.66
CA TYR A 26 -12.09 16.42 15.88
C TYR A 26 -11.06 17.52 15.64
N ARG A 27 -10.40 17.45 14.49
CA ARG A 27 -9.38 18.44 14.18
C ARG A 27 -9.88 19.88 14.23
N ARG A 28 -11.01 20.16 13.59
CA ARG A 28 -11.48 21.54 13.62
C ARG A 28 -11.84 22.03 15.00
N TYR A 29 -12.43 21.16 15.82
CA TYR A 29 -12.75 21.57 17.18
C TYR A 29 -11.47 21.72 17.99
N ARG A 30 -10.55 20.78 17.81
CA ARG A 30 -9.30 20.80 18.54
C ARG A 30 -8.47 22.03 18.21
N GLU A 31 -8.50 22.45 16.95
CA GLU A 31 -7.74 23.63 16.55
C GLU A 31 -8.42 24.91 17.09
N ALA A 32 -9.74 24.85 17.23
CA ALA A 32 -10.52 25.98 17.76
C ALA A 32 -10.23 26.20 19.25
N ALA A 33 -10.28 25.12 20.02
CA ALA A 33 -10.03 25.18 21.46
C ALA A 33 -9.88 23.77 22.00
N PRO A 34 -8.98 23.57 22.98
CA PRO A 34 -8.71 22.27 23.60
C PRO A 34 -9.91 21.62 24.27
N VAL A 35 -10.75 22.45 24.86
CA VAL A 35 -11.95 21.96 25.53
C VAL A 35 -13.15 22.75 25.02
N HIS A 36 -14.27 22.05 24.88
CA HIS A 36 -15.48 22.68 24.39
C HIS A 36 -16.64 22.42 25.36
N ARG A 37 -17.35 23.49 25.70
CA ARG A 37 -18.50 23.41 26.62
C ARG A 37 -19.77 23.27 25.82
N THR A 38 -20.62 22.33 26.20
CA THR A 38 -21.91 22.16 25.53
C THR A 38 -22.93 22.22 26.67
N ALA A 39 -23.55 23.39 26.79
CA ALA A 39 -24.53 23.72 27.80
C ALA A 39 -25.84 22.90 27.83
N SER A 40 -26.43 22.80 29.03
CA SER A 40 -27.67 22.09 29.25
C SER A 40 -28.90 23.03 29.27
N GLY A 41 -29.57 23.08 30.42
CA GLY A 41 -30.77 23.89 30.63
C GLY A 41 -30.73 25.41 30.61
N PRO A 42 -30.64 26.08 31.78
CA PRO A 42 -30.57 25.60 33.17
C PRO A 42 -31.36 24.39 33.65
N GLY A 43 -30.82 23.82 34.73
CA GLY A 43 -31.29 22.62 35.38
C GLY A 43 -29.98 21.89 35.25
N LYS A 44 -29.21 22.24 34.20
CA LYS A 44 -27.94 21.63 33.93
C LYS A 44 -28.09 20.08 34.03
N PRO A 45 -26.96 19.35 34.17
CA PRO A 45 -25.52 19.64 34.27
C PRO A 45 -24.87 19.88 32.87
N ASP A 46 -23.87 20.75 32.84
CA ASP A 46 -23.16 21.07 31.61
C ASP A 46 -22.08 20.01 31.26
N THR A 47 -21.79 19.86 29.97
CA THR A 47 -20.79 18.90 29.52
C THR A 47 -19.58 19.58 28.87
N TYR A 48 -18.40 19.04 29.12
CA TYR A 48 -17.15 19.57 28.57
C TYR A 48 -16.44 18.46 27.78
N TYR A 49 -16.18 18.73 26.51
CA TYR A 49 -15.51 17.78 25.63
C TYR A 49 -14.02 18.13 25.54
N VAL A 50 -13.17 17.14 25.81
CA VAL A 50 -11.72 17.34 25.79
C VAL A 50 -11.09 16.68 24.56
N PHE A 51 -10.52 17.51 23.70
CA PHE A 51 -9.93 17.07 22.44
C PHE A 51 -8.41 16.89 22.37
N THR A 52 -7.71 17.43 23.36
CA THR A 52 -6.26 17.39 23.36
C THR A 52 -5.65 16.20 24.09
N TYR A 53 -4.54 15.69 23.58
CA TYR A 53 -3.88 14.54 24.20
C TYR A 53 -3.55 14.83 25.67
N ASP A 54 -2.87 15.95 25.93
CA ASP A 54 -2.50 16.27 27.31
C ASP A 54 -3.70 16.45 28.23
N ASP A 55 -4.74 17.15 27.79
CA ASP A 55 -5.90 17.32 28.65
C ASP A 55 -6.65 16.02 28.87
N VAL A 56 -6.61 15.12 27.88
CA VAL A 56 -7.28 13.84 28.01
C VAL A 56 -6.55 13.02 29.06
N VAL A 57 -5.23 13.17 29.11
CA VAL A 57 -4.43 12.45 30.09
C VAL A 57 -4.73 13.01 31.48
N ARG A 58 -4.95 14.33 31.54
CA ARG A 58 -5.27 14.99 32.79
C ARG A 58 -6.62 14.50 33.29
N VAL A 59 -7.58 14.40 32.37
CA VAL A 59 -8.93 13.94 32.68
C VAL A 59 -8.91 12.53 33.23
N LEU A 60 -8.25 11.64 32.50
CA LEU A 60 -8.17 10.23 32.87
C LEU A 60 -7.40 9.92 34.15
N SER A 61 -6.55 10.85 34.58
CA SER A 61 -5.75 10.59 35.77
C SER A 61 -6.17 11.33 37.03
N ASN A 62 -7.07 12.32 36.88
CA ASN A 62 -7.54 13.09 38.02
C ASN A 62 -8.52 12.27 38.88
N ARG A 63 -8.20 12.08 40.16
CA ARG A 63 -9.04 11.31 41.07
C ARG A 63 -10.36 12.01 41.39
N ARG A 64 -10.40 13.32 41.20
CA ARG A 64 -11.58 14.10 41.47
C ARG A 64 -12.66 13.96 40.39
N LEU A 65 -12.33 13.22 39.34
CA LEU A 65 -13.25 12.96 38.23
C LEU A 65 -13.64 11.50 38.28
N GLY A 66 -14.88 11.22 38.64
CA GLY A 66 -15.31 9.85 38.74
C GLY A 66 -16.23 9.44 37.62
N ARG A 67 -16.62 8.18 37.64
CA ARG A 67 -17.50 7.62 36.63
C ARG A 67 -18.96 7.93 36.76
N ASN A 68 -19.56 7.69 37.92
CA ASN A 68 -20.96 8.07 37.89
C ASN A 68 -21.49 9.32 38.55
N ALA A 69 -22.40 9.94 37.81
CA ALA A 69 -23.07 11.17 38.18
C ALA A 69 -23.40 11.10 39.67
N ARG A 70 -22.63 11.82 40.50
CA ARG A 70 -22.83 11.80 41.95
C ARG A 70 -23.45 13.15 42.21
N VAL A 71 -24.76 13.22 42.35
CA VAL A 71 -25.51 14.45 42.60
C VAL A 71 -24.78 15.59 43.33
N ALA A 72 -24.49 16.65 42.58
CA ALA A 72 -23.78 17.82 43.07
C ALA A 72 -24.14 18.10 44.53
N ARG A 88 -36.35 -5.65 35.33
CA ARG A 88 -35.36 -5.60 34.26
C ARG A 88 -34.18 -6.50 34.55
N ALA A 89 -34.06 -7.58 33.77
CA ALA A 89 -32.95 -8.52 33.93
C ALA A 89 -31.74 -7.78 33.36
N LEU A 90 -32.04 -6.69 32.66
CA LEU A 90 -31.06 -5.83 32.04
C LEU A 90 -30.38 -5.04 33.15
N ARG A 91 -31.19 -4.41 34.02
CA ARG A 91 -30.68 -3.61 35.12
C ARG A 91 -29.84 -4.47 36.07
N THR A 92 -30.21 -5.73 36.23
CA THR A 92 -29.46 -6.60 37.13
C THR A 92 -28.18 -7.12 36.48
N VAL A 93 -28.20 -7.33 35.16
CA VAL A 93 -27.02 -7.81 34.45
C VAL A 93 -25.94 -6.72 34.39
N VAL A 94 -26.39 -5.51 34.07
CA VAL A 94 -25.52 -4.34 33.94
C VAL A 94 -25.05 -3.70 35.24
N GLU A 95 -25.76 -3.96 36.35
CA GLU A 95 -25.41 -3.34 37.62
C GLU A 95 -24.08 -3.66 38.26
N ASN A 96 -23.51 -4.85 38.04
CA ASN A 96 -22.19 -5.04 38.62
C ASN A 96 -21.06 -5.17 37.60
N TRP A 97 -21.28 -4.56 36.43
CA TRP A 97 -20.27 -4.53 35.37
C TRP A 97 -19.16 -3.59 35.84
N LEU A 98 -17.95 -4.14 35.95
CA LEU A 98 -16.80 -3.37 36.43
C LEU A 98 -16.56 -2.05 35.72
N VAL A 99 -16.94 -1.97 34.44
CA VAL A 99 -16.73 -0.76 33.66
C VAL A 99 -17.66 0.39 34.09
N PHE A 100 -18.59 0.08 34.99
CA PHE A 100 -19.56 1.09 35.47
C PHE A 100 -19.35 1.47 36.95
N LEU A 101 -18.34 0.90 37.60
CA LEU A 101 -18.10 1.15 39.02
C LEU A 101 -16.99 2.16 39.34
N ASP A 102 -17.19 2.94 40.41
CA ASP A 102 -16.19 3.91 40.87
C ASP A 102 -15.34 3.26 41.95
N PRO A 103 -14.07 3.70 42.10
CA PRO A 103 -13.05 3.25 43.05
C PRO A 103 -13.43 2.33 44.21
N PRO A 104 -14.41 2.73 45.05
CA PRO A 104 -14.80 1.86 46.17
C PRO A 104 -15.21 0.45 45.72
N HIS A 105 -16.43 0.33 45.21
CA HIS A 105 -17.00 -0.91 44.70
C HIS A 105 -15.99 -1.45 43.68
N HIS A 106 -15.52 -0.53 42.85
CA HIS A 106 -14.58 -0.81 41.78
C HIS A 106 -13.25 -1.50 42.15
N THR A 107 -12.63 -1.05 43.24
CA THR A 107 -11.35 -1.61 43.68
C THR A 107 -11.41 -3.10 43.97
N GLU A 108 -12.44 -3.51 44.71
CA GLU A 108 -12.59 -4.91 45.08
C GLU A 108 -12.85 -5.81 43.89
N LEU A 109 -13.65 -5.33 42.93
CA LEU A 109 -13.98 -6.10 41.75
C LEU A 109 -12.82 -6.22 40.74
N ARG A 110 -12.12 -5.11 40.48
CA ARG A 110 -11.00 -5.13 39.52
C ARG A 110 -9.93 -6.13 39.96
N SER A 111 -9.52 -6.03 41.23
CA SER A 111 -8.52 -6.91 41.80
C SER A 111 -8.91 -8.39 41.59
N LEU A 112 -10.22 -8.64 41.61
CA LEU A 112 -10.80 -9.96 41.46
C LEU A 112 -10.35 -10.68 40.17
N LEU A 113 -10.74 -10.17 39.02
CA LEU A 113 -10.39 -10.82 37.76
C LEU A 113 -9.12 -10.39 37.03
N THR A 114 -8.38 -9.45 37.62
CA THR A 114 -7.14 -8.94 37.07
C THR A 114 -6.12 -10.01 36.66
N THR A 115 -5.83 -10.98 37.53
CA THR A 115 -4.83 -11.91 37.08
C THR A 115 -5.32 -13.05 36.20
N GLU A 116 -6.62 -13.07 35.93
CA GLU A 116 -7.19 -14.08 35.05
C GLU A 116 -7.02 -13.60 33.60
N PHE A 117 -6.46 -12.41 33.43
CA PHE A 117 -6.21 -11.82 32.11
C PHE A 117 -4.75 -11.40 32.02
N SER A 118 -3.92 -12.05 32.83
CA SER A 118 -2.50 -11.75 32.87
C SER A 118 -1.82 -12.18 31.58
N PRO A 119 -0.64 -11.62 31.31
CA PRO A 119 0.13 -11.95 30.11
C PRO A 119 0.34 -13.47 30.07
N SER A 120 0.42 -14.08 31.25
CA SER A 120 0.62 -15.51 31.38
C SER A 120 -0.53 -16.29 30.76
N ILE A 121 -1.74 -16.04 31.23
CA ILE A 121 -2.91 -16.74 30.70
C ILE A 121 -3.12 -16.42 29.21
N VAL A 122 -2.94 -15.15 28.82
CA VAL A 122 -3.12 -14.76 27.43
C VAL A 122 -2.11 -15.46 26.52
N THR A 123 -0.84 -15.49 26.93
CA THR A 123 0.19 -16.13 26.14
C THR A 123 -0.15 -17.58 25.81
N GLY A 124 -0.63 -18.32 26.80
CA GLY A 124 -0.97 -19.71 26.58
C GLY A 124 -2.24 -19.89 25.79
N LEU A 125 -3.02 -18.83 25.71
CA LEU A 125 -4.29 -18.85 25.00
C LEU A 125 -4.12 -18.54 23.51
N ARG A 126 -3.02 -17.87 23.18
CA ARG A 126 -2.74 -17.48 21.80
C ARG A 126 -2.88 -18.60 20.77
N PRO A 127 -2.33 -19.81 21.06
CA PRO A 127 -2.46 -20.90 20.09
C PRO A 127 -3.92 -21.22 19.76
N ARG A 128 -4.78 -21.16 20.76
CA ARG A 128 -6.19 -21.45 20.57
C ARG A 128 -6.86 -20.33 19.77
N ILE A 129 -6.43 -19.09 20.04
CA ILE A 129 -6.97 -17.92 19.34
C ILE A 129 -6.66 -18.04 17.85
N ALA A 130 -5.44 -18.47 17.54
CA ALA A 130 -5.00 -18.64 16.16
C ALA A 130 -5.79 -19.74 15.46
N GLU A 131 -6.06 -20.81 16.20
CA GLU A 131 -6.82 -21.94 15.70
C GLU A 131 -8.22 -21.50 15.34
N LEU A 132 -8.81 -20.67 16.19
CA LEU A 132 -10.14 -20.15 15.96
C LEU A 132 -10.16 -19.21 14.76
N ALA A 133 -9.17 -18.32 14.70
CA ALA A 133 -9.07 -17.36 13.60
C ALA A 133 -8.99 -18.12 12.28
N SER A 134 -8.17 -19.17 12.26
CA SER A 134 -8.00 -19.97 11.06
C SER A 134 -9.31 -20.63 10.64
N ALA A 135 -10.00 -21.24 11.59
CA ALA A 135 -11.27 -21.91 11.31
C ALA A 135 -12.28 -20.94 10.71
N LEU A 136 -12.37 -19.74 11.30
CA LEU A 136 -13.29 -18.72 10.81
C LEU A 136 -12.98 -18.42 9.36
N LEU A 137 -11.71 -18.23 9.03
CA LEU A 137 -11.32 -17.92 7.66
C LEU A 137 -11.69 -19.03 6.70
N ASP A 138 -11.54 -20.27 7.11
CA ASP A 138 -11.88 -21.40 6.25
C ASP A 138 -13.31 -21.26 5.73
N ARG A 139 -14.24 -20.91 6.62
CA ARG A 139 -15.62 -20.74 6.23
C ARG A 139 -15.79 -19.51 5.37
N LEU A 140 -15.12 -18.43 5.78
CA LEU A 140 -15.17 -17.14 5.08
C LEU A 140 -14.75 -17.32 3.63
N ARG A 141 -13.78 -18.19 3.41
CA ARG A 141 -13.26 -18.45 2.07
C ARG A 141 -14.28 -19.10 1.15
N ALA A 142 -15.36 -19.61 1.72
CA ALA A 142 -16.37 -20.28 0.92
C ALA A 142 -17.53 -19.42 0.46
N GLN A 143 -17.35 -18.10 0.38
CA GLN A 143 -18.42 -17.25 -0.11
C GLN A 143 -17.96 -16.12 -1.03
N ARG A 144 -18.75 -15.87 -2.06
CA ARG A 144 -18.44 -14.85 -3.06
C ARG A 144 -18.06 -13.48 -2.54
N ARG A 145 -18.93 -12.92 -1.70
CA ARG A 145 -18.75 -11.59 -1.15
C ARG A 145 -18.96 -11.69 0.37
N PRO A 146 -17.94 -12.14 1.11
CA PRO A 146 -18.04 -12.28 2.57
C PRO A 146 -18.12 -10.97 3.36
N ASP A 147 -18.75 -11.05 4.54
CA ASP A 147 -18.87 -9.90 5.45
C ASP A 147 -17.78 -10.18 6.48
N LEU A 148 -16.75 -9.34 6.54
CA LEU A 148 -15.68 -9.56 7.49
C LEU A 148 -16.12 -9.35 8.93
N VAL A 149 -17.17 -8.57 9.13
CA VAL A 149 -17.66 -8.31 10.47
C VAL A 149 -18.37 -9.53 11.01
N GLU A 150 -19.47 -9.91 10.36
CA GLU A 150 -20.24 -11.05 10.81
C GLU A 150 -19.50 -12.37 10.62
N GLY A 151 -18.62 -12.43 9.64
CA GLY A 151 -17.88 -13.66 9.39
C GLY A 151 -16.53 -13.83 10.06
N PHE A 152 -16.02 -12.80 10.73
CA PHE A 152 -14.70 -12.92 11.34
C PHE A 152 -14.44 -12.01 12.54
N ALA A 153 -14.56 -10.70 12.34
CA ALA A 153 -14.30 -9.72 13.38
C ALA A 153 -15.23 -9.84 14.57
N ALA A 154 -16.51 -10.10 14.32
CA ALA A 154 -17.50 -10.22 15.38
C ALA A 154 -17.42 -11.55 16.12
N PRO A 155 -17.39 -12.67 15.38
CA PRO A 155 -17.32 -13.98 16.02
C PRO A 155 -16.00 -14.36 16.69
N LEU A 156 -14.88 -13.76 16.29
CA LEU A 156 -13.60 -14.11 16.92
C LEU A 156 -13.50 -13.75 18.41
N PRO A 157 -13.86 -12.52 18.80
CA PRO A 157 -13.76 -12.20 20.24
C PRO A 157 -14.72 -13.06 21.08
N ILE A 158 -15.91 -13.30 20.54
CA ILE A 158 -16.93 -14.10 21.20
C ILE A 158 -16.37 -15.50 21.44
N LEU A 159 -15.80 -16.07 20.39
CA LEU A 159 -15.23 -17.41 20.44
C LEU A 159 -14.05 -17.54 21.39
N VAL A 160 -13.22 -16.51 21.47
CA VAL A 160 -12.06 -16.55 22.35
C VAL A 160 -12.48 -16.45 23.81
N ILE A 161 -13.36 -15.49 24.12
CA ILE A 161 -13.83 -15.31 25.49
C ILE A 161 -14.68 -16.51 25.93
N SER A 162 -15.34 -17.16 24.97
CA SER A 162 -16.17 -18.33 25.23
C SER A 162 -15.31 -19.51 25.67
N ALA A 163 -14.09 -19.57 25.12
CA ALA A 163 -13.16 -20.63 25.46
C ALA A 163 -12.55 -20.32 26.81
N LEU A 164 -12.61 -19.05 27.19
CA LEU A 164 -12.06 -18.58 28.46
C LEU A 164 -13.07 -18.81 29.58
N LEU A 165 -14.34 -18.90 29.19
CA LEU A 165 -15.44 -19.12 30.13
C LEU A 165 -15.89 -20.58 30.13
N GLY A 166 -15.37 -21.37 29.20
CA GLY A 166 -15.75 -22.77 29.14
C GLY A 166 -17.10 -22.97 28.48
N ILE A 167 -17.56 -21.95 27.75
CA ILE A 167 -18.84 -22.01 27.07
C ILE A 167 -18.72 -22.87 25.80
N PRO A 168 -19.84 -23.46 25.33
CA PRO A 168 -19.80 -24.30 24.12
C PRO A 168 -19.51 -23.48 22.86
N GLU A 169 -18.57 -23.97 22.06
CA GLU A 169 -18.20 -23.28 20.84
C GLU A 169 -19.40 -23.01 19.94
N GLU A 170 -20.29 -23.99 19.78
CA GLU A 170 -21.43 -23.81 18.88
C GLU A 170 -22.44 -22.72 19.26
N ASP A 171 -22.31 -22.23 20.49
CA ASP A 171 -23.17 -21.13 20.93
C ASP A 171 -22.71 -19.75 20.49
N HIS A 172 -21.58 -19.65 19.79
CA HIS A 172 -21.06 -18.39 19.39
C HIS A 172 -21.99 -17.56 18.56
N THR A 173 -22.80 -18.21 17.74
CA THR A 173 -23.72 -17.52 16.87
C THR A 173 -24.95 -16.96 17.61
N TRP A 174 -25.47 -17.76 18.52
CA TRP A 174 -26.55 -17.32 19.37
C TRP A 174 -26.13 -16.21 20.32
N LEU A 175 -25.02 -16.42 21.00
CA LEU A 175 -24.45 -15.47 21.94
C LEU A 175 -24.23 -14.15 21.28
N ARG A 176 -23.67 -14.15 20.06
CA ARG A 176 -23.41 -12.90 19.33
C ARG A 176 -24.70 -12.17 18.99
N ALA A 177 -25.70 -12.94 18.55
CA ALA A 177 -26.99 -12.34 18.21
C ALA A 177 -27.50 -11.53 19.41
N ASN A 178 -27.40 -12.14 20.59
CA ASN A 178 -27.85 -11.50 21.82
C ASN A 178 -26.97 -10.33 22.25
N ALA A 179 -25.66 -10.43 21.98
CA ALA A 179 -24.75 -9.34 22.32
C ALA A 179 -25.18 -8.14 21.49
N VAL A 180 -25.53 -8.40 20.23
CA VAL A 180 -25.97 -7.36 19.30
C VAL A 180 -27.28 -6.74 19.81
N ALA A 181 -28.18 -7.59 20.28
CA ALA A 181 -29.46 -7.12 20.80
C ALA A 181 -29.19 -6.23 22.01
N LEU A 182 -28.32 -6.68 22.90
CA LEU A 182 -27.98 -5.92 24.10
C LEU A 182 -27.54 -4.49 23.77
N GLN A 183 -26.82 -4.35 22.65
CA GLN A 183 -26.32 -3.05 22.24
C GLN A 183 -27.42 -2.04 21.98
N GLU A 184 -28.61 -2.54 21.64
CA GLU A 184 -29.77 -1.70 21.36
C GLU A 184 -30.05 -0.69 22.48
N ALA A 185 -29.89 -1.13 23.72
CA ALA A 185 -30.16 -0.26 24.86
C ALA A 185 -28.99 0.62 25.28
N SER A 186 -27.91 0.61 24.51
CA SER A 186 -26.74 1.41 24.88
C SER A 186 -27.03 2.92 24.90
N THR A 187 -26.45 3.61 25.87
CA THR A 187 -26.65 5.05 26.00
C THR A 187 -25.88 5.82 24.95
N THR A 188 -25.04 5.10 24.20
CA THR A 188 -24.25 5.71 23.14
C THR A 188 -25.00 5.62 21.80
N ARG A 189 -26.13 4.91 21.82
CA ARG A 189 -27.01 4.69 20.68
C ARG A 189 -28.39 5.31 20.91
N ALA A 190 -29.36 4.89 20.10
CA ALA A 190 -30.73 5.38 20.16
C ALA A 190 -31.51 4.63 21.24
N ARG A 194 -38.18 0.82 20.43
CA ARG A 194 -38.30 -0.33 21.30
C ARG A 194 -36.94 -1.00 21.44
N GLY A 195 -35.93 -0.21 21.78
CA GLY A 195 -34.58 -0.74 21.93
C GLY A 195 -34.39 -1.53 23.21
N TYR A 196 -35.02 -1.06 24.29
CA TYR A 196 -34.93 -1.72 25.59
C TYR A 196 -35.56 -3.10 25.57
N ALA A 197 -36.60 -3.26 24.75
CA ALA A 197 -37.29 -4.53 24.62
C ALA A 197 -36.32 -5.61 24.19
N ARG A 198 -35.67 -5.38 23.05
CA ARG A 198 -34.70 -6.34 22.55
C ARG A 198 -33.57 -6.57 23.53
N ALA A 199 -33.08 -5.49 24.14
CA ALA A 199 -31.98 -5.60 25.10
C ALA A 199 -32.40 -6.39 26.34
N GLU A 200 -33.62 -6.13 26.81
CA GLU A 200 -34.12 -6.84 27.99
C GLU A 200 -34.33 -8.30 27.63
N ALA A 201 -34.80 -8.53 26.41
CA ALA A 201 -35.02 -9.89 25.94
C ALA A 201 -33.67 -10.60 25.98
N ALA A 202 -32.67 -9.94 25.40
CA ALA A 202 -31.32 -10.48 25.37
C ALA A 202 -30.78 -10.69 26.79
N SER A 203 -30.93 -9.67 27.62
CA SER A 203 -30.47 -9.73 29.01
C SER A 203 -31.05 -10.94 29.72
N GLN A 204 -32.35 -11.17 29.52
CA GLN A 204 -33.01 -12.30 30.15
C GLN A 204 -32.51 -13.60 29.54
N GLU A 205 -32.22 -13.55 28.23
CA GLU A 205 -31.71 -14.73 27.54
C GLU A 205 -30.32 -15.09 28.08
N PHE A 206 -29.47 -14.07 28.31
CA PHE A 206 -28.11 -14.29 28.83
C PHE A 206 -28.17 -14.79 30.27
N THR A 207 -28.97 -14.11 31.07
CA THR A 207 -29.13 -14.47 32.48
C THR A 207 -29.52 -15.94 32.61
N ARG A 208 -30.59 -16.31 31.94
CA ARG A 208 -31.08 -17.68 31.98
C ARG A 208 -29.96 -18.60 31.49
N TYR A 209 -29.26 -18.15 30.46
CA TYR A 209 -28.18 -18.93 29.89
C TYR A 209 -27.04 -19.20 30.86
N PHE A 210 -26.49 -18.13 31.40
CA PHE A 210 -25.36 -18.24 32.32
C PHE A 210 -25.71 -18.79 33.70
N ARG A 211 -26.93 -18.58 34.15
CA ARG A 211 -27.27 -19.09 35.45
C ARG A 211 -27.34 -20.62 35.38
N ARG A 212 -27.66 -21.14 34.20
CA ARG A 212 -27.70 -22.57 33.97
C ARG A 212 -26.26 -23.09 33.90
N GLU A 213 -25.34 -22.25 33.44
CA GLU A 213 -23.95 -22.64 33.32
C GLU A 213 -23.29 -22.77 34.68
N VAL A 214 -23.50 -21.77 35.54
CA VAL A 214 -22.98 -21.80 36.91
C VAL A 214 -23.28 -23.17 37.52
N ASP A 215 -24.51 -23.67 37.36
CA ASP A 215 -24.78 -25.00 37.82
C ASP A 215 -24.32 -25.90 36.69
N ARG A 216 -23.08 -26.39 36.76
CA ARG A 216 -22.53 -27.22 35.70
C ARG A 216 -23.48 -28.27 35.15
N ASP A 224 -14.03 -22.14 32.25
CA ASP A 224 -13.06 -22.42 33.29
C ASP A 224 -12.75 -21.15 34.10
N LEU A 225 -13.14 -20.02 33.56
CA LEU A 225 -12.96 -18.77 34.30
C LEU A 225 -14.22 -18.76 35.14
N LEU A 226 -15.24 -19.46 34.64
CA LEU A 226 -16.52 -19.57 35.34
C LEU A 226 -16.28 -20.48 36.55
N THR A 227 -15.55 -21.55 36.30
CA THR A 227 -15.18 -22.51 37.33
C THR A 227 -14.56 -21.75 38.48
N LEU A 228 -13.50 -21.03 38.16
CA LEU A 228 -12.77 -20.25 39.15
C LEU A 228 -13.63 -19.22 39.87
N LEU A 229 -14.53 -18.57 39.15
CA LEU A 229 -15.41 -17.57 39.75
C LEU A 229 -16.48 -18.22 40.63
N VAL A 230 -16.91 -19.40 40.22
CA VAL A 230 -17.93 -20.17 40.94
C VAL A 230 -17.31 -20.88 42.13
N ARG A 231 -16.14 -21.46 41.84
CA ARG A 231 -15.34 -22.20 42.80
C ARG A 231 -15.01 -21.27 43.95
N ALA A 232 -14.81 -20.00 43.63
CA ALA A 232 -14.51 -18.99 44.63
C ALA A 232 -15.67 -18.92 45.64
N ARG A 233 -16.90 -19.02 45.14
CA ARG A 233 -18.06 -18.96 46.01
C ARG A 233 -18.26 -20.28 46.76
N ASP A 234 -17.90 -21.39 46.09
CA ASP A 234 -18.03 -22.71 46.71
C ASP A 234 -17.09 -22.90 47.88
N THR A 235 -16.02 -22.10 47.93
CA THR A 235 -15.06 -22.19 49.03
C THR A 235 -14.93 -20.90 49.85
N GLY A 236 -16.06 -20.23 50.07
CA GLY A 236 -16.05 -19.05 50.90
C GLY A 236 -15.85 -17.67 50.32
N SER A 237 -15.70 -17.54 49.01
CA SER A 237 -15.53 -16.21 48.45
C SER A 237 -16.89 -15.57 48.16
N PRO A 238 -17.14 -14.37 48.71
CA PRO A 238 -18.36 -13.59 48.55
C PRO A 238 -18.63 -13.19 47.11
N LEU A 239 -19.39 -14.04 46.42
CA LEU A 239 -19.75 -13.80 45.03
C LEU A 239 -21.20 -14.20 44.83
N SER A 240 -22.03 -13.30 44.28
CA SER A 240 -23.40 -13.71 44.04
C SER A 240 -23.51 -14.38 42.66
N VAL A 241 -24.50 -15.25 42.50
CA VAL A 241 -24.70 -15.91 41.21
C VAL A 241 -24.99 -14.81 40.22
N ASP A 242 -25.68 -13.76 40.70
CA ASP A 242 -26.00 -12.63 39.84
C ASP A 242 -24.72 -11.90 39.42
N GLY A 243 -23.76 -11.86 40.34
CA GLY A 243 -22.49 -11.20 40.07
C GLY A 243 -21.66 -11.98 39.07
N ILE A 244 -21.65 -13.30 39.22
CA ILE A 244 -20.91 -14.15 38.30
C ILE A 244 -21.56 -14.03 36.92
N VAL A 245 -22.88 -14.09 36.89
CA VAL A 245 -23.63 -13.97 35.65
C VAL A 245 -23.37 -12.63 34.98
N GLY A 246 -23.61 -11.54 35.70
CA GLY A 246 -23.36 -10.21 35.14
C GLY A 246 -21.95 -10.06 34.60
N THR A 247 -21.00 -10.66 35.31
CA THR A 247 -19.60 -10.64 34.93
C THR A 247 -19.40 -11.32 33.58
N CYS A 248 -19.99 -12.51 33.44
CA CYS A 248 -19.89 -13.28 32.23
C CYS A 248 -20.44 -12.54 31.01
N VAL A 249 -21.55 -11.83 31.20
CA VAL A 249 -22.15 -11.08 30.11
C VAL A 249 -21.25 -9.91 29.70
N HIS A 250 -20.61 -9.26 30.68
CA HIS A 250 -19.73 -8.15 30.34
C HIS A 250 -18.53 -8.65 29.55
N LEU A 251 -17.86 -9.67 30.08
CA LEU A 251 -16.69 -10.25 29.44
C LEU A 251 -17.01 -10.79 28.04
N LEU A 252 -18.21 -11.33 27.89
CA LEU A 252 -18.62 -11.90 26.61
C LEU A 252 -18.90 -10.82 25.56
N THR A 253 -19.40 -9.69 26.00
CA THR A 253 -19.73 -8.60 25.10
C THR A 253 -18.68 -7.49 25.00
N ALA A 254 -17.66 -7.58 25.84
CA ALA A 254 -16.61 -6.57 25.87
C ALA A 254 -15.79 -6.49 24.58
N GLY A 255 -15.26 -7.61 24.13
CA GLY A 255 -14.47 -7.63 22.91
C GLY A 255 -15.30 -7.39 21.65
N HIS A 256 -16.57 -7.81 21.70
CA HIS A 256 -17.47 -7.66 20.57
C HIS A 256 -17.74 -6.19 20.23
N GLU A 257 -17.68 -5.34 21.25
CA GLU A 257 -17.93 -3.92 21.04
C GLU A 257 -16.65 -3.11 20.89
N THR A 258 -15.51 -3.78 20.98
CA THR A 258 -14.24 -3.09 20.85
C THR A 258 -13.28 -3.74 19.88
N THR A 259 -12.83 -4.95 20.22
CA THR A 259 -11.91 -5.69 19.37
C THR A 259 -12.48 -5.88 17.96
N THR A 260 -13.77 -6.23 17.89
CA THR A 260 -14.43 -6.42 16.60
C THR A 260 -14.26 -5.18 15.75
N ASN A 261 -14.53 -4.02 16.33
CA ASN A 261 -14.41 -2.75 15.64
C ASN A 261 -12.95 -2.47 15.25
N PHE A 262 -12.01 -2.85 16.11
CA PHE A 262 -10.61 -2.64 15.80
C PHE A 262 -10.24 -3.40 14.53
N LEU A 263 -10.57 -4.68 14.50
CA LEU A 263 -10.26 -5.52 13.35
C LEU A 263 -10.91 -5.04 12.05
N ALA A 264 -12.17 -4.65 12.11
CA ALA A 264 -12.85 -4.19 10.90
C ALA A 264 -12.26 -2.88 10.37
N LYS A 265 -12.02 -1.93 11.27
CA LYS A 265 -11.44 -0.66 10.88
C LYS A 265 -9.98 -0.82 10.50
N ALA A 266 -9.31 -1.85 11.04
CA ALA A 266 -7.93 -2.12 10.72
C ALA A 266 -7.85 -2.50 9.25
N VAL A 267 -8.84 -3.28 8.80
CA VAL A 267 -8.90 -3.71 7.40
C VAL A 267 -9.12 -2.48 6.52
N LEU A 268 -9.97 -1.55 6.98
CA LEU A 268 -10.24 -0.34 6.23
C LEU A 268 -8.98 0.54 6.15
N THR A 269 -8.31 0.71 7.29
CA THR A 269 -7.09 1.51 7.34
C THR A 269 -6.01 0.93 6.42
N LEU A 270 -5.73 -0.36 6.53
CA LEU A 270 -4.71 -0.97 5.70
C LEU A 270 -5.03 -0.94 4.20
N ARG A 271 -6.30 -1.03 3.84
CA ARG A 271 -6.68 -0.99 2.43
C ARG A 271 -6.45 0.41 1.91
N ALA A 272 -6.56 1.38 2.81
CA ALA A 272 -6.37 2.79 2.47
C ALA A 272 -4.88 3.15 2.46
N HIS A 273 -4.07 2.31 3.09
CA HIS A 273 -2.62 2.51 3.18
C HIS A 273 -1.92 1.23 2.69
N ARG A 274 -2.01 0.97 1.40
CA ARG A 274 -1.43 -0.23 0.80
C ARG A 274 0.07 -0.44 1.06
N ASP A 275 0.82 0.64 1.23
CA ASP A 275 2.24 0.50 1.50
C ASP A 275 2.42 -0.24 2.83
N VAL A 276 1.64 0.13 3.83
CA VAL A 276 1.73 -0.53 5.14
C VAL A 276 1.17 -1.95 5.11
N LEU A 277 0.03 -2.12 4.42
CA LEU A 277 -0.59 -3.43 4.27
C LEU A 277 0.42 -4.40 3.65
N ASP A 278 1.02 -3.97 2.52
CA ASP A 278 1.98 -4.79 1.80
C ASP A 278 3.25 -5.10 2.58
N GLU A 279 3.75 -4.12 3.32
CA GLU A 279 4.94 -4.32 4.15
C GLU A 279 4.62 -5.32 5.25
N LEU A 280 3.39 -5.26 5.76
CA LEU A 280 2.94 -6.18 6.80
C LEU A 280 2.86 -7.60 6.26
N ARG A 281 2.38 -7.76 5.03
CA ARG A 281 2.29 -9.08 4.46
C ARG A 281 3.68 -9.71 4.39
N THR A 282 4.66 -8.90 3.98
CA THR A 282 6.04 -9.36 3.85
C THR A 282 6.91 -9.32 5.11
N THR A 283 6.42 -8.72 6.19
CA THR A 283 7.21 -8.64 7.42
C THR A 283 6.33 -9.01 8.61
N PRO A 284 5.97 -10.30 8.72
CA PRO A 284 5.13 -10.82 9.79
C PRO A 284 5.52 -10.39 11.21
N GLU A 285 6.82 -10.34 11.47
CA GLU A 285 7.31 -9.96 12.79
C GLU A 285 6.94 -8.53 13.16
N SER A 286 6.45 -7.77 12.18
CA SER A 286 6.08 -6.39 12.43
C SER A 286 4.65 -6.20 12.95
N THR A 287 3.87 -7.28 12.96
CA THR A 287 2.47 -7.21 13.39
C THR A 287 2.21 -6.45 14.70
N PRO A 288 2.98 -6.75 15.77
CA PRO A 288 2.79 -6.08 17.05
C PRO A 288 2.85 -4.54 17.00
N ALA A 289 3.86 -4.02 16.33
CA ALA A 289 4.02 -2.57 16.19
C ALA A 289 2.92 -1.99 15.32
N ALA A 290 2.51 -2.77 14.35
CA ALA A 290 1.46 -2.37 13.44
C ALA A 290 0.17 -2.19 14.23
N VAL A 291 -0.14 -3.18 15.08
CA VAL A 291 -1.35 -3.14 15.88
C VAL A 291 -1.36 -1.91 16.78
N GLU A 292 -0.21 -1.55 17.33
CA GLU A 292 -0.11 -0.38 18.20
C GLU A 292 -0.42 0.90 17.41
N GLU A 293 0.10 0.99 16.19
CA GLU A 293 -0.14 2.18 15.36
C GLU A 293 -1.57 2.20 14.79
N LEU A 294 -2.12 1.02 14.47
CA LEU A 294 -3.49 0.92 13.96
C LEU A 294 -4.44 1.34 15.10
N MET A 295 -4.05 1.00 16.33
CA MET A 295 -4.84 1.37 17.50
C MET A 295 -4.79 2.88 17.69
N ARG A 296 -3.61 3.47 17.53
CA ARG A 296 -3.48 4.92 17.67
C ARG A 296 -4.30 5.63 16.60
N TYR A 297 -4.09 5.19 15.36
CA TYR A 297 -4.74 5.77 14.19
C TYR A 297 -6.28 5.77 14.22
N ASP A 298 -6.89 4.64 14.57
CA ASP A 298 -8.37 4.56 14.60
C ASP A 298 -8.82 3.65 15.74
N PRO A 299 -8.83 4.17 16.98
CA PRO A 299 -9.25 3.33 18.11
C PRO A 299 -10.74 2.97 18.13
N PRO A 300 -11.08 1.76 18.64
CA PRO A 300 -12.44 1.21 18.76
C PRO A 300 -13.35 2.07 19.66
N VAL A 301 -12.85 2.42 20.84
CA VAL A 301 -13.63 3.26 21.75
C VAL A 301 -13.16 4.69 21.56
N GLN A 302 -14.08 5.55 21.16
CA GLN A 302 -13.76 6.95 20.88
C GLN A 302 -13.84 7.92 22.03
N ALA A 303 -14.41 7.48 23.14
CA ALA A 303 -14.54 8.38 24.28
C ALA A 303 -14.90 7.66 25.57
N VAL A 304 -14.56 8.29 26.69
CA VAL A 304 -14.88 7.80 28.03
C VAL A 304 -15.39 9.03 28.75
N THR A 305 -16.43 8.84 29.56
CA THR A 305 -17.02 9.97 30.27
C THR A 305 -16.68 9.96 31.76
N ARG A 306 -16.65 11.16 32.30
CA ARG A 306 -16.36 11.39 33.71
C ARG A 306 -17.29 12.48 34.24
N TRP A 307 -17.32 12.60 35.57
CA TRP A 307 -18.10 13.63 36.24
C TRP A 307 -17.20 14.28 37.28
N ALA A 308 -17.18 15.61 37.29
CA ALA A 308 -16.35 16.37 38.22
C ALA A 308 -16.91 16.36 39.62
N TYR A 309 -16.13 15.85 40.57
CA TYR A 309 -16.57 15.82 41.95
C TYR A 309 -16.15 17.10 42.65
N GLU A 310 -15.50 17.98 41.91
CA GLU A 310 -15.04 19.27 42.43
C GLU A 310 -14.75 20.19 41.26
N ASP A 311 -14.77 21.50 41.52
CA ASP A 311 -14.48 22.45 40.46
C ASP A 311 -13.11 22.10 39.89
N ILE A 312 -12.96 22.22 38.58
CA ILE A 312 -11.68 21.92 37.91
C ILE A 312 -11.39 22.92 36.79
N ARG A 313 -10.12 23.13 36.49
CA ARG A 313 -9.73 24.05 35.40
C ARG A 313 -9.13 23.16 34.31
N LEU A 314 -9.48 23.42 33.06
CA LEU A 314 -9.00 22.63 31.93
C LEU A 314 -9.10 23.53 30.70
N GLY A 315 -8.07 23.53 29.86
CA GLY A 315 -8.10 24.42 28.70
C GLY A 315 -8.15 25.81 29.30
N ASP A 316 -9.16 26.60 28.92
CA ASP A 316 -9.34 27.96 29.47
C ASP A 316 -10.60 27.88 30.33
N HIS A 317 -11.05 26.66 30.56
CA HIS A 317 -12.28 26.40 31.30
C HIS A 317 -12.19 26.15 32.78
N ASP A 318 -13.08 26.84 33.49
CA ASP A 318 -13.23 26.68 34.92
C ASP A 318 -14.47 25.78 34.98
N ILE A 319 -14.24 24.49 35.15
CA ILE A 319 -15.31 23.52 35.16
C ILE A 319 -15.91 23.25 36.54
N PRO A 320 -17.18 23.65 36.74
CA PRO A 320 -17.93 23.47 38.00
C PRO A 320 -18.09 22.02 38.44
N ARG A 321 -18.17 21.82 39.75
CA ARG A 321 -18.32 20.48 40.30
C ARG A 321 -19.68 19.89 39.94
N GLY A 322 -19.67 18.85 39.11
CA GLY A 322 -20.92 18.23 38.71
C GLY A 322 -21.04 18.13 37.20
N SER A 323 -20.23 18.92 36.51
CA SER A 323 -20.24 18.92 35.05
C SER A 323 -19.80 17.55 34.55
N ARG A 324 -20.23 17.20 33.35
CA ARG A 324 -19.85 15.92 32.76
C ARG A 324 -18.66 16.19 31.84
N VAL A 325 -17.59 15.40 32.02
CA VAL A 325 -16.39 15.59 31.24
C VAL A 325 -16.17 14.42 30.29
N VAL A 326 -16.06 14.71 29.00
CA VAL A 326 -15.87 13.66 28.01
C VAL A 326 -14.49 13.67 27.41
N ALA A 327 -13.77 12.56 27.60
CA ALA A 327 -12.41 12.38 27.09
C ALA A 327 -12.51 11.77 25.68
N LEU A 328 -12.11 12.52 24.65
CA LEU A 328 -12.17 12.02 23.28
C LEU A 328 -10.85 11.32 22.89
N LEU A 329 -10.83 10.00 23.07
CA LEU A 329 -9.65 9.21 22.77
C LEU A 329 -9.20 9.23 21.31
N GLY A 330 -10.14 9.22 20.38
CA GLY A 330 -9.78 9.25 18.97
C GLY A 330 -9.15 10.58 18.61
N SER A 331 -9.65 11.64 19.26
CA SER A 331 -9.15 13.00 19.04
C SER A 331 -7.74 13.15 19.64
N ALA A 332 -7.57 12.59 20.84
CA ALA A 332 -6.29 12.62 21.53
C ALA A 332 -5.23 11.90 20.72
N ASN A 333 -5.59 10.71 20.20
CA ASN A 333 -4.67 9.90 19.41
C ASN A 333 -4.21 10.52 18.10
N ARG A 334 -4.91 11.57 17.66
CA ARG A 334 -4.54 12.25 16.41
C ARG A 334 -4.16 13.69 16.71
N ASP A 335 -3.74 13.94 17.94
CA ASP A 335 -3.34 15.28 18.37
C ASP A 335 -1.91 15.52 17.89
N PRO A 336 -1.71 16.44 16.92
CA PRO A 336 -0.38 16.75 16.39
C PRO A 336 0.63 17.24 17.41
N ALA A 337 0.16 17.62 18.59
CA ALA A 337 1.04 18.12 19.63
C ALA A 337 1.79 16.94 20.26
N ARG A 338 1.21 15.76 20.15
CA ARG A 338 1.81 14.56 20.70
C ARG A 338 2.30 13.61 19.62
N PHE A 339 1.56 13.54 18.52
CA PHE A 339 1.89 12.67 17.40
C PHE A 339 2.10 13.49 16.12
N PRO A 340 3.36 13.77 15.77
CA PRO A 340 3.68 14.53 14.56
C PRO A 340 3.11 13.85 13.31
N ASP A 341 2.48 14.63 12.43
CA ASP A 341 1.84 14.09 11.21
C ASP A 341 0.86 13.01 11.66
N PRO A 342 -0.12 13.36 12.50
CA PRO A 342 -1.09 12.39 13.02
C PRO A 342 -1.90 11.54 12.05
N ASP A 343 -2.09 12.01 10.83
CA ASP A 343 -2.87 11.28 9.84
C ASP A 343 -2.02 10.30 9.02
N VAL A 344 -0.73 10.27 9.27
CA VAL A 344 0.16 9.34 8.59
C VAL A 344 0.18 8.06 9.42
N LEU A 345 0.01 6.90 8.78
CA LEU A 345 0.04 5.62 9.48
C LEU A 345 1.52 5.25 9.55
N ASP A 346 2.15 5.52 10.69
CA ASP A 346 3.57 5.28 10.87
C ASP A 346 3.88 4.26 11.97
N VAL A 347 4.14 3.02 11.57
CA VAL A 347 4.41 1.93 12.52
C VAL A 347 5.71 2.10 13.31
N HIS A 348 6.45 3.15 13.00
CA HIS A 348 7.72 3.39 13.69
C HIS A 348 7.67 4.38 14.84
N ARG A 349 6.48 4.86 15.15
CA ARG A 349 6.32 5.77 16.29
C ARG A 349 6.64 4.98 17.56
N ALA A 350 7.03 5.69 18.62
CA ALA A 350 7.32 5.05 19.89
C ALA A 350 6.01 4.50 20.49
N ALA A 351 6.06 3.30 21.06
CA ALA A 351 4.88 2.66 21.63
C ALA A 351 4.50 3.19 23.01
N GLU A 352 3.36 2.71 23.51
CA GLU A 352 2.86 3.09 24.81
C GLU A 352 2.50 4.56 25.00
N ARG A 353 1.97 5.19 23.96
CA ARG A 353 1.56 6.60 24.08
C ARG A 353 0.06 6.75 23.83
N GLN A 354 -0.45 6.06 22.82
CA GLN A 354 -1.86 6.16 22.48
C GLN A 354 -2.74 5.75 23.66
N VAL A 355 -3.83 6.50 23.84
CA VAL A 355 -4.76 6.29 24.94
C VAL A 355 -6.01 5.48 24.63
N GLY A 356 -5.93 4.58 23.64
CA GLY A 356 -7.06 3.76 23.24
C GLY A 356 -7.58 2.76 24.28
N PHE A 357 -6.73 2.36 25.23
CA PHE A 357 -7.12 1.43 26.28
C PHE A 357 -7.29 2.23 27.57
N GLY A 358 -7.36 3.55 27.42
CA GLY A 358 -7.51 4.40 28.58
C GLY A 358 -6.18 4.71 29.22
N LEU A 359 -6.24 5.12 30.48
CA LEU A 359 -5.05 5.47 31.24
C LEU A 359 -5.44 5.63 32.69
N GLY A 360 -4.69 5.02 33.60
CA GLY A 360 -5.02 5.17 35.00
C GLY A 360 -5.60 3.95 35.70
N ILE A 361 -6.37 4.20 36.76
CA ILE A 361 -6.98 3.12 37.53
C ILE A 361 -7.97 2.32 36.70
N HIS A 362 -8.59 2.95 35.72
CA HIS A 362 -9.57 2.26 34.89
C HIS A 362 -9.04 1.73 33.55
N TYR A 363 -7.71 1.60 33.46
CA TYR A 363 -7.05 1.14 32.25
C TYR A 363 -7.65 -0.20 31.83
N CYS A 364 -8.03 -0.33 30.57
CA CYS A 364 -8.62 -1.56 30.07
C CYS A 364 -8.13 -2.87 30.70
N LEU A 365 -9.06 -3.63 31.27
CA LEU A 365 -8.73 -4.89 31.91
C LEU A 365 -8.35 -5.97 30.94
N GLY A 366 -8.97 -5.99 29.77
CA GLY A 366 -8.64 -7.01 28.79
C GLY A 366 -7.64 -6.55 27.74
N ALA A 367 -7.00 -5.41 27.98
CA ALA A 367 -6.01 -4.85 27.07
C ALA A 367 -5.04 -5.90 26.52
N THR A 368 -4.60 -6.83 27.38
CA THR A 368 -3.65 -7.87 26.97
C THR A 368 -4.30 -8.86 26.03
N LEU A 369 -5.50 -9.30 26.40
CA LEU A 369 -6.25 -10.25 25.61
C LEU A 369 -6.63 -9.64 24.26
N ALA A 370 -7.06 -8.38 24.29
CA ALA A 370 -7.48 -7.69 23.07
C ALA A 370 -6.30 -7.54 22.12
N ARG A 371 -5.14 -7.18 22.66
CA ARG A 371 -3.97 -7.00 21.83
C ARG A 371 -3.58 -8.31 21.12
N ALA A 372 -3.69 -9.44 21.84
CA ALA A 372 -3.37 -10.75 21.27
C ALA A 372 -4.36 -11.14 20.18
N GLU A 373 -5.65 -10.88 20.40
CA GLU A 373 -6.67 -11.19 19.39
C GLU A 373 -6.46 -10.27 18.17
N ALA A 374 -6.00 -9.04 18.41
CA ALA A 374 -5.76 -8.08 17.34
C ALA A 374 -4.63 -8.56 16.44
N GLU A 375 -3.49 -8.87 17.05
CA GLU A 375 -2.33 -9.34 16.29
C GLU A 375 -2.62 -10.65 15.59
N ILE A 376 -3.16 -11.62 16.32
CA ILE A 376 -3.45 -12.93 15.74
C ILE A 376 -4.53 -12.91 14.67
N GLY A 377 -5.56 -12.10 14.88
CA GLY A 377 -6.64 -12.04 13.91
C GLY A 377 -6.23 -11.31 12.66
N LEU A 378 -5.44 -10.26 12.86
CA LEU A 378 -4.97 -9.46 11.74
C LEU A 378 -4.02 -10.30 10.87
N ARG A 379 -3.10 -11.02 11.53
CA ARG A 379 -2.16 -11.86 10.81
C ARG A 379 -2.94 -12.92 10.05
N ALA A 380 -3.98 -13.46 10.68
CA ALA A 380 -4.81 -14.48 10.05
C ALA A 380 -5.41 -13.90 8.76
N LEU A 381 -5.96 -12.70 8.86
CA LEU A 381 -6.53 -12.04 7.69
C LEU A 381 -5.50 -11.80 6.57
N LEU A 382 -4.33 -11.28 6.95
CA LEU A 382 -3.27 -10.99 5.99
C LEU A 382 -2.81 -12.24 5.26
N ASP A 383 -2.55 -13.30 6.03
CA ASP A 383 -2.10 -14.54 5.42
C ASP A 383 -3.26 -15.32 4.79
N GLY A 384 -4.47 -15.12 5.29
CA GLY A 384 -5.61 -15.82 4.76
C GLY A 384 -6.32 -15.24 3.55
N ILE A 385 -6.31 -13.93 3.40
CA ILE A 385 -6.98 -13.31 2.26
C ILE A 385 -6.02 -12.47 1.42
N PRO A 386 -5.32 -13.13 0.46
CA PRO A 386 -4.36 -12.45 -0.41
C PRO A 386 -4.89 -11.18 -1.05
N ALA A 387 -6.16 -11.18 -1.46
CA ALA A 387 -6.71 -9.98 -2.09
C ALA A 387 -7.37 -9.01 -1.13
N LEU A 388 -6.99 -9.08 0.15
CA LEU A 388 -7.55 -8.20 1.16
C LEU A 388 -7.44 -6.74 0.75
N GLY A 389 -6.28 -6.37 0.21
CA GLY A 389 -6.04 -5.00 -0.21
C GLY A 389 -6.46 -4.66 -1.64
N ARG A 390 -7.05 -5.61 -2.34
CA ARG A 390 -7.47 -5.36 -3.70
C ARG A 390 -8.98 -5.27 -3.84
N GLY A 391 -9.46 -4.84 -5.01
CA GLY A 391 -10.89 -4.73 -5.23
C GLY A 391 -11.55 -3.66 -4.39
N ALA A 392 -12.87 -3.56 -4.48
CA ALA A 392 -13.63 -2.57 -3.73
C ALA A 392 -14.32 -3.23 -2.53
N HIS A 393 -14.81 -2.41 -1.61
CA HIS A 393 -15.47 -2.94 -0.43
C HIS A 393 -16.78 -2.20 -0.20
N GLU A 394 -17.64 -2.82 0.60
CA GLU A 394 -18.93 -2.26 0.95
C GLU A 394 -18.92 -2.11 2.46
N VAL A 395 -18.94 -0.88 2.96
CA VAL A 395 -18.91 -0.69 4.41
C VAL A 395 -20.04 0.19 4.93
N GLU A 396 -20.56 -0.19 6.10
CA GLU A 396 -21.61 0.58 6.76
C GLU A 396 -21.29 0.67 8.25
N TYR A 397 -21.23 1.89 8.76
CA TYR A 397 -20.92 2.12 10.18
C TYR A 397 -22.16 2.17 11.06
N ALA A 398 -21.96 1.85 12.33
CA ALA A 398 -23.05 1.87 13.29
C ALA A 398 -23.22 3.33 13.70
N ASP A 399 -24.45 3.74 14.00
CA ASP A 399 -24.69 5.12 14.43
C ASP A 399 -24.30 5.14 15.90
N ASP A 400 -22.99 5.19 16.14
CA ASP A 400 -22.43 5.16 17.47
C ASP A 400 -21.08 5.87 17.39
N MET A 401 -20.89 6.91 18.18
CA MET A 401 -19.61 7.62 18.18
C MET A 401 -18.74 7.32 19.38
N VAL A 402 -19.09 6.27 20.13
CA VAL A 402 -18.31 5.85 21.29
C VAL A 402 -17.70 4.50 20.95
N PHE A 403 -18.55 3.50 20.71
CA PHE A 403 -18.08 2.18 20.29
C PHE A 403 -18.22 2.29 18.77
N HIS A 404 -17.14 2.82 18.17
CA HIS A 404 -17.05 3.15 16.76
C HIS A 404 -16.55 2.11 15.77
N GLY A 405 -17.38 1.77 14.78
CA GLY A 405 -16.96 0.79 13.78
C GLY A 405 -18.02 0.33 12.79
N PRO A 406 -17.63 -0.43 11.75
CA PRO A 406 -18.56 -0.93 10.73
C PRO A 406 -19.50 -2.01 11.28
N THR A 407 -20.77 -1.95 10.89
CA THR A 407 -21.73 -2.98 11.31
C THR A 407 -21.60 -4.12 10.31
N ARG A 408 -20.97 -3.81 9.18
CA ARG A 408 -20.75 -4.80 8.15
C ARG A 408 -19.67 -4.29 7.18
N LEU A 409 -18.82 -5.20 6.73
CA LEU A 409 -17.74 -4.88 5.80
C LEU A 409 -17.63 -5.96 4.73
N LEU A 410 -18.26 -5.71 3.59
CA LEU A 410 -18.26 -6.65 2.48
C LEU A 410 -17.04 -6.47 1.62
N LEU A 411 -16.48 -7.59 1.17
CA LEU A 411 -15.28 -7.56 0.37
C LEU A 411 -15.40 -8.34 -0.94
N ASP A 412 -15.00 -7.71 -2.04
CA ASP A 412 -15.02 -8.33 -3.35
C ASP A 412 -13.82 -9.25 -3.52
N LEU A 413 -14.05 -10.56 -3.44
CA LEU A 413 -13.01 -11.54 -3.62
C LEU A 413 -13.22 -12.28 -4.94
N PRO A 414 -12.20 -12.88 -5.55
CA PRO A 414 -10.76 -13.05 -5.32
C PRO A 414 -10.08 -12.15 -4.33
N THR B 5 3.99 47.06 48.66
CA THR B 5 3.33 46.26 49.72
C THR B 5 3.13 44.80 49.35
N LEU B 6 2.85 44.00 50.37
CA LEU B 6 2.60 42.58 50.24
C LEU B 6 1.37 42.33 51.09
N PRO B 7 0.52 41.37 50.70
CA PRO B 7 -0.67 41.09 51.50
C PRO B 7 -0.34 40.52 52.88
N ARG B 8 -1.31 40.54 53.78
CA ARG B 8 -1.12 40.02 55.12
C ARG B 8 -0.70 38.56 54.97
N PHE B 9 0.31 38.12 55.72
CA PHE B 9 0.77 36.75 55.60
C PHE B 9 0.03 35.77 56.52
N ASP B 10 -0.15 34.56 56.03
CA ASP B 10 -0.77 33.50 56.80
C ASP B 10 -0.67 32.22 55.98
N LEU B 11 -0.49 31.09 56.67
CA LEU B 11 -0.29 29.82 55.99
C LEU B 11 -1.54 29.15 55.46
N MET B 12 -2.70 29.71 55.78
CA MET B 12 -3.97 29.16 55.31
C MET B 12 -4.45 29.94 54.07
N GLY B 13 -5.15 29.24 53.18
CA GLY B 13 -5.68 29.88 51.99
C GLY B 13 -4.64 30.31 50.97
N TRP B 14 -3.68 29.43 50.69
CA TRP B 14 -2.62 29.70 49.72
C TRP B 14 -3.04 29.28 48.33
N ASP B 15 -2.61 30.04 47.33
CA ASP B 15 -2.93 29.69 45.94
C ASP B 15 -2.19 28.40 45.62
N LYS B 16 -2.87 27.48 44.96
CA LYS B 16 -2.27 26.20 44.62
C LYS B 16 -0.95 26.31 43.85
N LYS B 17 -0.76 27.39 43.11
CA LYS B 17 0.50 27.57 42.38
C LYS B 17 1.63 27.93 43.33
N ASP B 18 1.30 28.67 44.40
CA ASP B 18 2.29 29.07 45.39
C ASP B 18 2.60 27.90 46.32
N ILE B 19 1.63 27.00 46.49
CA ILE B 19 1.85 25.84 47.33
C ILE B 19 2.90 24.97 46.65
N ALA B 20 2.82 24.92 45.32
CA ALA B 20 3.75 24.15 44.50
C ALA B 20 5.16 24.72 44.66
N ASP B 21 5.29 26.03 44.71
CA ASP B 21 6.59 26.66 44.89
C ASP B 21 6.47 27.86 45.81
N PRO B 22 6.58 27.61 47.13
CA PRO B 22 6.48 28.60 48.20
C PRO B 22 7.72 29.44 48.47
N TYR B 23 8.87 28.93 48.06
CA TYR B 23 10.11 29.63 48.35
C TYR B 23 10.22 31.06 47.83
N PRO B 24 9.69 31.33 46.62
CA PRO B 24 9.80 32.72 46.16
C PRO B 24 8.89 33.60 47.02
N VAL B 25 7.87 33.00 47.62
CA VAL B 25 6.97 33.76 48.48
C VAL B 25 7.70 34.08 49.77
N TYR B 26 8.38 33.09 50.33
CA TYR B 26 9.14 33.33 51.55
C TYR B 26 10.19 34.40 51.30
N ARG B 27 10.87 34.29 50.17
CA ARG B 27 11.91 35.25 49.82
C ARG B 27 11.42 36.70 49.85
N ARG B 28 10.28 36.96 49.22
CA ARG B 28 9.73 38.31 49.16
C ARG B 28 9.47 38.88 50.53
N TYR B 29 8.86 38.06 51.39
CA TYR B 29 8.56 38.53 52.73
C TYR B 29 9.83 38.66 53.53
N ARG B 30 10.73 37.70 53.39
CA ARG B 30 11.99 37.73 54.13
C ARG B 30 12.83 38.95 53.77
N GLU B 31 12.83 39.34 52.49
CA GLU B 31 13.59 40.50 52.07
C GLU B 31 12.93 41.79 52.57
N ALA B 32 11.60 41.76 52.71
CA ALA B 32 10.86 42.92 53.20
C ALA B 32 11.12 43.16 54.70
N ALA B 33 11.05 42.09 55.49
CA ALA B 33 11.28 42.19 56.93
C ALA B 33 11.43 40.78 57.50
N PRO B 34 12.32 40.61 58.49
CA PRO B 34 12.57 39.31 59.13
C PRO B 34 11.36 38.69 59.83
N VAL B 35 10.52 39.55 60.41
CA VAL B 35 9.32 39.11 61.08
C VAL B 35 8.13 39.88 60.54
N HIS B 36 7.00 39.21 60.39
CA HIS B 36 5.80 39.84 59.87
C HIS B 36 4.64 39.61 60.83
N ARG B 37 3.93 40.69 61.16
CA ARG B 37 2.81 40.61 62.06
C ARG B 37 1.51 40.53 61.28
N THR B 38 0.64 39.60 61.66
CA THR B 38 -0.66 39.46 61.01
C THR B 38 -1.68 39.58 62.14
N ALA B 39 -2.29 40.76 62.19
CA ALA B 39 -3.27 41.12 63.21
C ALA B 39 -4.58 40.32 63.25
N SER B 40 -5.07 40.19 64.48
CA SER B 40 -6.30 39.49 64.80
C SER B 40 -7.49 40.44 64.59
N GLY B 41 -7.72 41.34 65.55
CA GLY B 41 -8.82 42.27 65.43
C GLY B 41 -9.47 42.65 66.74
N PRO B 42 -10.74 42.25 66.95
CA PRO B 42 -11.45 42.58 68.20
C PRO B 42 -10.83 41.94 69.47
N GLY B 43 -9.77 42.56 69.98
CA GLY B 43 -9.15 42.09 71.21
C GLY B 43 -8.03 41.09 71.00
N LYS B 44 -7.74 40.74 69.73
CA LYS B 44 -6.69 39.77 69.35
C LYS B 44 -6.81 38.43 70.08
N PRO B 45 -5.67 37.69 70.30
CA PRO B 45 -4.21 37.76 70.04
C PRO B 45 -3.73 37.76 68.58
N ASP B 46 -2.58 38.38 68.35
CA ASP B 46 -1.95 38.50 67.02
C ASP B 46 -0.92 37.40 66.76
N THR B 47 -0.57 37.23 65.48
CA THR B 47 0.42 36.25 65.08
C THR B 47 1.62 36.91 64.41
N TYR B 48 2.81 36.36 64.68
CA TYR B 48 4.05 36.86 64.09
C TYR B 48 4.74 35.72 63.36
N TYR B 49 5.02 35.95 62.07
CA TYR B 49 5.68 34.95 61.24
C TYR B 49 7.18 35.28 61.15
N VAL B 50 8.01 34.29 61.44
CA VAL B 50 9.46 34.47 61.43
C VAL B 50 10.10 33.79 60.23
N PHE B 51 10.67 34.61 59.35
CA PHE B 51 11.28 34.16 58.09
C PHE B 51 12.80 33.93 58.04
N THR B 52 13.50 34.47 59.02
CA THR B 52 14.94 34.41 59.08
C THR B 52 15.52 33.21 59.83
N TYR B 53 16.62 32.65 59.33
CA TYR B 53 17.26 31.51 59.98
C TYR B 53 17.60 31.84 61.44
N ASP B 54 18.28 32.95 61.68
CA ASP B 54 18.64 33.30 63.05
C ASP B 54 17.45 33.54 63.97
N ASP B 55 16.41 34.22 63.48
CA ASP B 55 15.23 34.46 64.33
C ASP B 55 14.48 33.16 64.58
N VAL B 56 14.51 32.25 63.61
CA VAL B 56 13.84 30.96 63.77
C VAL B 56 14.54 30.17 64.87
N VAL B 57 15.86 30.29 64.91
CA VAL B 57 16.66 29.60 65.91
C VAL B 57 16.34 30.19 67.28
N ARG B 58 16.16 31.51 67.32
CA ARG B 58 15.84 32.21 68.57
C ARG B 58 14.46 31.77 69.06
N VAL B 59 13.51 31.66 68.13
CA VAL B 59 12.16 31.24 68.46
C VAL B 59 12.16 29.80 69.02
N LEU B 60 12.81 28.89 68.31
CA LEU B 60 12.87 27.50 68.72
C LEU B 60 13.63 27.20 70.01
N SER B 61 14.49 28.12 70.43
CA SER B 61 15.26 27.87 71.63
C SER B 61 14.83 28.66 72.87
N ASN B 62 13.96 29.65 72.68
CA ASN B 62 13.45 30.49 73.78
C ASN B 62 12.48 29.68 74.66
N ARG B 63 12.80 29.51 75.94
CA ARG B 63 11.95 28.74 76.83
C ARG B 63 10.65 29.50 77.20
N ARG B 64 10.62 30.79 76.94
CA ARG B 64 9.45 31.63 77.21
C ARG B 64 8.38 31.48 76.13
N LEU B 65 8.70 30.71 75.10
CA LEU B 65 7.77 30.44 73.99
C LEU B 65 7.38 28.97 74.05
N GLY B 66 6.12 28.70 74.42
CA GLY B 66 5.69 27.32 74.54
C GLY B 66 4.76 26.88 73.42
N ARG B 67 4.36 25.61 73.42
CA ARG B 67 3.46 25.17 72.35
C ARG B 67 1.97 25.42 72.55
N ASN B 68 1.41 25.24 73.74
CA ASN B 68 -0.02 25.52 73.84
C ASN B 68 -0.50 26.87 74.37
N ALA B 69 -1.41 27.44 73.59
CA ALA B 69 -2.02 28.73 73.89
C ALA B 69 -2.37 28.73 75.37
N ARG B 70 -1.60 29.47 76.15
CA ARG B 70 -1.83 29.55 77.58
C ARG B 70 -2.44 30.87 77.95
N VAL B 71 -3.65 30.82 78.48
CA VAL B 71 -4.34 32.00 78.99
C VAL B 71 -5.57 31.62 79.85
N ARG B 88 -15.61 12.04 71.37
CA ARG B 88 -14.60 12.14 70.32
C ARG B 88 -13.42 11.20 70.62
N ALA B 89 -13.33 10.11 69.86
CA ALA B 89 -12.21 9.15 70.02
C ALA B 89 -11.00 9.86 69.46
N LEU B 90 -11.27 10.93 68.72
CA LEU B 90 -10.25 11.76 68.10
C LEU B 90 -9.57 12.57 69.19
N ARG B 91 -10.39 13.21 70.02
CA ARG B 91 -9.90 14.02 71.12
C ARG B 91 -9.08 13.20 72.10
N THR B 92 -9.45 11.94 72.29
CA THR B 92 -8.73 11.06 73.20
C THR B 92 -7.42 10.54 72.59
N VAL B 93 -7.44 10.30 71.29
CA VAL B 93 -6.29 9.80 70.56
C VAL B 93 -5.20 10.86 70.51
N VAL B 94 -5.61 12.06 70.16
CA VAL B 94 -4.71 13.20 70.00
C VAL B 94 -4.25 13.88 71.30
N GLU B 95 -4.96 13.66 72.41
CA GLU B 95 -4.60 14.35 73.64
C GLU B 95 -3.28 13.98 74.33
N ASN B 96 -2.76 12.78 74.10
CA ASN B 96 -1.49 12.40 74.71
C ASN B 96 -0.33 12.39 73.70
N TRP B 97 -0.54 12.97 72.53
CA TRP B 97 0.49 13.02 71.49
C TRP B 97 1.63 13.93 71.96
N LEU B 98 2.83 13.36 72.06
CA LEU B 98 4.02 14.08 72.51
C LEU B 98 4.27 15.39 71.79
N VAL B 99 3.91 15.46 70.51
CA VAL B 99 4.15 16.67 69.73
C VAL B 99 3.22 17.82 70.11
N PHE B 100 2.26 17.57 71.01
CA PHE B 100 1.33 18.60 71.45
C PHE B 100 1.51 19.01 72.92
N LEU B 101 2.50 18.43 73.60
CA LEU B 101 2.73 18.73 75.02
C LEU B 101 3.86 19.71 75.32
N ASP B 102 3.68 20.50 76.38
CA ASP B 102 4.68 21.47 76.82
C ASP B 102 5.52 20.83 77.92
N PRO B 103 6.80 21.27 78.05
CA PRO B 103 7.81 20.81 79.02
C PRO B 103 7.39 19.95 80.21
N PRO B 104 6.41 20.39 81.01
CA PRO B 104 5.99 19.56 82.16
C PRO B 104 5.57 18.13 81.75
N HIS B 105 4.35 18.02 81.21
CA HIS B 105 3.81 16.73 80.77
C HIS B 105 4.80 16.18 79.75
N HIS B 106 5.29 17.09 78.91
CA HIS B 106 6.22 16.77 77.84
C HIS B 106 7.54 16.08 78.24
N THR B 107 8.16 16.53 79.33
CA THR B 107 9.44 15.94 79.76
C THR B 107 9.33 14.46 80.09
N GLU B 108 8.30 14.11 80.84
CA GLU B 108 8.07 12.73 81.26
C GLU B 108 7.85 11.80 80.07
N LEU B 109 7.05 12.27 79.11
CA LEU B 109 6.74 11.48 77.92
C LEU B 109 7.90 11.32 76.94
N ARG B 110 8.62 12.40 76.65
CA ARG B 110 9.75 12.32 75.71
C ARG B 110 10.80 11.33 76.19
N SER B 111 11.20 11.45 77.45
CA SER B 111 12.19 10.56 78.05
C SER B 111 11.76 9.10 77.88
N LEU B 112 10.45 8.87 77.92
CA LEU B 112 9.91 7.52 77.79
C LEU B 112 10.32 6.80 76.50
N LEU B 113 9.93 7.33 75.34
CA LEU B 113 10.22 6.72 74.04
C LEU B 113 11.56 7.03 73.37
N THR B 114 12.30 7.99 73.91
CA THR B 114 13.55 8.40 73.29
C THR B 114 14.58 7.31 72.98
N THR B 115 14.79 6.36 73.89
CA THR B 115 15.76 5.29 73.67
C THR B 115 15.30 4.25 72.64
N GLU B 116 14.00 4.22 72.40
CA GLU B 116 13.43 3.26 71.46
C GLU B 116 13.63 3.68 70.01
N PHE B 117 14.22 4.85 69.81
CA PHE B 117 14.48 5.40 68.48
C PHE B 117 15.95 5.80 68.40
N SER B 118 16.76 5.17 69.25
CA SER B 118 18.19 5.45 69.29
C SER B 118 18.87 4.96 68.02
N PRO B 119 20.07 5.50 67.74
CA PRO B 119 20.84 5.11 66.55
C PRO B 119 21.03 3.60 66.55
N SER B 120 21.10 3.03 67.74
CA SER B 120 21.26 1.59 67.92
C SER B 120 20.11 0.81 67.31
N ILE B 121 18.89 1.11 67.76
CA ILE B 121 17.71 0.41 67.23
C ILE B 121 17.53 0.69 65.74
N VAL B 122 17.72 1.93 65.32
CA VAL B 122 17.57 2.29 63.92
C VAL B 122 18.58 1.57 63.03
N THR B 123 19.83 1.52 63.45
CA THR B 123 20.86 0.86 62.67
C THR B 123 20.50 -0.60 62.39
N GLY B 124 20.01 -1.30 63.41
CA GLY B 124 19.66 -2.69 63.21
C GLY B 124 18.38 -2.87 62.42
N LEU B 125 17.61 -1.80 62.30
CA LEU B 125 16.35 -1.86 61.57
C LEU B 125 16.53 -1.58 60.08
N ARG B 126 17.64 -0.93 59.74
CA ARG B 126 17.93 -0.57 58.36
C ARG B 126 17.79 -1.71 57.36
N PRO B 127 18.29 -2.91 57.69
CA PRO B 127 18.17 -4.04 56.75
C PRO B 127 16.71 -4.34 56.42
N ARG B 128 15.84 -4.25 57.41
CA ARG B 128 14.42 -4.51 57.20
C ARG B 128 13.80 -3.40 56.36
N ILE B 129 14.23 -2.17 56.61
CA ILE B 129 13.73 -1.00 55.88
C ILE B 129 14.04 -1.17 54.40
N ALA B 130 15.25 -1.63 54.11
CA ALA B 130 15.69 -1.83 52.73
C ALA B 130 14.90 -2.94 52.05
N GLU B 131 14.61 -3.98 52.81
CA GLU B 131 13.86 -5.11 52.32
C GLU B 131 12.45 -4.66 51.95
N LEU B 132 11.87 -3.79 52.78
CA LEU B 132 10.54 -3.27 52.54
C LEU B 132 10.53 -2.34 51.32
N ALA B 133 11.55 -1.48 51.22
CA ALA B 133 11.66 -0.55 50.11
C ALA B 133 11.74 -1.34 48.81
N SER B 134 12.53 -2.39 48.84
CA SER B 134 12.71 -3.24 47.68
C SER B 134 11.40 -3.87 47.23
N ALA B 135 10.69 -4.48 48.18
CA ALA B 135 9.41 -5.13 47.89
C ALA B 135 8.44 -4.15 47.27
N LEU B 136 8.38 -2.95 47.85
CA LEU B 136 7.47 -1.91 47.35
C LEU B 136 7.77 -1.64 45.88
N LEU B 137 9.05 -1.50 45.56
CA LEU B 137 9.46 -1.22 44.18
C LEU B 137 9.07 -2.34 43.23
N ASP B 138 9.22 -3.58 43.68
CA ASP B 138 8.84 -4.73 42.87
C ASP B 138 7.42 -4.59 42.35
N ARG B 139 6.47 -4.23 43.20
CA ARG B 139 5.13 -4.10 42.63
C ARG B 139 4.94 -2.79 41.88
N LEU B 140 5.67 -1.75 42.26
CA LEU B 140 5.60 -0.45 41.58
C LEU B 140 6.04 -0.66 40.12
N ARG B 141 7.01 -1.55 39.92
CA ARG B 141 7.53 -1.82 38.59
C ARG B 141 6.52 -2.50 37.67
N ALA B 142 5.43 -2.99 38.25
CA ALA B 142 4.42 -3.67 37.45
C ALA B 142 3.26 -2.80 36.95
N GLN B 143 3.48 -1.49 36.84
CA GLN B 143 2.41 -0.65 36.30
C GLN B 143 2.90 0.46 35.39
N ARG B 144 2.13 0.70 34.33
CA ARG B 144 2.46 1.68 33.31
C ARG B 144 2.83 3.08 33.79
N ARG B 145 1.98 3.65 34.63
CA ARG B 145 2.17 4.99 35.15
C ARG B 145 1.94 4.94 36.66
N PRO B 146 2.95 4.50 37.43
CA PRO B 146 2.83 4.41 38.89
C PRO B 146 2.78 5.73 39.66
N ASP B 147 2.15 5.69 40.83
CA ASP B 147 2.06 6.87 41.70
C ASP B 147 3.11 6.59 42.75
N LEU B 148 4.16 7.40 42.80
CA LEU B 148 5.21 7.18 43.77
C LEU B 148 4.77 7.44 45.20
N VAL B 149 3.72 8.26 45.37
CA VAL B 149 3.23 8.55 46.70
C VAL B 149 2.49 7.34 47.26
N GLU B 150 1.39 6.97 46.63
CA GLU B 150 0.63 5.83 47.12
C GLU B 150 1.35 4.51 46.96
N GLY B 151 2.23 4.44 45.97
CA GLY B 151 2.95 3.19 45.74
C GLY B 151 4.29 3.02 46.44
N PHE B 152 4.80 4.06 47.07
CA PHE B 152 6.11 3.92 47.71
C PHE B 152 6.40 4.86 48.89
N ALA B 153 6.29 6.17 48.65
CA ALA B 153 6.56 7.16 49.67
C ALA B 153 5.63 7.09 50.87
N ALA B 154 4.34 6.84 50.60
CA ALA B 154 3.35 6.76 51.67
C ALA B 154 3.40 5.45 52.43
N PRO B 155 3.43 4.30 51.71
CA PRO B 155 3.47 3.00 52.37
C PRO B 155 4.77 2.64 53.09
N LEU B 156 5.91 3.20 52.68
CA LEU B 156 7.18 2.88 53.32
C LEU B 156 7.28 3.24 54.80
N PRO B 157 6.93 4.49 55.18
CA PRO B 157 7.00 4.86 56.59
C PRO B 157 6.04 4.03 57.44
N ILE B 158 4.85 3.79 56.89
CA ILE B 158 3.81 3.00 57.56
C ILE B 158 4.35 1.61 57.84
N LEU B 159 4.92 1.00 56.81
CA LEU B 159 5.48 -0.34 56.92
C LEU B 159 6.64 -0.46 57.88
N VAL B 160 7.48 0.56 57.94
CA VAL B 160 8.64 0.54 58.82
C VAL B 160 8.19 0.67 60.28
N ILE B 161 7.34 1.64 60.56
CA ILE B 161 6.87 1.86 61.93
C ILE B 161 6.00 0.68 62.38
N SER B 162 5.33 0.03 61.43
CA SER B 162 4.47 -1.12 61.71
C SER B 162 5.31 -2.30 62.19
N ALA B 163 6.52 -2.41 61.65
CA ALA B 163 7.43 -3.49 62.04
C ALA B 163 8.04 -3.15 63.38
N LEU B 164 8.00 -1.86 63.72
CA LEU B 164 8.56 -1.38 64.98
C LEU B 164 7.53 -1.57 66.10
N LEU B 165 6.27 -1.64 65.70
CA LEU B 165 5.17 -1.81 66.63
C LEU B 165 4.70 -3.26 66.67
N GLY B 166 5.21 -4.08 65.76
CA GLY B 166 4.80 -5.47 65.73
C GLY B 166 3.45 -5.68 65.05
N ILE B 167 3.02 -4.66 64.31
CA ILE B 167 1.76 -4.67 63.57
C ILE B 167 1.86 -5.61 62.36
N PRO B 168 0.73 -6.17 61.89
CA PRO B 168 0.73 -7.06 60.72
C PRO B 168 1.07 -6.27 59.44
N GLU B 169 2.00 -6.80 58.66
CA GLU B 169 2.41 -6.16 57.42
C GLU B 169 1.21 -5.87 56.51
N GLU B 170 0.33 -6.86 56.37
CA GLU B 170 -0.84 -6.76 55.52
C GLU B 170 -1.80 -5.59 55.82
N ASP B 171 -1.70 -5.02 57.02
CA ASP B 171 -2.57 -3.92 57.40
C ASP B 171 -2.08 -2.57 56.94
N HIS B 172 -0.92 -2.53 56.30
CA HIS B 172 -0.37 -1.26 55.85
C HIS B 172 -1.27 -0.44 54.93
N THR B 173 -2.08 -1.10 54.11
CA THR B 173 -2.93 -0.32 53.23
C THR B 173 -4.18 0.25 53.98
N TRP B 174 -4.72 -0.53 54.92
CA TRP B 174 -5.87 -0.08 55.70
C TRP B 174 -5.44 1.03 56.65
N LEU B 175 -4.30 0.78 57.30
CA LEU B 175 -3.69 1.72 58.25
C LEU B 175 -3.48 3.07 57.58
N ARG B 176 -2.91 3.06 56.38
CA ARG B 176 -2.63 4.28 55.63
C ARG B 176 -3.92 5.00 55.25
N ALA B 177 -4.91 4.25 54.82
CA ALA B 177 -6.19 4.86 54.46
C ALA B 177 -6.71 5.69 55.64
N ASN B 178 -6.62 5.12 56.84
CA ASN B 178 -7.06 5.79 58.05
C ASN B 178 -6.18 6.96 58.46
N ALA B 179 -4.88 6.86 58.18
CA ALA B 179 -3.94 7.92 58.50
C ALA B 179 -4.34 9.12 57.65
N VAL B 180 -4.69 8.83 56.39
CA VAL B 180 -5.11 9.88 55.44
C VAL B 180 -6.41 10.52 55.93
N ALA B 181 -7.33 9.69 56.41
CA ALA B 181 -8.60 10.18 56.92
C ALA B 181 -8.33 11.10 58.11
N LEU B 182 -7.48 10.64 59.01
CA LEU B 182 -7.13 11.43 60.20
C LEU B 182 -6.67 12.84 59.82
N GLN B 183 -5.93 12.94 58.72
CA GLN B 183 -5.42 14.23 58.26
C GLN B 183 -6.51 15.25 57.98
N GLU B 184 -7.70 14.75 57.66
CA GLU B 184 -8.85 15.61 57.36
C GLU B 184 -9.11 16.65 58.44
N ALA B 185 -8.98 16.24 59.69
CA ALA B 185 -9.24 17.14 60.81
C ALA B 185 -8.06 18.02 61.21
N SER B 186 -6.98 17.98 60.45
CA SER B 186 -5.79 18.77 60.76
C SER B 186 -6.07 20.28 60.77
N THR B 187 -5.45 20.96 61.73
CA THR B 187 -5.60 22.41 61.90
C THR B 187 -4.88 23.15 60.78
N THR B 188 -4.06 22.39 60.05
CA THR B 188 -3.26 22.91 58.96
C THR B 188 -3.98 22.95 57.60
N ARG B 189 -5.22 22.48 57.53
CA ARG B 189 -5.92 22.52 56.24
C ARG B 189 -7.42 22.67 56.43
N ALA B 190 -8.19 22.48 55.36
CA ALA B 190 -9.65 22.61 55.42
C ALA B 190 -10.22 21.78 56.56
N ARG B 194 -17.87 17.73 57.84
CA ARG B 194 -17.18 17.34 56.62
C ARG B 194 -15.90 16.55 56.93
N GLY B 195 -14.90 17.25 57.49
CA GLY B 195 -13.64 16.61 57.81
C GLY B 195 -13.53 15.86 59.12
N TYR B 196 -14.12 16.41 60.19
CA TYR B 196 -14.07 15.78 61.51
C TYR B 196 -14.70 14.39 61.53
N ALA B 197 -15.73 14.22 60.72
CA ALA B 197 -16.45 12.96 60.61
C ALA B 197 -15.48 11.85 60.22
N ARG B 198 -14.82 12.05 59.08
CA ARG B 198 -13.84 11.10 58.59
C ARG B 198 -12.73 10.84 59.61
N ALA B 199 -12.21 11.91 60.19
CA ALA B 199 -11.12 11.83 61.17
C ALA B 199 -11.57 11.08 62.41
N GLU B 200 -12.79 11.37 62.86
CA GLU B 200 -13.36 10.72 64.03
C GLU B 200 -13.56 9.24 63.71
N ALA B 201 -14.03 8.97 62.51
CA ALA B 201 -14.25 7.60 62.06
C ALA B 201 -12.91 6.89 62.13
N ALA B 202 -11.90 7.52 61.55
CA ALA B 202 -10.55 6.96 61.54
C ALA B 202 -10.03 6.77 62.96
N SER B 203 -10.18 7.81 63.78
CA SER B 203 -9.71 7.78 65.16
C SER B 203 -10.32 6.60 65.91
N GLN B 204 -11.62 6.39 65.70
CA GLN B 204 -12.32 5.28 66.34
C GLN B 204 -11.82 3.96 65.77
N GLU B 205 -11.53 3.95 64.48
CA GLU B 205 -11.01 2.77 63.81
C GLU B 205 -9.63 2.40 64.37
N PHE B 206 -8.78 3.41 64.56
CA PHE B 206 -7.42 3.19 65.11
C PHE B 206 -7.50 2.72 66.57
N THR B 207 -8.32 3.43 67.36
CA THR B 207 -8.47 3.11 68.78
C THR B 207 -8.90 1.65 68.95
N ARG B 208 -9.96 1.26 68.26
CA ARG B 208 -10.45 -0.11 68.32
C ARG B 208 -9.34 -1.06 67.88
N TYR B 209 -8.64 -0.65 66.84
CA TYR B 209 -7.55 -1.42 66.27
C TYR B 209 -6.45 -1.70 67.27
N PHE B 210 -5.87 -0.62 67.79
CA PHE B 210 -4.77 -0.74 68.74
C PHE B 210 -5.14 -1.26 70.12
N ARG B 211 -6.38 -1.02 70.55
CA ARG B 211 -6.84 -1.49 71.85
C ARG B 211 -6.81 -3.01 71.82
N ARG B 212 -7.15 -3.56 70.67
CA ARG B 212 -7.16 -5.00 70.50
C ARG B 212 -5.74 -5.54 70.43
N GLU B 213 -4.82 -4.71 69.95
CA GLU B 213 -3.43 -5.12 69.85
C GLU B 213 -2.77 -5.21 71.21
N VAL B 214 -2.96 -4.20 72.05
CA VAL B 214 -2.36 -4.24 73.40
C VAL B 214 -2.80 -5.56 74.03
N ASP B 215 -4.01 -5.99 73.69
CA ASP B 215 -4.56 -7.26 74.19
C ASP B 215 -4.05 -8.38 73.29
N ASP B 224 5.94 -4.91 69.00
CA ASP B 224 7.05 -5.11 69.94
C ASP B 224 7.33 -3.84 70.74
N LEU B 225 7.41 -2.69 70.08
CA LEU B 225 7.61 -1.43 70.79
C LEU B 225 6.35 -1.36 71.63
N LEU B 226 5.31 -2.05 71.14
CA LEU B 226 4.04 -2.13 71.84
C LEU B 226 4.25 -3.00 73.07
N THR B 227 4.97 -4.09 72.89
CA THR B 227 5.30 -5.03 73.96
C THR B 227 5.93 -4.24 75.10
N LEU B 228 7.00 -3.54 74.73
CA LEU B 228 7.78 -2.72 75.64
C LEU B 228 6.91 -1.67 76.36
N LEU B 229 6.02 -1.01 75.61
CA LEU B 229 5.19 0.00 76.27
C LEU B 229 4.07 -0.61 77.10
N VAL B 230 3.56 -1.78 76.71
CA VAL B 230 2.54 -2.32 77.57
C VAL B 230 3.16 -3.10 78.72
N ARG B 231 4.42 -3.48 78.58
CA ARG B 231 5.13 -4.13 79.65
C ARG B 231 5.45 -2.98 80.60
N ALA B 232 5.56 -1.78 80.04
CA ALA B 232 5.91 -0.56 80.77
C ALA B 232 4.61 0.19 80.95
N SER B 240 -1.46 4.57 80.56
CA SER B 240 -2.81 4.08 80.30
C SER B 240 -2.91 3.36 78.97
N VAL B 241 -3.90 2.49 78.83
CA VAL B 241 -4.09 1.80 77.56
C VAL B 241 -4.40 2.88 76.54
N ASP B 242 -5.05 3.95 76.99
CA ASP B 242 -5.37 5.08 76.11
C ASP B 242 -4.07 5.79 75.70
N GLY B 243 -3.11 5.83 76.61
CA GLY B 243 -1.83 6.47 76.32
C GLY B 243 -1.02 5.64 75.34
N ILE B 244 -1.03 4.32 75.54
CA ILE B 244 -0.31 3.41 74.65
C ILE B 244 -0.92 3.55 73.26
N VAL B 245 -2.26 3.48 73.21
CA VAL B 245 -2.99 3.60 71.96
C VAL B 245 -2.70 4.93 71.25
N GLY B 246 -2.93 6.04 71.95
CA GLY B 246 -2.67 7.34 71.36
C GLY B 246 -1.25 7.47 70.84
N THR B 247 -0.31 6.87 71.55
CA THR B 247 1.09 6.91 71.14
C THR B 247 1.30 6.14 69.85
N CYS B 248 0.66 4.97 69.75
CA CYS B 248 0.79 4.17 68.54
C CYS B 248 0.25 4.90 67.31
N VAL B 249 -0.85 5.62 67.47
CA VAL B 249 -1.44 6.36 66.36
C VAL B 249 -0.51 7.48 65.92
N HIS B 250 0.11 8.15 66.88
CA HIS B 250 1.05 9.25 66.60
C HIS B 250 2.24 8.72 65.80
N LEU B 251 2.88 7.68 66.34
CA LEU B 251 4.05 7.05 65.71
C LEU B 251 3.73 6.48 64.33
N LEU B 252 2.52 5.96 64.18
CA LEU B 252 2.10 5.38 62.91
C LEU B 252 1.87 6.44 61.84
N THR B 253 1.35 7.60 62.24
CA THR B 253 1.06 8.66 61.28
C THR B 253 2.13 9.76 61.19
N ALA B 254 3.15 9.69 62.04
CA ALA B 254 4.21 10.69 62.06
C ALA B 254 5.03 10.70 60.76
N GLY B 255 5.55 9.54 60.37
CA GLY B 255 6.34 9.45 59.16
C GLY B 255 5.54 9.68 57.88
N HIS B 256 4.28 9.30 57.92
CA HIS B 256 3.39 9.44 56.77
C HIS B 256 3.14 10.90 56.43
N GLU B 257 3.22 11.79 57.42
CA GLU B 257 2.97 13.20 57.19
C GLU B 257 4.26 13.99 57.01
N THR B 258 5.38 13.31 57.14
CA THR B 258 6.67 13.98 57.01
C THR B 258 7.62 13.28 56.05
N THR B 259 8.06 12.07 56.41
CA THR B 259 8.97 11.30 55.57
C THR B 259 8.40 11.08 54.16
N THR B 260 7.11 10.75 54.11
CA THR B 260 6.45 10.54 52.84
C THR B 260 6.65 11.75 51.94
N ASN B 261 6.39 12.94 52.49
CA ASN B 261 6.53 14.21 51.77
C ASN B 261 7.98 14.44 51.37
N PHE B 262 8.91 14.07 52.24
CA PHE B 262 10.32 14.24 51.94
C PHE B 262 10.70 13.47 50.67
N LEU B 263 10.34 12.19 50.70
CA LEU B 263 10.64 11.32 49.56
C LEU B 263 10.03 11.79 48.26
N ALA B 264 8.76 12.16 48.29
CA ALA B 264 8.08 12.61 47.10
C ALA B 264 8.72 13.89 46.53
N LYS B 265 8.96 14.86 47.41
CA LYS B 265 9.57 16.12 47.01
C LYS B 265 11.02 15.91 46.61
N ALA B 266 11.66 14.90 47.19
CA ALA B 266 13.05 14.59 46.88
C ALA B 266 13.14 14.17 45.42
N VAL B 267 12.15 13.40 44.97
CA VAL B 267 12.09 12.94 43.58
C VAL B 267 11.88 14.16 42.68
N LEU B 268 11.05 15.10 43.12
CA LEU B 268 10.82 16.31 42.31
C LEU B 268 12.09 17.15 42.24
N THR B 269 12.74 17.34 43.39
CA THR B 269 13.97 18.12 43.43
C THR B 269 15.06 17.51 42.52
N LEU B 270 15.30 16.21 42.67
CA LEU B 270 16.32 15.54 41.86
C LEU B 270 16.02 15.54 40.35
N ARG B 271 14.73 15.48 39.99
CA ARG B 271 14.34 15.50 38.58
C ARG B 271 14.62 16.89 38.01
N ALA B 272 14.50 17.89 38.87
CA ALA B 272 14.74 19.28 38.50
C ALA B 272 16.24 19.61 38.51
N HIS B 273 17.03 18.77 39.18
CA HIS B 273 18.48 18.94 39.27
C HIS B 273 19.14 17.64 38.82
N ARG B 274 19.08 17.36 37.51
CA ARG B 274 19.65 16.13 36.99
C ARG B 274 21.13 15.90 37.25
N ASP B 275 21.90 16.98 37.39
CA ASP B 275 23.32 16.82 37.67
C ASP B 275 23.47 16.09 39.01
N VAL B 276 22.70 16.51 40.01
CA VAL B 276 22.76 15.90 41.33
C VAL B 276 22.16 14.49 41.32
N LEU B 277 21.04 14.32 40.62
CA LEU B 277 20.41 13.01 40.53
C LEU B 277 21.43 12.02 39.91
N ASP B 278 22.02 12.41 38.79
CA ASP B 278 22.98 11.54 38.11
C ASP B 278 24.24 11.24 38.90
N GLU B 279 24.75 12.25 39.61
CA GLU B 279 25.95 12.03 40.43
C GLU B 279 25.58 11.07 41.56
N LEU B 280 24.35 11.17 42.06
CA LEU B 280 23.88 10.29 43.12
C LEU B 280 23.77 8.86 42.64
N ARG B 281 23.31 8.66 41.40
CA ARG B 281 23.20 7.32 40.87
C ARG B 281 24.58 6.68 40.81
N THR B 282 25.58 7.45 40.39
CA THR B 282 26.94 6.94 40.29
C THR B 282 27.82 7.03 41.55
N THR B 283 27.33 7.66 42.61
CA THR B 283 28.12 7.80 43.83
C THR B 283 27.23 7.46 45.04
N PRO B 284 26.85 6.18 45.18
CA PRO B 284 25.99 5.67 46.25
C PRO B 284 26.38 6.15 47.66
N GLU B 285 27.68 6.18 47.93
CA GLU B 285 28.20 6.60 49.23
C GLU B 285 27.81 8.03 49.57
N SER B 286 27.34 8.76 48.57
CA SER B 286 26.99 10.16 48.76
C SER B 286 25.56 10.38 49.28
N THR B 287 24.76 9.33 49.30
CA THR B 287 23.38 9.42 49.73
C THR B 287 23.11 10.20 51.02
N PRO B 288 23.87 9.91 52.10
CA PRO B 288 23.67 10.63 53.37
C PRO B 288 23.75 12.17 53.29
N ALA B 289 24.79 12.67 52.61
CA ALA B 289 24.97 14.11 52.45
C ALA B 289 23.88 14.68 51.55
N ALA B 290 23.46 13.87 50.59
CA ALA B 290 22.42 14.27 49.67
C ALA B 290 21.12 14.46 50.44
N VAL B 291 20.80 13.51 51.29
CA VAL B 291 19.57 13.59 52.09
C VAL B 291 19.58 14.84 52.98
N GLU B 292 20.74 15.19 53.52
CA GLU B 292 20.86 16.39 54.37
C GLU B 292 20.55 17.64 53.55
N GLU B 293 21.09 17.71 52.32
CA GLU B 293 20.86 18.88 51.49
C GLU B 293 19.45 18.90 50.91
N LEU B 294 18.89 17.73 50.59
CA LEU B 294 17.52 17.64 50.07
C LEU B 294 16.57 18.10 51.19
N MET B 295 16.94 17.78 52.43
CA MET B 295 16.16 18.20 53.60
C MET B 295 16.24 19.72 53.75
N ARG B 296 17.43 20.29 53.58
CA ARG B 296 17.56 21.75 53.69
C ARG B 296 16.76 22.42 52.59
N TYR B 297 16.96 21.94 51.37
CA TYR B 297 16.33 22.47 50.17
C TYR B 297 14.81 22.53 50.20
N ASP B 298 14.16 21.43 50.59
CA ASP B 298 12.71 21.37 50.60
C ASP B 298 12.22 20.49 51.76
N PRO B 299 12.22 21.04 52.98
CA PRO B 299 11.77 20.26 54.13
C PRO B 299 10.27 19.92 54.17
N PRO B 300 9.90 18.73 54.67
CA PRO B 300 8.53 18.21 54.80
C PRO B 300 7.63 19.10 55.67
N VAL B 301 8.13 19.46 56.86
CA VAL B 301 7.36 20.33 57.74
C VAL B 301 7.85 21.75 57.52
N GLN B 302 6.93 22.61 57.08
CA GLN B 302 7.29 24.00 56.77
C GLN B 302 7.23 25.00 57.90
N ALA B 303 6.63 24.60 59.01
CA ALA B 303 6.51 25.52 60.13
C ALA B 303 6.14 24.84 61.43
N VAL B 304 6.48 25.50 62.52
CA VAL B 304 6.13 25.05 63.87
C VAL B 304 5.66 26.30 64.57
N THR B 305 4.59 26.18 65.35
CA THR B 305 4.08 27.35 66.05
C THR B 305 4.37 27.33 67.54
N ARG B 306 4.42 28.54 68.08
CA ARG B 306 4.67 28.75 69.49
C ARG B 306 3.77 29.89 69.97
N TRP B 307 3.75 30.06 71.29
CA TRP B 307 2.97 31.10 71.95
C TRP B 307 3.87 31.77 72.97
N ALA B 308 3.88 33.10 72.94
CA ALA B 308 4.70 33.89 73.85
C ALA B 308 4.15 33.91 75.25
N TYR B 309 4.92 33.40 76.21
CA TYR B 309 4.47 33.40 77.59
C TYR B 309 4.91 34.69 78.28
N GLU B 310 5.58 35.56 77.51
CA GLU B 310 6.06 36.83 78.01
C GLU B 310 6.38 37.74 76.83
N ASP B 311 6.38 39.05 77.04
CA ASP B 311 6.70 39.99 75.97
C ASP B 311 8.06 39.58 75.42
N ILE B 312 8.22 39.69 74.09
CA ILE B 312 9.47 39.32 73.43
C ILE B 312 9.79 40.31 72.31
N ARG B 313 11.07 40.48 72.00
CA ARG B 313 11.46 41.37 70.91
C ARG B 313 12.06 40.45 69.84
N LEU B 314 11.73 40.69 68.57
CA LEU B 314 12.23 39.86 67.48
C LEU B 314 12.14 40.73 66.23
N GLY B 315 13.17 40.70 65.39
CA GLY B 315 13.16 41.56 64.21
C GLY B 315 13.14 42.98 64.78
N ASP B 316 12.15 43.77 64.37
CA ASP B 316 12.02 45.12 64.92
C ASP B 316 10.72 45.11 65.72
N HIS B 317 10.25 43.91 65.99
CA HIS B 317 9.00 43.71 66.71
C HIS B 317 9.06 43.45 68.19
N ASP B 318 8.19 44.15 68.89
CA ASP B 318 8.01 44.06 70.33
C ASP B 318 6.76 43.17 70.40
N ILE B 319 6.98 41.87 70.60
CA ILE B 319 5.89 40.88 70.63
C ILE B 319 5.28 40.71 72.02
N PRO B 320 4.01 41.13 72.20
CA PRO B 320 3.33 41.00 73.50
C PRO B 320 3.09 39.57 73.95
N ARG B 321 3.01 39.38 75.25
CA ARG B 321 2.80 38.05 75.83
C ARG B 321 1.44 37.48 75.44
N GLY B 322 1.44 36.41 74.68
CA GLY B 322 0.18 35.80 74.28
C GLY B 322 0.08 35.67 72.77
N SER B 323 0.92 36.41 72.06
CA SER B 323 0.93 36.38 70.60
C SER B 323 1.31 34.98 70.15
N ARG B 324 0.90 34.63 68.94
CA ARG B 324 1.25 33.35 68.37
C ARG B 324 2.47 33.59 67.46
N VAL B 325 3.52 32.80 67.67
CA VAL B 325 4.73 32.96 66.88
C VAL B 325 4.94 31.74 65.99
N VAL B 326 5.06 31.99 64.70
CA VAL B 326 5.23 30.91 63.74
C VAL B 326 6.64 30.89 63.13
N ALA B 327 7.35 29.80 63.37
CA ALA B 327 8.69 29.62 62.84
C ALA B 327 8.61 28.93 61.48
N LEU B 328 9.02 29.64 60.43
CA LEU B 328 8.96 29.12 59.07
C LEU B 328 10.26 28.37 58.71
N LEU B 329 10.24 27.06 58.90
CA LEU B 329 11.42 26.22 58.64
C LEU B 329 11.89 26.21 57.18
N GLY B 330 10.95 26.20 56.23
CA GLY B 330 11.32 26.19 54.83
C GLY B 330 11.97 27.52 54.45
N SER B 331 11.48 28.58 55.08
CA SER B 331 12.00 29.94 54.84
C SER B 331 13.42 30.07 55.42
N ALA B 332 13.58 29.55 56.63
CA ALA B 332 14.85 29.59 57.34
C ALA B 332 15.90 28.82 56.55
N ASN B 333 15.53 27.62 56.08
CA ASN B 333 16.46 26.78 55.33
C ASN B 333 16.91 27.36 53.99
N ARG B 334 16.24 28.40 53.52
CA ARG B 334 16.61 29.03 52.27
C ARG B 334 17.00 30.48 52.50
N ASP B 335 17.44 30.78 53.73
CA ASP B 335 17.85 32.13 54.11
C ASP B 335 19.29 32.33 53.65
N PRO B 336 19.52 33.22 52.66
CA PRO B 336 20.85 33.50 52.13
C PRO B 336 21.86 34.01 53.15
N ALA B 337 21.37 34.42 54.32
CA ALA B 337 22.27 34.92 55.36
C ALA B 337 22.98 33.76 56.02
N ARG B 338 22.38 32.58 55.93
CA ARG B 338 22.95 31.38 56.51
C ARG B 338 23.45 30.40 55.46
N PHE B 339 22.72 30.31 54.35
CA PHE B 339 23.06 29.40 53.27
C PHE B 339 23.27 30.18 51.98
N PRO B 340 24.53 30.43 51.60
CA PRO B 340 24.85 31.18 50.38
C PRO B 340 24.28 30.47 49.15
N ASP B 341 23.68 31.23 48.25
CA ASP B 341 23.05 30.70 47.04
C ASP B 341 22.06 29.62 47.51
N PRO B 342 21.08 30.01 48.34
CA PRO B 342 20.08 29.07 48.89
C PRO B 342 19.27 28.21 47.94
N ASP B 343 19.09 28.65 46.68
CA ASP B 343 18.32 27.87 45.72
C ASP B 343 19.14 26.87 44.92
N VAL B 344 20.44 26.82 45.21
CA VAL B 344 21.30 25.88 44.55
C VAL B 344 21.30 24.62 45.40
N LEU B 345 21.11 23.45 44.78
CA LEU B 345 21.13 22.19 45.53
C LEU B 345 22.60 21.78 45.60
N ASP B 346 23.22 22.07 46.74
CA ASP B 346 24.64 21.82 46.93
C ASP B 346 24.93 20.81 48.06
N VAL B 347 25.17 19.56 47.69
CA VAL B 347 25.45 18.51 48.67
C VAL B 347 26.75 18.67 49.45
N HIS B 348 27.52 19.71 49.12
CA HIS B 348 28.79 19.95 49.80
C HIS B 348 28.73 20.97 50.93
N ARG B 349 27.54 21.45 51.23
CA ARG B 349 27.36 22.38 52.35
C ARG B 349 27.68 21.64 53.65
N ALA B 350 28.07 22.37 54.68
CA ALA B 350 28.36 21.73 55.96
C ALA B 350 27.03 21.23 56.57
N ALA B 351 27.06 20.04 57.16
CA ALA B 351 25.87 19.44 57.75
C ALA B 351 25.50 20.00 59.12
N GLU B 352 24.33 19.57 59.62
CA GLU B 352 23.83 20.00 60.91
C GLU B 352 23.49 21.48 61.05
N ARG B 353 22.98 22.09 59.99
CA ARG B 353 22.61 23.52 60.02
C ARG B 353 21.09 23.66 59.83
N GLN B 354 20.57 22.97 58.81
CA GLN B 354 19.15 23.06 58.47
C GLN B 354 18.28 22.71 59.66
N VAL B 355 17.19 23.47 59.80
CA VAL B 355 16.27 23.30 60.91
C VAL B 355 15.00 22.51 60.60
N GLY B 356 15.09 21.59 59.64
CA GLY B 356 13.93 20.78 59.26
C GLY B 356 13.39 19.82 60.30
N PHE B 357 14.22 19.44 61.27
CA PHE B 357 13.82 18.54 62.36
C PHE B 357 13.65 19.37 63.62
N GLY B 358 13.60 20.68 63.44
CA GLY B 358 13.44 21.56 64.57
C GLY B 358 14.77 21.88 65.21
N LEU B 359 14.72 22.31 66.46
CA LEU B 359 15.91 22.67 67.21
C LEU B 359 15.51 22.86 68.66
N GLY B 360 16.26 22.26 69.59
CA GLY B 360 15.96 22.41 71.00
C GLY B 360 15.32 21.24 71.71
N ILE B 361 14.56 21.54 72.75
CA ILE B 361 13.87 20.55 73.56
C ILE B 361 12.91 19.69 72.73
N HIS B 362 12.30 20.29 71.71
CA HIS B 362 11.32 19.59 70.90
C HIS B 362 11.86 19.06 69.59
N TYR B 363 13.19 18.93 69.51
CA TYR B 363 13.83 18.40 68.31
C TYR B 363 13.24 17.03 67.95
N CYS B 364 12.93 16.84 66.68
CA CYS B 364 12.21 15.65 66.22
C CYS B 364 12.70 14.36 66.86
N LEU B 365 11.78 13.58 67.44
CA LEU B 365 12.10 12.36 68.15
C LEU B 365 12.45 11.24 67.19
N GLY B 366 11.83 11.22 66.01
CA GLY B 366 12.14 10.18 65.04
C GLY B 366 13.17 10.61 63.98
N ALA B 367 13.84 11.72 64.23
CA ALA B 367 14.83 12.24 63.29
C ALA B 367 15.80 11.16 62.78
N THR B 368 16.21 10.26 63.66
CA THR B 368 17.15 9.19 63.27
C THR B 368 16.47 8.19 62.35
N LEU B 369 15.27 7.78 62.74
CA LEU B 369 14.51 6.81 61.94
C LEU B 369 14.16 7.41 60.60
N ALA B 370 13.72 8.66 60.59
CA ALA B 370 13.33 9.34 59.36
C ALA B 370 14.52 9.44 58.40
N ARG B 371 15.68 9.78 58.95
CA ARG B 371 16.88 9.92 58.14
C ARG B 371 17.26 8.59 57.45
N ALA B 372 17.13 7.48 58.18
CA ALA B 372 17.45 6.16 57.64
C ALA B 372 16.44 5.74 56.56
N GLU B 373 15.16 6.05 56.77
CA GLU B 373 14.14 5.73 55.77
C GLU B 373 14.36 6.59 54.53
N ALA B 374 14.83 7.82 54.75
CA ALA B 374 15.09 8.75 53.65
C ALA B 374 16.22 8.24 52.76
N GLU B 375 17.35 7.94 53.39
CA GLU B 375 18.52 7.43 52.68
C GLU B 375 18.22 6.11 51.98
N ILE B 376 17.67 5.15 52.72
CA ILE B 376 17.38 3.83 52.17
C ILE B 376 16.28 3.85 51.11
N GLY B 377 15.27 4.68 51.31
CA GLY B 377 14.19 4.72 50.34
C GLY B 377 14.63 5.41 49.06
N LEU B 378 15.43 6.45 49.24
CA LEU B 378 15.93 7.22 48.11
C LEU B 378 16.84 6.36 47.26
N ARG B 379 17.75 5.65 47.93
CA ARG B 379 18.67 4.78 47.23
C ARG B 379 17.88 3.71 46.48
N ALA B 380 16.84 3.19 47.12
CA ALA B 380 16.00 2.17 46.51
C ALA B 380 15.41 2.73 45.21
N LEU B 381 14.90 3.95 45.27
CA LEU B 381 14.33 4.58 44.09
C LEU B 381 15.37 4.78 42.99
N LEU B 382 16.55 5.28 43.36
CA LEU B 382 17.62 5.53 42.40
C LEU B 382 18.07 4.27 41.71
N ASP B 383 18.30 3.21 42.49
CA ASP B 383 18.73 1.94 41.92
C ASP B 383 17.57 1.19 41.28
N GLY B 384 16.36 1.41 41.78
CA GLY B 384 15.21 0.71 41.24
C GLY B 384 14.51 1.28 40.02
N ILE B 385 14.55 2.59 39.84
CA ILE B 385 13.88 3.21 38.71
C ILE B 385 14.86 4.00 37.84
N PRO B 386 15.55 3.32 36.92
CA PRO B 386 16.53 3.93 36.02
C PRO B 386 16.03 5.20 35.35
N ALA B 387 14.76 5.19 34.94
CA ALA B 387 14.17 6.35 34.26
C ALA B 387 13.57 7.39 35.21
N LEU B 388 13.93 7.33 36.49
CA LEU B 388 13.40 8.28 37.47
C LEU B 388 13.53 9.73 37.01
N GLY B 389 14.71 10.06 36.47
CA GLY B 389 14.96 11.41 36.02
C GLY B 389 14.57 11.72 34.59
N ARG B 390 13.95 10.76 33.92
CA ARG B 390 13.55 10.94 32.53
C ARG B 390 12.04 11.10 32.38
N GLY B 391 11.60 11.50 31.20
CA GLY B 391 10.17 11.65 30.97
C GLY B 391 9.52 12.75 31.79
N ALA B 392 8.19 12.85 31.68
CA ALA B 392 7.42 13.87 32.39
C ALA B 392 6.72 13.27 33.60
N HIS B 393 6.24 14.12 34.50
CA HIS B 393 5.56 13.63 35.68
C HIS B 393 4.27 14.39 35.89
N GLU B 394 3.40 13.82 36.70
CA GLU B 394 2.11 14.37 37.03
C GLU B 394 2.10 14.57 38.55
N VAL B 395 2.12 15.81 39.01
CA VAL B 395 2.14 16.04 40.46
C VAL B 395 1.03 16.95 40.95
N GLU B 396 0.48 16.61 42.12
CA GLU B 396 -0.58 17.38 42.77
C GLU B 396 -0.25 17.52 44.25
N TYR B 397 -0.19 18.76 44.74
CA TYR B 397 0.12 19.00 46.15
C TYR B 397 -1.12 19.10 47.02
N ALA B 398 -0.94 18.82 48.30
CA ALA B 398 -2.03 18.90 49.26
C ALA B 398 -2.17 20.37 49.61
N ASP B 399 -3.40 20.81 49.89
CA ASP B 399 -3.62 22.20 50.28
C ASP B 399 -3.24 22.25 51.75
N ASP B 400 -1.93 22.28 51.98
CA ASP B 400 -1.39 22.27 53.33
C ASP B 400 -0.02 22.96 53.25
N MET B 401 0.19 24.01 54.03
CA MET B 401 1.46 24.71 54.02
C MET B 401 2.32 24.41 55.22
N VAL B 402 1.94 23.41 56.01
CA VAL B 402 2.73 23.01 57.17
C VAL B 402 3.31 21.64 56.88
N PHE B 403 2.44 20.65 56.66
CA PHE B 403 2.90 19.31 56.26
C PHE B 403 2.76 19.37 54.74
N HIS B 404 3.86 19.83 54.14
CA HIS B 404 3.97 20.15 52.73
C HIS B 404 4.47 19.09 51.76
N GLY B 405 3.65 18.74 50.77
CA GLY B 405 4.06 17.74 49.78
C GLY B 405 2.99 17.24 48.81
N PRO B 406 3.37 16.48 47.77
CA PRO B 406 2.45 15.94 46.78
C PRO B 406 1.49 14.89 47.35
N THR B 407 0.22 14.96 46.97
CA THR B 407 -0.78 13.98 47.39
C THR B 407 -0.63 12.80 46.43
N ARG B 408 0.00 13.06 45.29
CA ARG B 408 0.27 12.02 44.31
C ARG B 408 1.31 12.50 43.32
N LEU B 409 2.15 11.57 42.88
CA LEU B 409 3.24 11.85 41.95
C LEU B 409 3.32 10.75 40.92
N LEU B 410 2.70 10.99 39.77
CA LEU B 410 2.70 10.02 38.68
C LEU B 410 3.93 10.16 37.82
N LEU B 411 4.44 9.02 37.37
CA LEU B 411 5.64 8.99 36.54
C LEU B 411 5.39 8.24 35.23
N ASP B 412 5.90 8.81 34.15
CA ASP B 412 5.83 8.25 32.80
C ASP B 412 6.95 7.22 32.70
N LEU B 413 6.64 5.97 32.35
CA LEU B 413 7.71 4.98 32.25
C LEU B 413 7.39 3.62 31.59
N PRO B 414 8.39 2.79 31.27
CA PRO B 414 9.84 2.83 31.37
C PRO B 414 10.52 3.83 32.31
N THR C 5 19.59 -28.58 -9.72
CA THR C 5 20.46 -27.58 -10.38
C THR C 5 19.77 -26.79 -11.50
N LEU C 6 20.40 -25.69 -11.86
CA LEU C 6 19.93 -24.79 -12.92
C LEU C 6 21.16 -24.50 -13.77
N PRO C 7 20.99 -24.32 -15.08
CA PRO C 7 22.15 -24.03 -15.91
C PRO C 7 22.79 -22.69 -15.57
N ARG C 8 24.00 -22.44 -16.04
CA ARG C 8 24.65 -21.18 -15.75
C ARG C 8 23.80 -20.07 -16.37
N PHE C 9 23.64 -18.99 -15.62
CA PHE C 9 22.82 -17.89 -16.09
C PHE C 9 23.55 -16.89 -16.97
N ASP C 10 22.82 -16.34 -17.94
CA ASP C 10 23.36 -15.32 -18.81
C ASP C 10 22.22 -14.83 -19.71
N LEU C 11 22.22 -13.54 -20.03
CA LEU C 11 21.14 -12.96 -20.81
C LEU C 11 21.19 -13.19 -22.31
N MET C 12 22.29 -13.78 -22.78
CA MET C 12 22.46 -14.07 -24.20
C MET C 12 22.07 -15.51 -24.48
N GLY C 13 21.57 -15.77 -25.68
CA GLY C 13 21.21 -17.12 -26.05
C GLY C 13 20.03 -17.72 -25.31
N TRP C 14 18.97 -16.93 -25.17
CA TRP C 14 17.74 -17.35 -24.50
C TRP C 14 16.80 -18.03 -25.47
N ASP C 15 16.09 -19.05 -24.98
CA ASP C 15 15.12 -19.74 -25.82
C ASP C 15 13.99 -18.76 -26.10
N LYS C 16 13.53 -18.71 -27.35
CA LYS C 16 12.47 -17.80 -27.73
C LYS C 16 11.20 -17.89 -26.88
N LYS C 17 10.94 -19.07 -26.32
CA LYS C 17 9.76 -19.24 -25.48
C LYS C 17 9.96 -18.57 -24.12
N ASP C 18 11.20 -18.57 -23.65
CA ASP C 18 11.50 -17.93 -22.38
C ASP C 18 11.64 -16.43 -22.54
N ILE C 19 11.96 -15.97 -23.75
CA ILE C 19 12.06 -14.55 -24.01
C ILE C 19 10.65 -14.01 -23.89
N ALA C 20 9.69 -14.79 -24.37
CA ALA C 20 8.27 -14.41 -24.33
C ALA C 20 7.80 -14.27 -22.89
N ASP C 21 8.24 -15.16 -22.01
CA ASP C 21 7.87 -15.06 -20.60
C ASP C 21 9.06 -15.44 -19.73
N PRO C 22 9.90 -14.45 -19.41
CA PRO C 22 11.11 -14.57 -18.60
C PRO C 22 10.93 -14.62 -17.09
N TYR C 23 9.79 -14.13 -16.62
CA TYR C 23 9.54 -14.05 -15.20
C TYR C 23 9.63 -15.39 -14.45
N PRO C 24 9.13 -16.48 -15.05
CA PRO C 24 9.24 -17.75 -14.32
C PRO C 24 10.73 -18.18 -14.23
N VAL C 25 11.52 -17.70 -15.19
CA VAL C 25 12.95 -18.00 -15.21
C VAL C 25 13.60 -17.24 -14.07
N TYR C 26 13.26 -15.96 -13.95
CA TYR C 26 13.81 -15.15 -12.89
C TYR C 26 13.44 -15.74 -11.54
N ARG C 27 12.19 -16.14 -11.40
CA ARG C 27 11.72 -16.71 -10.15
C ARG C 27 12.53 -17.91 -9.69
N ARG C 28 12.78 -18.85 -10.59
CA ARG C 28 13.55 -20.04 -10.23
C ARG C 28 14.94 -19.71 -9.73
N TYR C 29 15.63 -18.81 -10.42
CA TYR C 29 16.96 -18.41 -10.01
C TYR C 29 16.90 -17.63 -8.71
N ARG C 30 15.93 -16.72 -8.62
CA ARG C 30 15.79 -15.89 -7.43
C ARG C 30 15.48 -16.72 -6.18
N GLU C 31 14.68 -17.77 -6.34
CA GLU C 31 14.35 -18.62 -5.21
C GLU C 31 15.57 -19.48 -4.82
N ALA C 32 16.41 -19.80 -5.80
CA ALA C 32 17.61 -20.58 -5.59
C ALA C 32 18.67 -19.79 -4.80
N ALA C 33 18.92 -18.55 -5.23
CA ALA C 33 19.88 -17.68 -4.57
C ALA C 33 19.72 -16.28 -5.11
N PRO C 34 19.91 -15.26 -4.26
CA PRO C 34 19.78 -13.84 -4.61
C PRO C 34 20.73 -13.37 -5.69
N VAL C 35 21.93 -13.92 -5.68
CA VAL C 35 22.93 -13.58 -6.67
C VAL C 35 23.49 -14.86 -7.26
N HIS C 36 23.76 -14.82 -8.56
CA HIS C 36 24.30 -15.96 -9.26
C HIS C 36 25.57 -15.60 -9.99
N ARG C 37 26.59 -16.43 -9.82
CA ARG C 37 27.88 -16.20 -10.46
C ARG C 37 27.98 -17.03 -11.72
N THR C 38 28.42 -16.40 -12.80
CA THR C 38 28.61 -17.07 -14.08
C THR C 38 30.05 -16.81 -14.46
N ALA C 39 30.87 -17.82 -14.23
CA ALA C 39 32.31 -17.75 -14.47
C ALA C 39 32.80 -17.64 -15.92
N SER C 40 33.99 -17.09 -16.07
CA SER C 40 34.63 -16.98 -17.36
C SER C 40 35.77 -18.00 -17.29
N GLY C 41 36.54 -18.12 -18.36
CA GLY C 41 37.67 -19.01 -18.39
C GLY C 41 38.85 -18.17 -17.95
N PRO C 42 40.07 -18.39 -18.49
CA PRO C 42 41.17 -17.54 -18.02
C PRO C 42 41.29 -16.21 -18.80
N GLY C 43 41.94 -15.26 -18.12
CA GLY C 43 42.01 -13.88 -18.53
C GLY C 43 41.18 -13.50 -17.32
N LYS C 44 39.92 -13.87 -17.49
CA LYS C 44 38.85 -13.72 -16.54
C LYS C 44 38.32 -12.52 -15.78
N PRO C 45 37.11 -12.12 -16.17
CA PRO C 45 36.25 -11.06 -15.65
C PRO C 45 34.92 -11.80 -15.37
N ASP C 46 34.75 -12.44 -14.20
CA ASP C 46 33.48 -13.15 -14.02
C ASP C 46 32.28 -12.24 -13.75
N THR C 47 31.08 -12.74 -14.03
CA THR C 47 29.85 -11.96 -13.90
C THR C 47 28.94 -12.45 -12.80
N TYR C 48 28.27 -11.50 -12.14
CA TYR C 48 27.34 -11.81 -11.07
C TYR C 48 25.97 -11.19 -11.40
N TYR C 49 24.95 -12.04 -11.43
CA TYR C 49 23.60 -11.60 -11.74
C TYR C 49 22.80 -11.42 -10.45
N VAL C 50 22.21 -10.24 -10.30
CA VAL C 50 21.43 -9.89 -9.11
C VAL C 50 19.93 -9.93 -9.37
N PHE C 51 19.24 -10.87 -8.72
CA PHE C 51 17.80 -11.06 -8.91
C PHE C 51 16.85 -10.47 -7.87
N THR C 52 17.40 -10.05 -6.73
CA THR C 52 16.55 -9.54 -5.67
C THR C 52 16.37 -8.04 -5.68
N TYR C 53 15.18 -7.58 -5.28
CA TYR C 53 14.89 -6.16 -5.24
C TYR C 53 15.93 -5.40 -4.40
N ASP C 54 16.11 -5.83 -3.16
CA ASP C 54 17.06 -5.16 -2.27
C ASP C 54 18.49 -5.14 -2.81
N ASP C 55 18.98 -6.27 -3.33
CA ASP C 55 20.34 -6.29 -3.84
C ASP C 55 20.47 -5.47 -5.10
N VAL C 56 19.40 -5.35 -5.88
CA VAL C 56 19.44 -4.57 -7.10
C VAL C 56 19.55 -3.10 -6.71
N VAL C 57 18.90 -2.73 -5.60
CA VAL C 57 18.94 -1.36 -5.09
C VAL C 57 20.35 -1.07 -4.60
N ARG C 58 20.97 -2.07 -3.98
CA ARG C 58 22.32 -1.93 -3.46
C ARG C 58 23.30 -1.76 -4.61
N VAL C 59 23.11 -2.54 -5.68
CA VAL C 59 23.96 -2.47 -6.85
C VAL C 59 23.86 -1.10 -7.52
N LEU C 60 22.63 -0.64 -7.76
CA LEU C 60 22.40 0.64 -8.41
C LEU C 60 22.82 1.88 -7.61
N SER C 61 22.99 1.74 -6.30
CA SER C 61 23.34 2.89 -5.49
C SER C 61 24.79 2.92 -4.99
N ASN C 62 25.51 1.81 -5.15
CA ASN C 62 26.91 1.74 -4.72
C ASN C 62 27.81 2.51 -5.69
N ARG C 63 28.53 3.51 -5.16
CA ARG C 63 29.42 4.33 -5.98
C ARG C 63 30.66 3.57 -6.46
N ARG C 64 30.97 2.46 -5.80
CA ARG C 64 32.11 1.64 -6.15
C ARG C 64 31.85 0.74 -7.37
N LEU C 65 30.63 0.79 -7.87
CA LEU C 65 30.23 0.02 -9.04
C LEU C 65 29.97 1.01 -10.16
N GLY C 66 30.85 1.01 -11.16
CA GLY C 66 30.69 1.94 -12.27
C GLY C 66 30.24 1.29 -13.55
N ARG C 67 30.01 2.09 -14.58
CA ARG C 67 29.56 1.57 -15.85
C ARG C 67 30.61 0.91 -16.75
N ASN C 68 31.78 1.54 -16.86
CA ASN C 68 32.84 1.23 -17.79
C ASN C 68 33.85 0.26 -17.24
N ALA C 69 33.93 -0.91 -17.87
CA ALA C 69 34.92 -1.90 -17.53
C ALA C 69 36.26 -1.22 -17.38
N ARG C 70 36.64 -0.92 -16.15
CA ARG C 70 37.91 -0.31 -15.97
C ARG C 70 38.87 -1.17 -15.14
N ARG C 88 34.67 4.33 -38.20
CA ARG C 88 33.32 3.99 -37.76
C ARG C 88 32.56 5.23 -37.31
N ALA C 89 31.55 5.64 -38.08
CA ALA C 89 30.72 6.79 -37.73
C ALA C 89 29.88 6.31 -36.55
N LEU C 90 29.87 4.99 -36.36
CA LEU C 90 29.15 4.34 -35.29
C LEU C 90 29.87 4.63 -33.98
N ARG C 91 31.18 4.38 -33.98
CA ARG C 91 32.00 4.61 -32.80
C ARG C 91 31.98 6.07 -32.38
N THR C 92 31.87 6.99 -33.35
CA THR C 92 31.84 8.42 -33.00
C THR C 92 30.45 8.85 -32.53
N VAL C 93 29.40 8.22 -33.06
CA VAL C 93 28.04 8.55 -32.65
C VAL C 93 27.77 8.08 -31.23
N VAL C 94 28.17 6.85 -30.95
CA VAL C 94 27.97 6.21 -29.65
C VAL C 94 28.91 6.65 -28.52
N GLU C 95 30.03 7.24 -28.90
CA GLU C 95 31.09 7.75 -28.03
C GLU C 95 30.68 8.71 -26.90
N ASN C 96 29.79 9.64 -27.22
CA ASN C 96 29.37 10.65 -26.26
C ASN C 96 27.96 10.44 -25.70
N TRP C 97 27.42 9.25 -25.88
CA TRP C 97 26.09 8.92 -25.37
C TRP C 97 26.12 8.89 -23.84
N LEU C 98 25.34 9.77 -23.24
CA LEU C 98 25.24 9.90 -21.79
C LEU C 98 25.07 8.57 -21.05
N VAL C 99 24.32 7.65 -21.65
CA VAL C 99 24.07 6.36 -21.01
C VAL C 99 25.30 5.45 -20.92
N PHE C 100 26.39 5.88 -21.54
CA PHE C 100 27.64 5.11 -21.55
C PHE C 100 28.77 5.73 -20.73
N LEU C 101 28.52 6.87 -20.10
CA LEU C 101 29.56 7.56 -19.34
C LEU C 101 29.50 7.41 -17.82
N ASP C 102 30.68 7.39 -17.19
CA ASP C 102 30.79 7.28 -15.73
C ASP C 102 30.91 8.68 -15.14
N PRO C 103 30.45 8.87 -13.89
CA PRO C 103 30.44 10.10 -13.10
C PRO C 103 31.24 11.32 -13.56
N PRO C 104 32.55 11.18 -13.83
CA PRO C 104 33.33 12.34 -14.28
C PRO C 104 32.74 13.00 -15.54
N HIS C 105 33.01 12.37 -16.68
CA HIS C 105 32.52 12.78 -18.00
C HIS C 105 31.00 12.93 -17.84
N HIS C 106 30.43 11.94 -17.18
CA HIS C 106 29.01 11.90 -16.98
C HIS C 106 28.29 13.00 -16.24
N THR C 107 28.92 13.56 -15.21
CA THR C 107 28.30 14.62 -14.43
C THR C 107 28.07 15.87 -15.26
N GLU C 108 29.08 16.25 -16.04
CA GLU C 108 28.99 17.45 -16.87
C GLU C 108 27.91 17.35 -17.95
N LEU C 109 27.80 16.17 -18.56
CA LEU C 109 26.81 15.96 -19.61
C LEU C 109 25.37 15.84 -19.11
N ARG C 110 25.16 15.10 -18.03
CA ARG C 110 23.82 14.93 -17.45
C ARG C 110 23.21 16.29 -17.10
N SER C 111 23.96 17.08 -16.35
CA SER C 111 23.51 18.41 -15.94
C SER C 111 23.09 19.25 -17.15
N LEU C 112 23.77 19.01 -18.27
CA LEU C 112 23.51 19.72 -19.50
C LEU C 112 22.05 19.65 -19.99
N LEU C 113 21.59 18.44 -20.33
CA LEU C 113 20.23 18.27 -20.84
C LEU C 113 19.09 17.99 -19.83
N THR C 114 19.42 17.88 -18.54
CA THR C 114 18.43 17.60 -17.50
C THR C 114 17.21 18.53 -17.49
N THR C 115 17.45 19.83 -17.59
CA THR C 115 16.40 20.85 -17.57
C THR C 115 15.47 20.79 -18.79
N GLU C 116 15.98 20.27 -19.90
CA GLU C 116 15.20 20.23 -21.12
C GLU C 116 14.21 19.08 -21.16
N PHE C 117 14.16 18.30 -20.08
CA PHE C 117 13.24 17.19 -19.96
C PHE C 117 12.50 17.30 -18.64
N SER C 118 12.44 18.53 -18.14
CA SER C 118 11.77 18.83 -16.87
C SER C 118 10.27 18.62 -17.00
N PRO C 119 9.59 18.44 -15.85
CA PRO C 119 8.14 18.24 -15.88
C PRO C 119 7.46 19.43 -16.57
N SER C 120 8.13 20.59 -16.51
CA SER C 120 7.63 21.81 -17.13
C SER C 120 7.54 21.63 -18.65
N ILE C 121 8.66 21.28 -19.27
CA ILE C 121 8.72 21.07 -20.71
C ILE C 121 7.78 19.95 -21.15
N VAL C 122 7.81 18.84 -20.42
CA VAL C 122 6.98 17.69 -20.73
C VAL C 122 5.49 18.01 -20.64
N THR C 123 5.09 18.70 -19.58
CA THR C 123 3.69 19.07 -19.40
C THR C 123 3.14 19.83 -20.60
N GLY C 124 3.91 20.80 -21.09
CA GLY C 124 3.47 21.59 -22.22
C GLY C 124 3.52 20.83 -23.54
N LEU C 125 4.26 19.73 -23.54
CA LEU C 125 4.41 18.91 -24.73
C LEU C 125 3.29 17.87 -24.86
N ARG C 126 2.66 17.55 -23.74
CA ARG C 126 1.58 16.56 -23.71
C ARG C 126 0.51 16.75 -24.77
N PRO C 127 0.03 17.98 -24.99
CA PRO C 127 -1.01 18.18 -26.02
C PRO C 127 -0.54 17.73 -27.40
N ARG C 128 0.72 17.99 -27.72
CA ARG C 128 1.28 17.61 -29.01
C ARG C 128 1.42 16.09 -29.09
N ILE C 129 1.80 15.48 -27.98
CA ILE C 129 1.96 14.03 -27.90
C ILE C 129 0.63 13.36 -28.19
N ALA C 130 -0.44 13.90 -27.61
CA ALA C 130 -1.78 13.35 -27.80
C ALA C 130 -2.23 13.50 -29.25
N GLU C 131 -1.90 14.64 -29.85
CA GLU C 131 -2.28 14.89 -31.22
C GLU C 131 -1.58 13.90 -32.13
N LEU C 132 -0.34 13.60 -31.83
CA LEU C 132 0.44 12.64 -32.61
C LEU C 132 -0.13 11.23 -32.45
N ALA C 133 -0.45 10.87 -31.20
CA ALA C 133 -1.01 9.56 -30.90
C ALA C 133 -2.31 9.39 -31.67
N SER C 134 -3.15 10.42 -31.66
CA SER C 134 -4.42 10.36 -32.37
C SER C 134 -4.22 10.17 -33.87
N ALA C 135 -3.34 10.96 -34.47
CA ALA C 135 -3.07 10.87 -35.90
C ALA C 135 -2.62 9.46 -36.29
N LEU C 136 -1.73 8.90 -35.48
CA LEU C 136 -1.21 7.55 -35.72
C LEU C 136 -2.37 6.56 -35.75
N LEU C 137 -3.27 6.68 -34.78
CA LEU C 137 -4.44 5.79 -34.70
C LEU C 137 -5.32 5.90 -35.92
N ASP C 138 -5.54 7.11 -36.41
CA ASP C 138 -6.37 7.32 -37.59
C ASP C 138 -5.91 6.43 -38.75
N ARG C 139 -4.60 6.39 -38.96
CA ARG C 139 -3.99 5.57 -40.00
C ARG C 139 -4.18 4.10 -39.71
N LEU C 140 -3.88 3.75 -38.46
CA LEU C 140 -3.94 2.38 -37.98
C LEU C 140 -5.33 1.81 -38.17
N ARG C 141 -6.35 2.64 -38.01
CA ARG C 141 -7.71 2.19 -38.14
C ARG C 141 -8.11 1.85 -39.58
N ALA C 142 -7.24 2.18 -40.53
CA ALA C 142 -7.52 1.89 -41.93
C ALA C 142 -6.89 0.59 -42.45
N GLN C 143 -6.64 -0.38 -41.56
CA GLN C 143 -6.03 -1.66 -41.97
C GLN C 143 -6.68 -2.87 -41.31
N ARG C 144 -6.90 -3.94 -42.08
CA ARG C 144 -7.52 -5.16 -41.55
C ARG C 144 -6.85 -5.74 -40.31
N ARG C 145 -5.54 -6.02 -40.39
CA ARG C 145 -4.82 -6.50 -39.22
C ARG C 145 -3.56 -5.65 -39.06
N PRO C 146 -3.69 -4.55 -38.32
CA PRO C 146 -2.59 -3.61 -38.06
C PRO C 146 -1.50 -4.17 -37.13
N ASP C 147 -0.30 -3.64 -37.28
CA ASP C 147 0.83 -4.01 -36.43
C ASP C 147 0.92 -2.83 -35.47
N LEU C 148 0.66 -3.07 -34.18
CA LEU C 148 0.70 -1.99 -33.20
C LEU C 148 2.12 -1.46 -32.99
N VAL C 149 3.13 -2.29 -33.26
CA VAL C 149 4.51 -1.85 -33.07
C VAL C 149 4.90 -0.88 -34.17
N GLU C 150 4.89 -1.35 -35.42
CA GLU C 150 5.27 -0.50 -36.53
C GLU C 150 4.28 0.62 -36.79
N GLY C 151 3.02 0.39 -36.45
CA GLY C 151 1.98 1.40 -36.67
C GLY C 151 1.69 2.37 -35.55
N PHE C 152 2.28 2.17 -34.38
CA PHE C 152 1.97 3.10 -33.30
C PHE C 152 3.02 3.18 -32.18
N ALA C 153 3.36 2.05 -31.58
CA ALA C 153 4.33 2.01 -30.49
C ALA C 153 5.72 2.49 -30.90
N ALA C 154 6.16 2.10 -32.09
CA ALA C 154 7.49 2.48 -32.58
C ALA C 154 7.54 3.91 -33.08
N PRO C 155 6.58 4.32 -33.92
CA PRO C 155 6.56 5.68 -34.45
C PRO C 155 6.23 6.81 -33.46
N LEU C 156 5.50 6.51 -32.39
CA LEU C 156 5.15 7.55 -31.42
C LEU C 156 6.33 8.20 -30.70
N PRO C 157 7.25 7.39 -30.15
CA PRO C 157 8.39 8.00 -29.46
C PRO C 157 9.26 8.83 -30.42
N ILE C 158 9.45 8.29 -31.63
CA ILE C 158 10.22 8.93 -32.66
C ILE C 158 9.62 10.29 -32.99
N LEU C 159 8.31 10.30 -33.20
CA LEU C 159 7.58 11.51 -33.53
C LEU C 159 7.60 12.56 -32.42
N VAL C 160 7.55 12.11 -31.17
CA VAL C 160 7.55 13.05 -30.06
C VAL C 160 8.92 13.69 -29.88
N ILE C 161 9.96 12.86 -29.89
CA ILE C 161 11.33 13.34 -29.73
C ILE C 161 11.74 14.19 -30.94
N SER C 162 11.16 13.91 -32.10
CA SER C 162 11.49 14.66 -33.31
C SER C 162 10.89 16.06 -33.24
N ALA C 163 9.79 16.20 -32.50
CA ALA C 163 9.15 17.49 -32.34
C ALA C 163 9.93 18.27 -31.28
N LEU C 164 10.66 17.52 -30.46
CA LEU C 164 11.50 18.09 -29.39
C LEU C 164 12.81 18.59 -29.97
N LEU C 165 13.21 17.99 -31.09
CA LEU C 165 14.45 18.35 -31.75
C LEU C 165 14.22 19.27 -32.95
N GLY C 166 12.96 19.48 -33.30
CA GLY C 166 12.64 20.33 -34.42
C GLY C 166 12.84 19.64 -35.75
N ILE C 167 12.92 18.32 -35.74
CA ILE C 167 13.08 17.58 -36.97
C ILE C 167 11.76 17.50 -37.73
N PRO C 168 11.81 17.29 -39.06
CA PRO C 168 10.58 17.22 -39.86
C PRO C 168 9.76 15.96 -39.57
N GLU C 169 8.47 16.16 -39.38
CA GLU C 169 7.57 15.07 -39.06
C GLU C 169 7.65 13.94 -40.09
N GLU C 170 7.71 14.30 -41.37
CA GLU C 170 7.75 13.29 -42.44
C GLU C 170 8.95 12.33 -42.41
N ASP C 171 9.99 12.67 -41.66
CA ASP C 171 11.14 11.79 -41.62
C ASP C 171 11.04 10.70 -40.57
N HIS C 172 9.93 10.67 -39.84
CA HIS C 172 9.75 9.65 -38.81
C HIS C 172 9.90 8.22 -39.31
N THR C 173 9.49 7.95 -40.55
CA THR C 173 9.60 6.59 -41.07
C THR C 173 11.05 6.22 -41.40
N TRP C 174 11.76 7.16 -42.02
CA TRP C 174 13.17 6.96 -42.40
C TRP C 174 14.03 6.86 -41.15
N LEU C 175 13.80 7.79 -40.23
CA LEU C 175 14.53 7.84 -38.96
C LEU C 175 14.39 6.52 -38.20
N ARG C 176 13.15 6.01 -38.14
CA ARG C 176 12.83 4.75 -37.45
C ARG C 176 13.56 3.59 -38.09
N ALA C 177 13.54 3.56 -39.42
CA ALA C 177 14.22 2.51 -40.16
C ALA C 177 15.68 2.42 -39.70
N ASN C 178 16.31 3.58 -39.63
CA ASN C 178 17.70 3.69 -39.22
C ASN C 178 17.93 3.36 -37.74
N ALA C 179 16.96 3.71 -36.90
CA ALA C 179 17.09 3.41 -35.48
C ALA C 179 17.10 1.89 -35.36
N VAL C 180 16.25 1.23 -36.15
CA VAL C 180 16.18 -0.24 -36.14
C VAL C 180 17.49 -0.84 -36.63
N ALA C 181 18.06 -0.24 -37.66
CA ALA C 181 19.34 -0.69 -38.20
C ALA C 181 20.40 -0.56 -37.13
N LEU C 182 20.42 0.58 -36.45
CA LEU C 182 21.41 0.82 -35.40
C LEU C 182 21.38 -0.29 -34.34
N GLN C 183 20.18 -0.79 -34.06
CA GLN C 183 19.99 -1.83 -33.06
C GLN C 183 20.79 -3.10 -33.37
N GLU C 184 21.03 -3.33 -34.66
CA GLU C 184 21.77 -4.50 -35.11
C GLU C 184 23.11 -4.69 -34.41
N ALA C 185 23.80 -3.58 -34.17
CA ALA C 185 25.10 -3.63 -33.54
C ALA C 185 25.07 -3.67 -32.01
N SER C 186 23.87 -3.76 -31.43
CA SER C 186 23.73 -3.78 -29.97
C SER C 186 24.44 -4.95 -29.33
N THR C 187 25.08 -4.68 -28.18
CA THR C 187 25.81 -5.70 -27.43
C THR C 187 24.83 -6.66 -26.75
N THR C 188 23.57 -6.27 -26.77
CA THR C 188 22.48 -7.04 -26.17
C THR C 188 21.93 -8.10 -27.14
N ARG C 189 22.44 -8.04 -28.38
CA ARG C 189 22.03 -8.95 -29.44
C ARG C 189 23.22 -9.65 -30.11
N ALA C 190 22.90 -10.60 -30.98
CA ALA C 190 23.88 -11.39 -31.72
C ALA C 190 25.03 -10.52 -32.21
N ARG C 194 27.48 -8.78 -40.49
CA ARG C 194 26.77 -7.76 -41.24
C ARG C 194 25.85 -6.94 -40.35
N GLY C 195 25.95 -7.18 -39.05
CA GLY C 195 25.15 -6.44 -38.09
C GLY C 195 25.78 -5.05 -37.97
N TYR C 196 27.10 -5.02 -37.87
CA TYR C 196 27.83 -3.76 -37.77
C TYR C 196 27.72 -2.96 -39.06
N ALA C 197 27.61 -3.67 -40.18
CA ALA C 197 27.49 -3.03 -41.49
C ALA C 197 26.25 -2.16 -41.49
N ARG C 198 25.10 -2.77 -41.22
CA ARG C 198 23.85 -2.04 -41.21
C ARG C 198 23.88 -0.90 -40.18
N ALA C 199 24.43 -1.18 -39.00
CA ALA C 199 24.52 -0.18 -37.94
C ALA C 199 25.40 1.00 -38.36
N GLU C 200 26.53 0.66 -38.98
CA GLU C 200 27.49 1.65 -39.47
C GLU C 200 26.81 2.48 -40.54
N ALA C 201 26.08 1.80 -41.41
CA ALA C 201 25.37 2.45 -42.49
C ALA C 201 24.41 3.46 -41.87
N ALA C 202 23.64 2.99 -40.90
CA ALA C 202 22.68 3.82 -40.20
C ALA C 202 23.37 4.98 -39.49
N SER C 203 24.44 4.66 -38.75
CA SER C 203 25.21 5.66 -38.03
C SER C 203 25.66 6.78 -38.96
N GLN C 204 26.18 6.39 -40.13
CA GLN C 204 26.63 7.36 -41.12
C GLN C 204 25.45 8.13 -41.66
N GLU C 205 24.32 7.46 -41.81
CA GLU C 205 23.12 8.12 -42.32
C GLU C 205 22.61 9.15 -41.30
N PHE C 206 22.65 8.81 -40.01
CA PHE C 206 22.21 9.72 -38.94
C PHE C 206 23.16 10.91 -38.84
N THR C 207 24.45 10.61 -38.82
CA THR C 207 25.48 11.64 -38.72
C THR C 207 25.29 12.67 -39.83
N ARG C 208 25.27 12.20 -41.07
CA ARG C 208 25.09 13.07 -42.21
C ARG C 208 23.79 13.85 -42.04
N TYR C 209 22.77 13.15 -41.56
CA TYR C 209 21.45 13.76 -41.36
C TYR C 209 21.48 14.90 -40.37
N PHE C 210 21.94 14.60 -39.16
CA PHE C 210 22.00 15.60 -38.10
C PHE C 210 23.03 16.71 -38.28
N ARG C 211 24.14 16.40 -38.96
CA ARG C 211 25.17 17.40 -39.22
C ARG C 211 24.57 18.49 -40.07
N ARG C 212 23.71 18.08 -41.00
CA ARG C 212 23.05 19.02 -41.89
C ARG C 212 22.02 19.83 -41.13
N GLU C 213 21.45 19.24 -40.09
CA GLU C 213 20.44 19.92 -39.29
C GLU C 213 21.05 21.02 -38.45
N VAL C 214 22.15 20.73 -37.76
CA VAL C 214 22.76 21.75 -36.92
C VAL C 214 23.21 22.92 -37.76
N ASP C 215 23.94 22.60 -38.82
CA ASP C 215 24.41 23.62 -39.76
C ASP C 215 23.23 24.19 -40.53
N ARG C 216 22.03 23.85 -40.07
CA ARG C 216 20.80 24.29 -40.72
C ARG C 216 20.74 23.90 -42.18
N ASP C 224 14.22 22.21 -31.93
CA ASP C 224 14.47 23.36 -31.07
C ASP C 224 15.34 23.04 -29.87
N LEU C 225 15.45 21.76 -29.53
CA LEU C 225 16.33 21.36 -28.44
C LEU C 225 17.67 21.40 -29.14
N LEU C 226 17.63 21.28 -30.46
CA LEU C 226 18.84 21.34 -31.28
C LEU C 226 19.32 22.78 -31.27
N THR C 227 18.35 23.68 -31.41
CA THR C 227 18.61 25.12 -31.38
C THR C 227 19.39 25.43 -30.11
N LEU C 228 18.79 25.08 -28.98
CA LEU C 228 19.41 25.34 -27.70
C LEU C 228 20.77 24.69 -27.53
N LEU C 229 20.94 23.47 -28.05
CA LEU C 229 22.22 22.78 -27.94
C LEU C 229 23.28 23.43 -28.87
N VAL C 230 22.81 23.92 -30.01
CA VAL C 230 23.64 24.57 -31.01
C VAL C 230 23.98 26.00 -30.61
N ARG C 231 22.95 26.74 -30.20
CA ARG C 231 23.12 28.13 -29.77
C ARG C 231 24.13 28.10 -28.66
N ALA C 232 23.91 27.21 -27.69
CA ALA C 232 24.83 27.05 -26.56
C ALA C 232 26.25 27.03 -27.13
N ARG C 233 26.41 26.37 -28.27
CA ARG C 233 27.70 26.27 -28.95
C ARG C 233 28.08 27.63 -29.54
N ASP C 234 27.14 28.23 -30.27
CA ASP C 234 27.36 29.53 -30.90
C ASP C 234 27.45 30.66 -29.87
N THR C 235 27.04 30.41 -28.64
CA THR C 235 27.11 31.42 -27.59
C THR C 235 28.23 31.20 -26.56
N GLY C 236 29.13 30.25 -26.83
CA GLY C 236 30.24 30.04 -25.93
C GLY C 236 30.43 28.65 -25.32
N SER C 237 29.32 27.94 -25.11
CA SER C 237 29.37 26.61 -24.53
C SER C 237 30.27 25.68 -25.32
N PRO C 238 31.06 24.84 -24.61
CA PRO C 238 31.98 23.86 -25.20
C PRO C 238 31.36 22.49 -25.54
N LEU C 239 30.67 22.43 -26.68
CA LEU C 239 30.09 21.20 -27.19
C LEU C 239 30.56 21.12 -28.64
N SER C 240 30.85 19.92 -29.11
CA SER C 240 31.27 19.76 -30.50
C SER C 240 30.06 19.40 -31.37
N VAL C 241 30.18 19.62 -32.66
CA VAL C 241 29.10 19.28 -33.59
C VAL C 241 28.89 17.78 -33.46
N ASP C 242 29.98 17.05 -33.23
CA ASP C 242 29.90 15.61 -33.08
C ASP C 242 29.13 15.27 -31.81
N GLY C 243 29.29 16.09 -30.78
CA GLY C 243 28.60 15.86 -29.52
C GLY C 243 27.11 16.14 -29.64
N ILE C 244 26.77 17.20 -30.37
CA ILE C 244 25.39 17.57 -30.57
C ILE C 244 24.74 16.46 -31.41
N VAL C 245 25.45 16.04 -32.46
CA VAL C 245 24.97 14.98 -33.33
C VAL C 245 24.77 13.67 -32.55
N GLY C 246 25.82 13.20 -31.87
CA GLY C 246 25.72 11.98 -31.09
C GLY C 246 24.57 12.02 -30.09
N THR C 247 24.36 13.21 -29.52
CA THR C 247 23.29 13.45 -28.55
C THR C 247 21.92 13.25 -29.20
N CYS C 248 21.75 13.83 -30.40
CA CYS C 248 20.50 13.71 -31.13
C CYS C 248 20.15 12.28 -31.47
N VAL C 249 21.16 11.49 -31.84
CA VAL C 249 20.91 10.10 -32.18
C VAL C 249 20.50 9.31 -30.95
N HIS C 250 21.11 9.59 -29.80
CA HIS C 250 20.74 8.88 -28.58
C HIS C 250 19.30 9.20 -28.20
N LEU C 251 18.98 10.49 -28.12
CA LEU C 251 17.63 10.94 -27.78
C LEU C 251 16.58 10.41 -28.75
N LEU C 252 16.95 10.33 -30.02
CA LEU C 252 16.04 9.85 -31.07
C LEU C 252 15.75 8.36 -30.95
N THR C 253 16.75 7.60 -30.54
CA THR C 253 16.61 6.15 -30.42
C THR C 253 16.33 5.64 -29.00
N ALA C 254 16.37 6.53 -28.03
CA ALA C 254 16.14 6.18 -26.64
C ALA C 254 14.73 5.64 -26.37
N GLY C 255 13.72 6.40 -26.76
CA GLY C 255 12.35 5.97 -26.55
C GLY C 255 11.94 4.78 -27.41
N HIS C 256 12.55 4.69 -28.58
CA HIS C 256 12.26 3.61 -29.53
C HIS C 256 12.65 2.24 -28.97
N GLU C 257 13.67 2.21 -28.13
CA GLU C 257 14.13 0.95 -27.56
C GLU C 257 13.57 0.70 -26.17
N THR C 258 12.77 1.63 -25.68
CA THR C 258 12.21 1.50 -24.34
C THR C 258 10.71 1.73 -24.30
N THR C 259 10.29 2.97 -24.55
CA THR C 259 8.87 3.32 -24.53
C THR C 259 8.08 2.45 -25.50
N THR C 260 8.64 2.23 -26.69
CA THR C 260 7.98 1.41 -27.69
C THR C 260 7.64 0.05 -27.12
N ASN C 261 8.63 -0.55 -26.46
CA ASN C 261 8.45 -1.86 -25.84
C ASN C 261 7.44 -1.80 -24.70
N PHE C 262 7.46 -0.71 -23.94
CA PHE C 262 6.51 -0.60 -22.85
C PHE C 262 5.08 -0.63 -23.39
N LEU C 263 4.81 0.17 -24.42
CA LEU C 263 3.49 0.25 -25.03
C LEU C 263 3.03 -1.08 -25.61
N ALA C 264 3.92 -1.76 -26.32
CA ALA C 264 3.54 -3.03 -26.93
C ALA C 264 3.25 -4.11 -25.86
N LYS C 265 4.13 -4.22 -24.87
CA LYS C 265 3.94 -5.20 -23.81
C LYS C 265 2.75 -4.80 -22.93
N ALA C 266 2.45 -3.50 -22.86
CA ALA C 266 1.34 -3.01 -22.07
C ALA C 266 0.06 -3.56 -22.67
N VAL C 267 0.00 -3.58 -24.00
CA VAL C 267 -1.16 -4.09 -24.71
C VAL C 267 -1.29 -5.59 -24.44
N LEU C 268 -0.15 -6.28 -24.38
CA LEU C 268 -0.17 -7.72 -24.11
C LEU C 268 -0.63 -7.98 -22.67
N THR C 269 -0.09 -7.22 -21.73
CA THR C 269 -0.45 -7.36 -20.33
C THR C 269 -1.96 -7.13 -20.12
N LEU C 270 -2.48 -6.01 -20.63
CA LEU C 270 -3.89 -5.70 -20.47
C LEU C 270 -4.83 -6.70 -21.14
N ARG C 271 -4.42 -7.26 -22.27
CA ARG C 271 -5.27 -8.25 -22.96
C ARG C 271 -5.31 -9.52 -22.12
N ALA C 272 -4.24 -9.76 -21.37
CA ALA C 272 -4.12 -10.92 -20.52
C ALA C 272 -4.83 -10.69 -19.18
N HIS C 273 -5.10 -9.42 -18.86
CA HIS C 273 -5.78 -9.03 -17.61
C HIS C 273 -6.96 -8.13 -17.97
N ARG C 274 -7.99 -8.73 -18.57
CA ARG C 274 -9.16 -7.97 -19.01
C ARG C 274 -9.88 -7.16 -17.94
N ASP C 275 -9.80 -7.61 -16.69
CA ASP C 275 -10.44 -6.87 -15.62
C ASP C 275 -9.80 -5.49 -15.51
N VAL C 276 -8.48 -5.44 -15.58
CA VAL C 276 -7.74 -4.19 -15.51
C VAL C 276 -7.93 -3.34 -16.77
N LEU C 277 -7.88 -3.98 -17.93
CA LEU C 277 -8.10 -3.28 -19.20
C LEU C 277 -9.47 -2.61 -19.18
N ASP C 278 -10.51 -3.38 -18.83
CA ASP C 278 -11.87 -2.86 -18.79
C ASP C 278 -12.09 -1.77 -17.77
N GLU C 279 -11.48 -1.90 -16.60
CA GLU C 279 -11.59 -0.88 -15.57
C GLU C 279 -10.90 0.39 -16.07
N LEU C 280 -9.80 0.24 -16.80
CA LEU C 280 -9.08 1.39 -17.37
C LEU C 280 -9.93 2.09 -18.41
N ARG C 281 -10.64 1.33 -19.24
CA ARG C 281 -11.47 1.95 -20.25
C ARG C 281 -12.51 2.84 -19.60
N THR C 282 -13.10 2.35 -18.50
CA THR C 282 -14.14 3.09 -17.79
C THR C 282 -13.66 4.07 -16.71
N THR C 283 -12.37 4.09 -16.42
CA THR C 283 -11.85 4.98 -15.38
C THR C 283 -10.59 5.67 -15.89
N PRO C 284 -10.74 6.55 -16.88
CA PRO C 284 -9.64 7.30 -17.51
C PRO C 284 -8.63 7.92 -16.53
N GLU C 285 -9.15 8.48 -15.45
CA GLU C 285 -8.32 9.12 -14.43
C GLU C 285 -7.33 8.15 -13.79
N SER C 286 -7.54 6.86 -14.02
CA SER C 286 -6.68 5.85 -13.44
C SER C 286 -5.42 5.54 -14.24
N THR C 287 -5.34 6.07 -15.45
CA THR C 287 -4.21 5.79 -16.33
C THR C 287 -2.82 5.93 -15.69
N PRO C 288 -2.54 7.03 -14.99
CA PRO C 288 -1.22 7.21 -14.36
C PRO C 288 -0.77 6.07 -13.42
N ALA C 289 -1.67 5.63 -12.54
CA ALA C 289 -1.37 4.54 -11.62
C ALA C 289 -1.23 3.22 -12.38
N ALA C 290 -2.00 3.10 -13.45
CA ALA C 290 -1.95 1.90 -14.28
C ALA C 290 -0.57 1.80 -14.93
N VAL C 291 -0.10 2.92 -15.47
CA VAL C 291 1.21 2.96 -16.13
C VAL C 291 2.31 2.57 -15.16
N GLU C 292 2.19 3.03 -13.90
CA GLU C 292 3.17 2.70 -12.87
C GLU C 292 3.20 1.20 -12.63
N GLU C 293 2.03 0.57 -12.53
CA GLU C 293 1.92 -0.87 -12.28
C GLU C 293 2.31 -1.69 -13.53
N LEU C 294 1.98 -1.19 -14.71
CA LEU C 294 2.34 -1.88 -15.97
C LEU C 294 3.87 -1.85 -16.09
N MET C 295 4.47 -0.73 -15.65
CA MET C 295 5.92 -0.59 -15.65
C MET C 295 6.53 -1.61 -14.70
N ARG C 296 5.95 -1.74 -13.50
CA ARG C 296 6.48 -2.68 -12.53
C ARG C 296 6.37 -4.11 -13.04
N TYR C 297 5.18 -4.43 -13.53
CA TYR C 297 4.84 -5.76 -14.02
C TYR C 297 5.71 -6.27 -15.17
N ASP C 298 5.95 -5.43 -16.19
CA ASP C 298 6.77 -5.87 -17.34
C ASP C 298 7.57 -4.68 -17.87
N PRO C 299 8.69 -4.33 -17.21
CA PRO C 299 9.49 -3.19 -17.67
C PRO C 299 10.23 -3.42 -18.99
N PRO C 300 10.39 -2.35 -19.80
CA PRO C 300 11.07 -2.33 -21.11
C PRO C 300 12.55 -2.73 -21.04
N VAL C 301 13.28 -2.16 -20.09
CA VAL C 301 14.69 -2.49 -19.92
C VAL C 301 14.76 -3.51 -18.79
N GLN C 302 15.27 -4.70 -19.12
CA GLN C 302 15.34 -5.79 -18.15
C GLN C 302 16.59 -5.86 -17.30
N ALA C 303 17.61 -5.09 -17.65
CA ALA C 303 18.83 -5.12 -16.88
C ALA C 303 19.77 -3.97 -17.19
N VAL C 304 20.65 -3.68 -16.23
CA VAL C 304 21.68 -2.64 -16.38
C VAL C 304 22.93 -3.29 -15.81
N THR C 305 24.06 -3.06 -16.47
CA THR C 305 25.30 -3.65 -16.00
C THR C 305 26.22 -2.67 -15.31
N ARG C 306 27.02 -3.23 -14.42
CA ARG C 306 28.00 -2.49 -13.65
C ARG C 306 29.30 -3.29 -13.59
N TRP C 307 30.35 -2.63 -13.12
CA TRP C 307 31.64 -3.26 -12.93
C TRP C 307 32.16 -2.83 -11.56
N ALA C 308 32.60 -3.80 -10.77
CA ALA C 308 33.09 -3.54 -9.42
C ALA C 308 34.47 -2.90 -9.42
N TYR C 309 34.57 -1.71 -8.84
CA TYR C 309 35.84 -1.02 -8.76
C TYR C 309 36.58 -1.42 -7.51
N GLU C 310 35.96 -2.30 -6.72
CA GLU C 310 36.54 -2.81 -5.48
C GLU C 310 35.80 -4.06 -5.06
N ASP C 311 36.44 -4.88 -4.25
CA ASP C 311 35.79 -6.11 -3.78
C ASP C 311 34.47 -5.71 -3.12
N ILE C 312 33.45 -6.53 -3.33
CA ILE C 312 32.12 -6.27 -2.78
C ILE C 312 31.47 -7.57 -2.29
N ARG C 313 30.59 -7.48 -1.28
CA ARG C 313 29.87 -8.67 -0.84
C ARG C 313 28.40 -8.43 -1.19
N LEU C 314 27.74 -9.46 -1.70
CA LEU C 314 26.34 -9.36 -2.11
C LEU C 314 25.77 -10.78 -2.04
N GLY C 315 24.56 -10.92 -1.51
CA GLY C 315 24.01 -12.26 -1.37
C GLY C 315 24.96 -12.97 -0.42
N ASP C 316 25.50 -14.11 -0.83
CA ASP C 316 26.47 -14.84 0.00
C ASP C 316 27.79 -14.72 -0.74
N HIS C 317 27.82 -13.84 -1.73
CA HIS C 317 28.98 -13.67 -2.57
C HIS C 317 29.93 -12.55 -2.26
N ASP C 318 31.20 -12.92 -2.31
CA ASP C 318 32.26 -12.01 -2.09
C ASP C 318 32.76 -11.76 -3.51
N ILE C 319 32.31 -10.63 -4.05
CA ILE C 319 32.62 -10.21 -5.42
C ILE C 319 33.93 -9.47 -5.59
N PRO C 320 34.90 -10.08 -6.29
CA PRO C 320 36.22 -9.48 -6.55
C PRO C 320 36.15 -8.21 -7.38
N ARG C 321 37.11 -7.33 -7.17
CA ARG C 321 37.16 -6.07 -7.90
C ARG C 321 37.45 -6.29 -9.38
N GLY C 322 36.47 -6.00 -10.23
CA GLY C 322 36.66 -6.16 -11.65
C GLY C 322 35.55 -7.01 -12.27
N SER C 323 34.85 -7.73 -11.40
CA SER C 323 33.75 -8.57 -11.82
C SER C 323 32.67 -7.71 -12.45
N ARG C 324 31.88 -8.31 -13.33
CA ARG C 324 30.78 -7.57 -13.95
C ARG C 324 29.51 -7.90 -13.17
N VAL C 325 28.78 -6.86 -12.78
CA VAL C 325 27.57 -7.05 -12.00
C VAL C 325 26.35 -6.66 -12.80
N VAL C 326 25.41 -7.58 -12.93
CA VAL C 326 24.22 -7.28 -13.70
C VAL C 326 22.96 -7.21 -12.83
N ALA C 327 22.33 -6.04 -12.85
CA ALA C 327 21.12 -5.76 -12.10
C ALA C 327 19.92 -6.14 -12.95
N LEU C 328 19.17 -7.15 -12.53
CA LEU C 328 17.99 -7.59 -13.28
C LEU C 328 16.73 -6.86 -12.80
N LEU C 329 16.39 -5.78 -13.49
CA LEU C 329 15.25 -4.97 -13.15
C LEU C 329 13.90 -5.68 -13.24
N GLY C 330 13.73 -6.55 -14.24
CA GLY C 330 12.47 -7.26 -14.38
C GLY C 330 12.30 -8.25 -13.24
N SER C 331 13.41 -8.82 -12.80
CA SER C 331 13.40 -9.78 -11.70
C SER C 331 13.14 -9.06 -10.36
N ALA C 332 13.74 -7.89 -10.22
CA ALA C 332 13.58 -7.07 -9.02
C ALA C 332 12.11 -6.66 -8.88
N ASN C 333 11.53 -6.20 -9.98
CA ASN C 333 10.14 -5.76 -10.00
C ASN C 333 9.11 -6.83 -9.69
N ARG C 334 9.50 -8.09 -9.74
CA ARG C 334 8.59 -9.19 -9.44
C ARG C 334 9.08 -9.97 -8.24
N ASP C 335 9.88 -9.31 -7.41
CA ASP C 335 10.43 -9.92 -6.20
C ASP C 335 9.36 -9.89 -5.11
N PRO C 336 8.83 -11.06 -4.72
CA PRO C 336 7.79 -11.17 -3.68
C PRO C 336 8.15 -10.59 -2.33
N ALA C 337 9.43 -10.35 -2.10
CA ALA C 337 9.90 -9.79 -0.84
C ALA C 337 9.56 -8.31 -0.76
N ARG C 338 9.38 -7.68 -1.92
CA ARG C 338 9.06 -6.27 -1.99
C ARG C 338 7.63 -6.04 -2.48
N PHE C 339 7.21 -6.88 -3.42
CA PHE C 339 5.89 -6.79 -4.02
C PHE C 339 5.09 -8.06 -3.78
N PRO C 340 4.20 -8.05 -2.77
CA PRO C 340 3.38 -9.22 -2.46
C PRO C 340 2.52 -9.63 -3.67
N ASP C 341 2.47 -10.93 -3.94
CA ASP C 341 1.72 -11.46 -5.11
C ASP C 341 2.23 -10.71 -6.34
N PRO C 342 3.54 -10.81 -6.63
CA PRO C 342 4.17 -10.12 -7.77
C PRO C 342 3.60 -10.33 -9.16
N ASP C 343 2.94 -11.46 -9.41
CA ASP C 343 2.39 -11.73 -10.73
C ASP C 343 0.96 -11.20 -10.91
N VAL C 344 0.43 -10.59 -9.86
CA VAL C 344 -0.90 -10.01 -9.92
C VAL C 344 -0.74 -8.57 -10.40
N LEU C 345 -1.52 -8.15 -11.40
CA LEU C 345 -1.44 -6.78 -11.90
C LEU C 345 -2.34 -5.96 -10.99
N ASP C 346 -1.74 -5.29 -10.03
CA ASP C 346 -2.46 -4.53 -9.01
C ASP C 346 -2.16 -3.03 -9.06
N VAL C 347 -3.05 -2.25 -9.69
CA VAL C 347 -2.86 -0.80 -9.81
C VAL C 347 -2.92 -0.03 -8.51
N HIS C 348 -3.23 -0.73 -7.42
CA HIS C 348 -3.33 -0.08 -6.13
C HIS C 348 -2.10 -0.18 -5.24
N ARG C 349 -1.02 -0.75 -5.77
CA ARG C 349 0.23 -0.82 -5.02
C ARG C 349 0.74 0.62 -4.85
N ALA C 350 1.56 0.84 -3.84
CA ALA C 350 2.12 2.16 -3.61
C ALA C 350 3.14 2.47 -4.72
N ALA C 351 3.12 3.70 -5.21
CA ALA C 351 4.01 4.11 -6.30
C ALA C 351 5.44 4.39 -5.87
N GLU C 352 6.30 4.64 -6.85
CA GLU C 352 7.70 4.95 -6.60
C GLU C 352 8.54 3.84 -5.99
N ARG C 353 8.26 2.59 -6.32
CA ARG C 353 9.08 1.50 -5.78
C ARG C 353 9.77 0.73 -6.90
N GLN C 354 9.05 0.47 -7.99
CA GLN C 354 9.62 -0.27 -9.10
C GLN C 354 10.87 0.42 -9.65
N VAL C 355 11.85 -0.39 -10.02
CA VAL C 355 13.13 0.10 -10.50
C VAL C 355 13.34 0.10 -12.01
N GLY C 356 12.24 0.20 -12.76
CA GLY C 356 12.30 0.21 -14.21
C GLY C 356 13.03 1.38 -14.88
N PHE C 357 13.13 2.50 -14.18
CA PHE C 357 13.84 3.68 -14.70
C PHE C 357 15.17 3.78 -13.97
N GLY C 358 15.56 2.70 -13.31
CA GLY C 358 16.80 2.71 -12.59
C GLY C 358 16.65 3.28 -11.20
N LEU C 359 17.77 3.70 -10.64
CA LEU C 359 17.80 4.23 -9.29
C LEU C 359 19.18 4.86 -9.07
N GLY C 360 19.22 6.09 -8.57
CA GLY C 360 20.51 6.71 -8.32
C GLY C 360 20.95 7.81 -9.25
N ILE C 361 22.27 7.97 -9.37
CA ILE C 361 22.85 8.99 -10.21
C ILE C 361 22.51 8.80 -11.69
N HIS C 362 22.33 7.56 -12.11
CA HIS C 362 22.02 7.29 -13.49
C HIS C 362 20.53 7.04 -13.77
N TYR C 363 19.68 7.49 -12.86
CA TYR C 363 18.23 7.37 -13.02
C TYR C 363 17.77 7.97 -14.36
N CYS C 364 16.96 7.22 -15.10
CA CYS C 364 16.57 7.59 -16.45
C CYS C 364 16.31 9.09 -16.63
N LEU C 365 16.99 9.70 -17.60
CA LEU C 365 16.89 11.13 -17.87
C LEU C 365 15.55 11.47 -18.51
N GLY C 366 15.03 10.60 -19.37
CA GLY C 366 13.74 10.87 -19.99
C GLY C 366 12.54 10.27 -19.28
N ALA C 367 12.75 9.79 -18.06
CA ALA C 367 11.69 9.17 -17.27
C ALA C 367 10.37 9.96 -17.30
N THR C 368 10.46 11.29 -17.25
CA THR C 368 9.27 12.14 -17.28
C THR C 368 8.58 12.11 -18.64
N LEU C 369 9.40 12.24 -19.68
CA LEU C 369 8.89 12.23 -21.05
C LEU C 369 8.29 10.87 -21.37
N ALA C 370 8.98 9.81 -20.96
CA ALA C 370 8.53 8.45 -21.21
C ALA C 370 7.20 8.19 -20.54
N ARG C 371 7.07 8.62 -19.28
CA ARG C 371 5.84 8.41 -18.55
C ARG C 371 4.65 9.09 -19.24
N ALA C 372 4.87 10.30 -19.76
CA ALA C 372 3.81 11.04 -20.45
C ALA C 372 3.41 10.37 -21.76
N GLU C 373 4.40 9.87 -22.50
CA GLU C 373 4.14 9.16 -23.75
C GLU C 373 3.40 7.86 -23.44
N ALA C 374 3.74 7.24 -22.31
CA ALA C 374 3.11 5.99 -21.90
C ALA C 374 1.64 6.20 -21.59
N GLU C 375 1.35 7.16 -20.72
CA GLU C 375 -0.01 7.46 -20.34
C GLU C 375 -0.84 7.92 -21.52
N ILE C 376 -0.33 8.88 -22.28
CA ILE C 376 -1.04 9.42 -23.44
C ILE C 376 -1.23 8.42 -24.57
N GLY C 377 -0.22 7.61 -24.81
CA GLY C 377 -0.32 6.64 -25.88
C GLY C 377 -1.26 5.51 -25.51
N LEU C 378 -1.20 5.11 -24.24
CA LEU C 378 -2.05 4.02 -23.77
C LEU C 378 -3.50 4.45 -23.80
N ARG C 379 -3.76 5.67 -23.33
CA ARG C 379 -5.12 6.18 -23.33
C ARG C 379 -5.62 6.27 -24.76
N ALA C 380 -4.76 6.69 -25.67
CA ALA C 380 -5.12 6.80 -27.08
C ALA C 380 -5.55 5.42 -27.58
N LEU C 381 -4.76 4.40 -27.27
CA LEU C 381 -5.10 3.04 -27.68
C LEU C 381 -6.43 2.56 -27.08
N LEU C 382 -6.63 2.79 -25.78
CA LEU C 382 -7.85 2.38 -25.11
C LEU C 382 -9.09 3.05 -25.71
N ASP C 383 -9.02 4.36 -25.89
CA ASP C 383 -10.14 5.10 -26.46
C ASP C 383 -10.25 4.87 -27.97
N GLY C 384 -9.12 4.63 -28.62
CA GLY C 384 -9.13 4.45 -30.06
C GLY C 384 -9.44 3.08 -30.63
N ILE C 385 -9.11 2.01 -29.90
CA ILE C 385 -9.37 0.67 -30.38
C ILE C 385 -10.27 -0.11 -29.42
N PRO C 386 -11.59 0.06 -29.54
CA PRO C 386 -12.57 -0.62 -28.69
C PRO C 386 -12.33 -2.12 -28.57
N ALA C 387 -11.93 -2.78 -29.65
CA ALA C 387 -11.69 -4.22 -29.58
C ALA C 387 -10.26 -4.59 -29.21
N LEU C 388 -9.53 -3.67 -28.58
CA LEU C 388 -8.15 -3.95 -28.20
C LEU C 388 -8.04 -5.23 -27.38
N GLY C 389 -8.97 -5.42 -26.44
CA GLY C 389 -8.96 -6.60 -25.59
C GLY C 389 -9.69 -7.82 -26.13
N ARG C 390 -10.20 -7.73 -27.34
CA ARG C 390 -10.92 -8.84 -27.92
C ARG C 390 -10.14 -9.51 -29.06
N GLY C 391 -10.62 -10.66 -29.53
CA GLY C 391 -9.95 -11.35 -30.61
C GLY C 391 -8.57 -11.88 -30.24
N ALA C 392 -7.87 -12.45 -31.22
CA ALA C 392 -6.54 -13.00 -30.99
C ALA C 392 -5.47 -12.06 -31.54
N HIS C 393 -4.23 -12.29 -31.15
CA HIS C 393 -3.15 -11.44 -31.61
C HIS C 393 -1.98 -12.29 -32.08
N GLU C 394 -1.10 -11.67 -32.88
CA GLU C 394 0.08 -12.36 -33.35
C GLU C 394 1.26 -11.55 -32.84
N VAL C 395 2.07 -12.16 -31.98
CA VAL C 395 3.21 -11.44 -31.43
C VAL C 395 4.54 -12.17 -31.62
N GLU C 396 5.58 -11.37 -31.88
CA GLU C 396 6.93 -11.90 -32.05
C GLU C 396 7.90 -11.01 -31.28
N TYR C 397 8.68 -11.62 -30.39
CA TYR C 397 9.65 -10.87 -29.59
C TYR C 397 11.02 -10.79 -30.24
N ALA C 398 11.78 -9.76 -29.88
CA ALA C 398 13.12 -9.58 -30.39
C ALA C 398 14.01 -10.48 -29.55
N ASP C 399 15.06 -11.04 -30.15
CA ASP C 399 15.98 -11.88 -29.38
C ASP C 399 16.88 -10.90 -28.66
N ASP C 400 16.35 -10.35 -27.58
CA ASP C 400 17.02 -9.35 -26.78
C ASP C 400 16.45 -9.48 -25.36
N MET C 401 17.30 -9.73 -24.38
CA MET C 401 16.83 -9.84 -23.00
C MET C 401 17.13 -8.61 -22.15
N VAL C 402 17.56 -7.52 -22.79
CA VAL C 402 17.84 -6.27 -22.09
C VAL C 402 16.80 -5.26 -22.53
N PHE C 403 16.76 -4.97 -23.83
CA PHE C 403 15.73 -4.07 -24.37
C PHE C 403 14.68 -5.08 -24.86
N HIS C 404 13.81 -5.43 -23.92
CA HIS C 404 12.80 -6.47 -24.09
C HIS C 404 11.41 -6.11 -24.61
N GLY C 405 11.00 -6.71 -25.73
CA GLY C 405 9.69 -6.41 -26.28
C GLY C 405 9.40 -7.00 -27.65
N PRO C 406 8.12 -6.93 -28.10
CA PRO C 406 7.70 -7.45 -29.41
C PRO C 406 8.27 -6.67 -30.57
N THR C 407 8.72 -7.37 -31.62
CA THR C 407 9.24 -6.69 -32.81
C THR C 407 8.01 -6.37 -33.67
N ARG C 408 6.91 -7.05 -33.36
CA ARG C 408 5.66 -6.85 -34.07
C ARG C 408 4.49 -7.41 -33.26
N LEU C 409 3.36 -6.72 -33.29
CA LEU C 409 2.17 -7.15 -32.56
C LEU C 409 0.95 -6.92 -33.44
N LEU C 410 0.53 -7.98 -34.12
CA LEU C 410 -0.62 -7.90 -35.00
C LEU C 410 -1.90 -8.13 -34.20
N LEU C 411 -2.91 -7.33 -34.52
CA LEU C 411 -4.17 -7.40 -33.83
C LEU C 411 -5.35 -7.77 -34.73
N ASP C 412 -6.12 -8.74 -34.26
CA ASP C 412 -7.30 -9.25 -34.94
C ASP C 412 -8.40 -8.21 -34.76
N LEU C 413 -8.75 -7.49 -35.82
CA LEU C 413 -9.81 -6.50 -35.71
C LEU C 413 -10.85 -6.72 -36.81
N PRO C 414 -12.06 -6.12 -36.71
CA PRO C 414 -12.64 -5.22 -35.72
C PRO C 414 -12.16 -5.40 -34.29
N THR D 5 -2.07 -45.70 -45.03
CA THR D 5 -1.17 -44.69 -45.67
C THR D 5 -1.84 -43.93 -46.81
N LEU D 6 -1.19 -42.83 -47.19
CA LEU D 6 -1.63 -41.96 -48.26
C LEU D 6 -0.39 -41.69 -49.09
N PRO D 7 -0.55 -41.49 -50.41
CA PRO D 7 0.63 -41.23 -51.25
C PRO D 7 1.29 -39.89 -50.91
N ARG D 8 2.52 -39.69 -51.39
CA ARG D 8 3.22 -38.44 -51.11
C ARG D 8 2.38 -37.33 -51.71
N PHE D 9 2.25 -36.23 -50.99
CA PHE D 9 1.43 -35.13 -51.48
C PHE D 9 2.21 -34.18 -52.37
N ASP D 10 1.51 -33.63 -53.35
CA ASP D 10 2.11 -32.70 -54.30
C ASP D 10 0.96 -32.13 -55.13
N LEU D 11 1.01 -30.84 -55.47
CA LEU D 11 -0.07 -30.21 -56.22
C LEU D 11 -0.01 -30.45 -57.73
N MET D 12 1.07 -31.09 -58.17
CA MET D 12 1.26 -31.40 -59.58
C MET D 12 0.83 -32.85 -59.87
N GLY D 13 0.34 -33.09 -61.08
CA GLY D 13 -0.06 -34.44 -61.45
C GLY D 13 -1.26 -35.00 -60.72
N TRP D 14 -2.31 -34.20 -60.58
CA TRP D 14 -3.54 -34.61 -59.90
C TRP D 14 -4.50 -35.26 -60.89
N ASP D 15 -5.23 -36.26 -60.41
CA ASP D 15 -6.21 -36.91 -61.26
C ASP D 15 -7.32 -35.91 -61.54
N LYS D 16 -7.75 -35.87 -62.79
CA LYS D 16 -8.80 -34.95 -63.22
C LYS D 16 -10.06 -34.99 -62.35
N LYS D 17 -10.37 -36.15 -61.79
CA LYS D 17 -11.56 -36.26 -60.95
C LYS D 17 -11.34 -35.59 -59.60
N ASP D 18 -10.10 -35.63 -59.11
CA ASP D 18 -9.78 -34.99 -57.84
C ASP D 18 -9.64 -33.48 -58.01
N ILE D 19 -9.28 -33.05 -59.21
CA ILE D 19 -9.15 -31.63 -59.50
C ILE D 19 -10.55 -31.05 -59.41
N ALA D 20 -11.54 -31.81 -59.89
CA ALA D 20 -12.93 -31.40 -59.86
C ALA D 20 -13.43 -31.26 -58.42
N ASP D 21 -13.00 -32.16 -57.55
CA ASP D 21 -13.37 -32.05 -56.14
C ASP D 21 -12.20 -32.43 -55.25
N PRO D 22 -11.36 -31.43 -54.94
CA PRO D 22 -10.15 -31.56 -54.11
C PRO D 22 -10.35 -31.58 -52.61
N TYR D 23 -11.47 -31.06 -52.14
CA TYR D 23 -11.70 -30.98 -50.72
C TYR D 23 -11.67 -32.31 -49.96
N PRO D 24 -12.20 -33.40 -50.55
CA PRO D 24 -12.14 -34.66 -49.81
C PRO D 24 -10.69 -35.12 -49.70
N VAL D 25 -9.87 -34.67 -50.65
CA VAL D 25 -8.45 -35.00 -50.66
C VAL D 25 -7.77 -34.25 -49.53
N TYR D 26 -8.07 -32.96 -49.43
CA TYR D 26 -7.50 -32.14 -48.38
C TYR D 26 -7.88 -32.72 -47.01
N ARG D 27 -9.16 -33.07 -46.88
CA ARG D 27 -9.66 -33.62 -45.63
C ARG D 27 -8.90 -34.85 -45.14
N ARG D 28 -8.63 -35.79 -46.04
CA ARG D 28 -7.91 -37.02 -45.69
C ARG D 28 -6.52 -36.72 -45.15
N TYR D 29 -5.82 -35.82 -45.84
CA TYR D 29 -4.48 -35.48 -45.39
C TYR D 29 -4.53 -34.67 -44.13
N ARG D 30 -5.47 -33.74 -44.05
CA ARG D 30 -5.59 -32.90 -42.87
C ARG D 30 -5.93 -33.71 -41.62
N GLU D 31 -6.77 -34.73 -41.78
CA GLU D 31 -7.12 -35.58 -40.63
C GLU D 31 -5.93 -36.45 -40.23
N ALA D 32 -5.09 -36.81 -41.21
CA ALA D 32 -3.91 -37.63 -40.95
C ALA D 32 -2.83 -36.85 -40.17
N ALA D 33 -2.57 -35.62 -40.61
CA ALA D 33 -1.58 -34.76 -39.96
C ALA D 33 -1.70 -33.35 -40.52
N PRO D 34 -1.51 -32.33 -39.66
CA PRO D 34 -1.60 -30.92 -40.05
C PRO D 34 -0.62 -30.48 -41.12
N VAL D 35 0.57 -31.06 -41.09
CA VAL D 35 1.62 -30.74 -42.04
C VAL D 35 2.14 -32.04 -42.65
N HIS D 36 2.41 -32.00 -43.94
CA HIS D 36 2.91 -33.18 -44.63
C HIS D 36 4.21 -32.86 -45.36
N ARG D 37 5.22 -33.70 -45.16
CA ARG D 37 6.48 -33.48 -45.82
C ARG D 37 6.58 -34.34 -47.06
N THR D 38 7.05 -33.74 -48.16
CA THR D 38 7.23 -34.47 -49.39
C THR D 38 8.69 -34.24 -49.77
N ALA D 39 9.49 -35.27 -49.54
CA ALA D 39 10.93 -35.23 -49.76
C ALA D 39 11.41 -35.13 -51.19
N SER D 40 12.58 -34.51 -51.35
CA SER D 40 13.25 -34.35 -52.63
C SER D 40 14.38 -35.39 -52.60
N GLY D 41 15.20 -35.42 -53.64
CA GLY D 41 16.28 -36.38 -53.66
C GLY D 41 17.33 -36.05 -52.62
N PRO D 42 18.61 -36.36 -52.92
CA PRO D 42 19.75 -36.09 -52.04
C PRO D 42 20.25 -34.66 -52.30
N GLY D 43 20.48 -33.90 -51.23
CA GLY D 43 20.88 -32.52 -51.36
C GLY D 43 19.67 -31.66 -51.08
N LYS D 44 18.53 -32.04 -51.67
CA LYS D 44 17.24 -31.34 -51.50
C LYS D 44 17.36 -29.83 -51.72
N PRO D 45 16.56 -28.97 -51.04
CA PRO D 45 15.49 -28.98 -50.02
C PRO D 45 14.16 -29.67 -50.33
N ASP D 46 13.47 -30.01 -49.25
CA ASP D 46 12.16 -30.67 -49.24
C ASP D 46 11.01 -29.67 -49.13
N THR D 47 9.80 -30.16 -49.36
CA THR D 47 8.65 -29.29 -49.26
C THR D 47 7.66 -29.80 -48.21
N TYR D 48 7.01 -28.85 -47.52
CA TYR D 48 6.03 -29.15 -46.49
C TYR D 48 4.70 -28.50 -46.84
N TYR D 49 3.66 -29.31 -46.86
CA TYR D 49 2.32 -28.86 -47.18
C TYR D 49 1.53 -28.63 -45.89
N VAL D 50 0.95 -27.43 -45.74
CA VAL D 50 0.20 -27.10 -44.55
C VAL D 50 -1.29 -27.07 -44.82
N PHE D 51 -2.01 -27.99 -44.17
CA PHE D 51 -3.46 -28.19 -44.35
C PHE D 51 -4.41 -27.53 -43.35
N THR D 52 -3.88 -27.13 -42.20
CA THR D 52 -4.69 -26.54 -41.14
C THR D 52 -4.83 -25.03 -41.19
N TYR D 53 -6.01 -24.52 -40.82
CA TYR D 53 -6.24 -23.08 -40.82
C TYR D 53 -5.22 -22.36 -39.95
N ASP D 54 -5.05 -22.80 -38.71
CA ASP D 54 -4.11 -22.12 -37.83
C ASP D 54 -2.66 -22.17 -38.33
N ASP D 55 -2.22 -23.31 -38.85
CA ASP D 55 -0.85 -23.41 -39.35
C ASP D 55 -0.68 -22.56 -40.61
N VAL D 56 -1.74 -22.45 -41.41
CA VAL D 56 -1.68 -21.63 -42.64
C VAL D 56 -1.53 -20.17 -42.25
N VAL D 57 -2.20 -19.79 -41.16
CA VAL D 57 -2.13 -18.42 -40.66
C VAL D 57 -0.71 -18.16 -40.16
N ARG D 58 -0.11 -19.17 -39.52
CA ARG D 58 1.24 -19.07 -38.99
C ARG D 58 2.23 -18.93 -40.14
N VAL D 59 2.03 -19.71 -41.19
CA VAL D 59 2.90 -19.66 -42.36
C VAL D 59 2.82 -18.29 -43.05
N LEU D 60 1.61 -17.81 -43.29
CA LEU D 60 1.43 -16.53 -43.96
C LEU D 60 1.87 -15.29 -43.17
N SER D 61 2.02 -15.43 -41.87
CA SER D 61 2.40 -14.27 -41.07
C SER D 61 3.83 -14.27 -40.56
N ASN D 62 4.52 -15.39 -40.71
CA ASN D 62 5.92 -15.52 -40.27
C ASN D 62 6.86 -14.76 -41.21
N ARG D 63 7.57 -13.77 -40.70
CA ARG D 63 8.49 -12.98 -41.53
C ARG D 63 9.72 -13.76 -41.97
N ARG D 64 10.00 -14.88 -41.31
CA ARG D 64 11.15 -15.71 -41.64
C ARG D 64 10.87 -16.63 -42.84
N LEU D 65 9.64 -16.55 -43.37
CA LEU D 65 9.23 -17.33 -44.52
C LEU D 65 9.00 -16.35 -45.68
N GLY D 66 9.88 -16.38 -46.66
CA GLY D 66 9.76 -15.47 -47.77
C GLY D 66 9.27 -16.12 -49.05
N ARG D 67 9.10 -15.31 -50.09
CA ARG D 67 8.61 -15.82 -51.36
C ARG D 67 9.65 -16.47 -52.27
N ASN D 68 10.81 -15.85 -52.41
CA ASN D 68 11.89 -16.35 -53.28
C ASN D 68 12.92 -17.34 -52.72
N ALA D 69 13.04 -18.50 -53.36
CA ALA D 69 14.02 -19.50 -52.95
C ALA D 69 15.34 -18.75 -52.79
N ARG D 70 15.76 -18.54 -51.55
CA ARG D 70 16.97 -17.82 -51.26
C ARG D 70 18.08 -18.72 -50.81
N VAL D 71 19.24 -18.54 -51.41
CA VAL D 71 20.44 -19.29 -51.06
C VAL D 71 20.96 -18.90 -49.65
N ARG D 88 14.03 -13.47 -73.65
CA ARG D 88 12.62 -13.70 -73.37
C ARG D 88 11.91 -12.47 -72.84
N ALA D 89 10.91 -12.04 -73.61
CA ALA D 89 10.09 -10.88 -73.26
C ALA D 89 9.23 -11.32 -72.09
N LEU D 90 9.20 -12.64 -71.89
CA LEU D 90 8.46 -13.28 -70.82
C LEU D 90 9.18 -12.98 -69.52
N ARG D 91 10.48 -13.26 -69.52
CA ARG D 91 11.36 -13.02 -68.38
C ARG D 91 11.31 -11.57 -67.92
N THR D 92 11.23 -10.66 -68.89
CA THR D 92 11.22 -9.24 -68.56
C THR D 92 9.84 -8.77 -68.10
N VAL D 93 8.79 -9.38 -68.63
CA VAL D 93 7.42 -9.02 -68.26
C VAL D 93 7.13 -9.46 -66.83
N VAL D 94 7.50 -10.69 -66.53
CA VAL D 94 7.26 -11.26 -65.20
C VAL D 94 8.23 -10.87 -64.09
N GLU D 95 9.39 -10.31 -64.45
CA GLU D 95 10.39 -9.94 -63.45
C GLU D 95 10.02 -8.85 -62.43
N ASN D 96 9.13 -7.93 -62.81
CA ASN D 96 8.75 -6.85 -61.91
C ASN D 96 7.34 -7.04 -61.31
N TRP D 97 6.77 -8.22 -61.49
CA TRP D 97 5.43 -8.51 -60.98
C TRP D 97 5.46 -8.52 -59.45
N LEU D 98 4.68 -7.62 -58.85
CA LEU D 98 4.62 -7.49 -57.39
C LEU D 98 4.37 -8.79 -56.65
N VAL D 99 3.63 -9.71 -57.25
CA VAL D 99 3.32 -10.98 -56.60
C VAL D 99 4.52 -11.92 -56.51
N PHE D 100 5.64 -11.53 -57.11
CA PHE D 100 6.86 -12.35 -57.08
C PHE D 100 8.01 -11.72 -56.28
N LEU D 101 7.76 -10.56 -55.67
CA LEU D 101 8.80 -9.85 -54.92
C LEU D 101 8.73 -10.01 -53.38
N ASP D 102 9.91 -10.04 -52.76
CA ASP D 102 9.99 -10.15 -51.30
C ASP D 102 10.16 -8.76 -50.70
N PRO D 103 9.68 -8.56 -49.45
CA PRO D 103 9.71 -7.32 -48.67
C PRO D 103 10.53 -6.13 -49.15
N PRO D 104 11.84 -6.32 -49.42
CA PRO D 104 12.67 -5.20 -49.90
C PRO D 104 12.12 -4.53 -51.17
N HIS D 105 12.34 -5.14 -52.34
CA HIS D 105 11.82 -4.53 -53.55
C HIS D 105 10.32 -4.47 -53.45
N HIS D 106 9.75 -5.48 -52.79
CA HIS D 106 8.32 -5.59 -52.59
C HIS D 106 7.63 -4.39 -51.90
N THR D 107 8.25 -3.87 -50.84
CA THR D 107 7.68 -2.75 -50.09
C THR D 107 7.48 -1.50 -50.94
N GLU D 108 8.51 -1.17 -51.71
CA GLU D 108 8.49 0.00 -52.58
C GLU D 108 7.37 -0.08 -53.62
N LEU D 109 7.25 -1.25 -54.26
CA LEU D 109 6.26 -1.46 -55.30
C LEU D 109 4.81 -1.52 -54.78
N ARG D 110 4.58 -2.24 -53.69
CA ARG D 110 3.22 -2.37 -53.16
C ARG D 110 2.65 -0.99 -52.81
N SER D 111 3.41 -0.20 -52.07
CA SER D 111 2.99 1.14 -51.68
C SER D 111 2.61 1.98 -52.90
N LEU D 112 3.28 1.72 -54.01
CA LEU D 112 3.04 2.46 -55.24
C LEU D 112 1.59 2.38 -55.74
N LEU D 113 1.13 1.17 -56.04
CA LEU D 113 -0.22 0.93 -56.58
C LEU D 113 -1.38 0.76 -55.58
N THR D 114 -1.08 0.64 -54.30
CA THR D 114 -2.11 0.40 -53.29
C THR D 114 -3.29 1.37 -53.26
N THR D 115 -3.02 2.66 -53.39
CA THR D 115 -4.10 3.63 -53.34
C THR D 115 -4.97 3.66 -54.61
N GLU D 116 -4.48 3.11 -55.71
CA GLU D 116 -5.26 3.15 -56.95
C GLU D 116 -6.26 1.98 -56.98
N PHE D 117 -6.34 1.23 -55.88
CA PHE D 117 -7.27 0.10 -55.76
C PHE D 117 -8.01 0.26 -54.44
N SER D 118 -8.05 1.49 -53.95
CA SER D 118 -8.72 1.80 -52.69
C SER D 118 -10.22 1.64 -52.84
N PRO D 119 -10.92 1.50 -51.70
CA PRO D 119 -12.38 1.34 -51.71
C PRO D 119 -13.02 2.52 -52.44
N SER D 120 -12.33 3.66 -52.38
CA SER D 120 -12.80 4.88 -53.03
C SER D 120 -12.87 4.70 -54.54
N ILE D 121 -11.76 4.31 -55.15
CA ILE D 121 -11.68 4.09 -56.59
C ILE D 121 -12.65 2.99 -57.02
N VAL D 122 -12.66 1.89 -56.28
CA VAL D 122 -13.51 0.74 -56.57
C VAL D 122 -14.98 1.11 -56.50
N THR D 123 -15.39 1.82 -55.45
CA THR D 123 -16.78 2.20 -55.32
C THR D 123 -17.30 2.99 -56.51
N GLY D 124 -16.49 3.92 -57.01
CA GLY D 124 -16.91 4.71 -58.15
C GLY D 124 -16.88 3.93 -59.44
N LEU D 125 -16.15 2.83 -59.44
CA LEU D 125 -16.03 2.00 -60.64
C LEU D 125 -17.16 0.99 -60.76
N ARG D 126 -17.81 0.68 -59.64
CA ARG D 126 -18.90 -0.28 -59.61
C ARG D 126 -19.96 -0.09 -60.68
N PRO D 127 -20.40 1.17 -60.91
CA PRO D 127 -21.43 1.39 -61.93
C PRO D 127 -20.98 0.90 -63.31
N ARG D 128 -19.72 1.13 -63.62
CA ARG D 128 -19.16 0.72 -64.90
C ARG D 128 -19.05 -0.80 -64.98
N ILE D 129 -18.69 -1.42 -63.85
CA ILE D 129 -18.55 -2.87 -63.77
C ILE D 129 -19.90 -3.51 -64.04
N ALA D 130 -20.96 -2.91 -63.50
CA ALA D 130 -22.31 -3.44 -63.69
C ALA D 130 -22.76 -3.30 -65.13
N GLU D 131 -22.39 -2.18 -65.74
CA GLU D 131 -22.74 -1.90 -67.13
C GLU D 131 -22.07 -2.93 -68.03
N LEU D 132 -20.82 -3.27 -67.71
CA LEU D 132 -20.08 -4.26 -68.48
C LEU D 132 -20.69 -5.65 -68.30
N ALA D 133 -21.02 -5.98 -67.05
CA ALA D 133 -21.61 -7.28 -66.74
C ALA D 133 -22.91 -7.44 -67.52
N SER D 134 -23.71 -6.38 -67.53
CA SER D 134 -24.98 -6.40 -68.24
C SER D 134 -24.79 -6.63 -69.73
N ALA D 135 -23.86 -5.88 -70.33
CA ALA D 135 -23.58 -6.00 -71.77
C ALA D 135 -23.17 -7.43 -72.12
N LEU D 136 -22.28 -8.00 -71.30
CA LEU D 136 -21.83 -9.37 -71.55
C LEU D 136 -23.02 -10.31 -71.58
N LEU D 137 -23.91 -10.16 -70.61
CA LEU D 137 -25.09 -11.02 -70.53
C LEU D 137 -25.97 -10.91 -71.76
N ASP D 138 -26.14 -9.68 -72.26
CA ASP D 138 -26.96 -9.47 -73.45
C ASP D 138 -26.52 -10.38 -74.58
N ARG D 139 -25.21 -10.46 -74.81
CA ARG D 139 -24.67 -11.29 -75.87
C ARG D 139 -24.83 -12.77 -75.53
N LEU D 140 -24.57 -13.10 -74.26
CA LEU D 140 -24.66 -14.46 -73.76
C LEU D 140 -26.06 -15.01 -73.98
N ARG D 141 -27.05 -14.12 -73.83
CA ARG D 141 -28.47 -14.45 -74.00
C ARG D 141 -28.81 -14.91 -75.41
N ALA D 142 -27.93 -14.59 -76.36
CA ALA D 142 -28.18 -14.93 -77.75
C ALA D 142 -27.61 -16.25 -78.25
N GLN D 143 -27.38 -17.21 -77.35
CA GLN D 143 -26.89 -18.50 -77.80
C GLN D 143 -27.49 -19.68 -77.05
N ARG D 144 -27.76 -20.73 -77.81
CA ARG D 144 -28.35 -21.98 -77.35
C ARG D 144 -27.73 -22.56 -76.07
N ARG D 145 -26.43 -22.82 -76.12
CA ARG D 145 -25.71 -23.35 -74.98
C ARG D 145 -24.46 -22.52 -74.77
N PRO D 146 -24.58 -21.40 -74.05
CA PRO D 146 -23.44 -20.52 -73.78
C PRO D 146 -22.38 -21.07 -72.82
N ASP D 147 -21.15 -20.59 -72.97
CA ASP D 147 -20.05 -20.98 -72.09
C ASP D 147 -19.93 -19.78 -71.16
N LEU D 148 -20.20 -19.99 -69.88
CA LEU D 148 -20.12 -18.90 -68.92
C LEU D 148 -18.70 -18.41 -68.69
N VAL D 149 -17.72 -19.25 -68.96
CA VAL D 149 -16.33 -18.86 -68.76
C VAL D 149 -15.92 -17.90 -69.86
N GLU D 150 -15.92 -18.38 -71.10
CA GLU D 150 -15.53 -17.55 -72.22
C GLU D 150 -16.49 -16.41 -72.50
N GLY D 151 -17.76 -16.61 -72.16
CA GLY D 151 -18.75 -15.58 -72.41
C GLY D 151 -19.04 -14.60 -71.29
N PHE D 152 -18.47 -14.80 -70.11
CA PHE D 152 -18.78 -13.89 -69.01
C PHE D 152 -17.72 -13.79 -67.91
N ALA D 153 -17.40 -14.93 -67.28
CA ALA D 153 -16.44 -14.96 -66.20
C ALA D 153 -15.04 -14.52 -66.60
N ALA D 154 -14.62 -14.93 -67.80
CA ALA D 154 -13.29 -14.59 -68.30
C ALA D 154 -13.18 -13.15 -68.80
N PRO D 155 -14.13 -12.73 -69.66
CA PRO D 155 -14.08 -11.37 -70.18
C PRO D 155 -14.41 -10.24 -69.22
N LEU D 156 -15.15 -10.52 -68.15
CA LEU D 156 -15.50 -9.47 -67.19
C LEU D 156 -14.31 -8.83 -66.47
N PRO D 157 -13.41 -9.64 -65.89
CA PRO D 157 -12.26 -9.06 -65.19
C PRO D 157 -11.36 -8.27 -66.16
N ILE D 158 -11.18 -8.82 -67.35
CA ILE D 158 -10.36 -8.21 -68.41
C ILE D 158 -10.94 -6.85 -68.74
N LEU D 159 -12.24 -6.81 -68.97
CA LEU D 159 -12.94 -5.58 -69.31
C LEU D 159 -12.90 -4.51 -68.23
N VAL D 160 -12.98 -4.95 -66.97
CA VAL D 160 -12.97 -4.01 -65.86
C VAL D 160 -11.58 -3.40 -65.69
N ILE D 161 -10.55 -4.25 -65.66
CA ILE D 161 -9.19 -3.77 -65.50
C ILE D 161 -8.75 -2.95 -66.72
N SER D 162 -9.33 -3.24 -67.89
CA SER D 162 -9.03 -2.52 -69.12
C SER D 162 -9.55 -1.10 -69.05
N ALA D 163 -10.65 -0.91 -68.33
CA ALA D 163 -11.25 0.41 -68.18
C ALA D 163 -10.46 1.16 -67.13
N LEU D 164 -9.75 0.40 -66.30
CA LEU D 164 -8.94 0.98 -65.23
C LEU D 164 -7.59 1.41 -65.79
N LEU D 165 -7.20 0.81 -66.90
CA LEU D 165 -5.94 1.11 -67.57
C LEU D 165 -6.15 2.04 -68.76
N GLY D 166 -7.40 2.27 -69.13
CA GLY D 166 -7.68 3.14 -70.26
C GLY D 166 -7.49 2.42 -71.59
N ILE D 167 -7.47 1.10 -71.54
CA ILE D 167 -7.31 0.25 -72.73
C ILE D 167 -8.62 0.24 -73.54
N PRO D 168 -8.53 0.01 -74.87
CA PRO D 168 -9.74 -0.02 -75.72
C PRO D 168 -10.61 -1.23 -75.38
N GLU D 169 -11.90 -0.99 -75.21
CA GLU D 169 -12.84 -2.06 -74.88
C GLU D 169 -12.77 -3.22 -75.89
N GLU D 170 -12.71 -2.88 -77.17
CA GLU D 170 -12.67 -3.87 -78.25
C GLU D 170 -11.51 -4.87 -78.20
N ASP D 171 -10.46 -4.54 -77.44
CA ASP D 171 -9.30 -5.41 -77.34
C ASP D 171 -9.47 -6.51 -76.32
N HIS D 172 -10.59 -6.52 -75.60
CA HIS D 172 -10.79 -7.53 -74.57
C HIS D 172 -10.69 -8.98 -75.03
N THR D 173 -11.07 -9.25 -76.28
CA THR D 173 -11.00 -10.60 -76.81
C THR D 173 -9.55 -11.02 -77.11
N TRP D 174 -8.80 -10.11 -77.72
CA TRP D 174 -7.40 -10.35 -78.08
C TRP D 174 -6.56 -10.45 -76.81
N LEU D 175 -6.77 -9.50 -75.92
CA LEU D 175 -6.08 -9.44 -74.64
C LEU D 175 -6.24 -10.76 -73.89
N ARG D 176 -7.48 -11.24 -73.82
CA ARG D 176 -7.84 -12.48 -73.14
C ARG D 176 -7.11 -13.68 -73.76
N ALA D 177 -7.13 -13.73 -75.09
CA ALA D 177 -6.48 -14.82 -75.80
C ALA D 177 -5.02 -14.92 -75.36
N ASN D 178 -4.37 -13.77 -75.28
CA ASN D 178 -2.96 -13.72 -74.86
C ASN D 178 -2.75 -14.02 -73.38
N ALA D 179 -3.72 -13.65 -72.54
CA ALA D 179 -3.66 -13.92 -71.11
C ALA D 179 -3.65 -15.44 -70.97
N VAL D 180 -4.52 -16.10 -71.75
CA VAL D 180 -4.63 -17.55 -71.74
C VAL D 180 -3.32 -18.19 -72.20
N ALA D 181 -2.72 -17.61 -73.25
CA ALA D 181 -1.45 -18.11 -73.77
C ALA D 181 -0.39 -18.00 -72.68
N LEU D 182 -0.34 -16.84 -72.04
CA LEU D 182 0.63 -16.60 -70.98
C LEU D 182 0.57 -17.69 -69.90
N GLN D 183 -0.64 -18.17 -69.62
CA GLN D 183 -0.82 -19.18 -68.59
C GLN D 183 -0.10 -20.48 -68.90
N GLU D 184 0.16 -20.71 -70.19
CA GLU D 184 0.86 -21.90 -70.66
C GLU D 184 2.18 -22.13 -69.92
N ALA D 185 2.92 -21.05 -69.69
CA ALA D 185 4.22 -21.15 -69.04
C ALA D 185 4.17 -21.14 -67.51
N SER D 186 2.97 -21.21 -66.95
CA SER D 186 2.80 -21.20 -65.49
C SER D 186 3.49 -22.38 -64.81
N THR D 187 4.10 -22.11 -63.66
CA THR D 187 4.82 -23.12 -62.87
C THR D 187 3.81 -24.05 -62.21
N THR D 188 2.55 -23.65 -62.24
CA THR D 188 1.47 -24.43 -61.62
C THR D 188 0.86 -25.46 -62.58
N ARG D 189 1.38 -25.53 -63.80
CA ARG D 189 0.89 -26.51 -64.77
C ARG D 189 2.01 -27.10 -65.61
N ALA D 190 1.65 -27.99 -66.53
CA ALA D 190 2.62 -28.65 -67.41
C ALA D 190 3.26 -27.66 -68.37
N ARG D 194 7.15 -25.43 -76.79
CA ARG D 194 5.71 -25.65 -76.81
C ARG D 194 4.98 -24.62 -75.95
N GLY D 195 4.96 -24.90 -74.64
CA GLY D 195 4.30 -24.03 -73.68
C GLY D 195 4.93 -22.66 -73.56
N TYR D 196 6.25 -22.62 -73.36
CA TYR D 196 6.95 -21.35 -73.25
C TYR D 196 6.87 -20.56 -74.54
N ALA D 197 6.77 -21.28 -75.65
CA ALA D 197 6.67 -20.68 -76.97
C ALA D 197 5.45 -19.76 -77.01
N ARG D 198 4.29 -20.33 -76.73
CA ARG D 198 3.07 -19.57 -76.72
C ARG D 198 3.10 -18.42 -75.71
N ALA D 199 3.63 -18.70 -74.52
CA ALA D 199 3.73 -17.70 -73.46
C ALA D 199 4.65 -16.55 -73.88
N GLU D 200 5.77 -16.93 -74.50
CA GLU D 200 6.77 -15.97 -74.98
C GLU D 200 6.14 -15.12 -76.08
N ALA D 201 5.38 -15.80 -76.95
CA ALA D 201 4.71 -15.12 -78.05
C ALA D 201 3.76 -14.10 -77.44
N ALA D 202 2.97 -14.55 -76.47
CA ALA D 202 2.01 -13.68 -75.78
C ALA D 202 2.74 -12.54 -75.08
N SER D 203 3.79 -12.89 -74.33
CA SER D 203 4.58 -11.88 -73.60
C SER D 203 5.06 -10.79 -74.55
N GLN D 204 5.56 -11.19 -75.71
CA GLN D 204 6.04 -10.23 -76.71
C GLN D 204 4.88 -9.44 -77.25
N GLU D 205 3.74 -10.11 -77.41
CA GLU D 205 2.54 -9.46 -77.91
C GLU D 205 2.08 -8.38 -76.93
N PHE D 206 2.09 -8.70 -75.64
CA PHE D 206 1.67 -7.76 -74.60
C PHE D 206 2.66 -6.59 -74.49
N THR D 207 3.95 -6.92 -74.46
CA THR D 207 4.99 -5.91 -74.35
C THR D 207 4.85 -4.89 -75.49
N ARG D 208 4.80 -5.38 -76.71
CA ARG D 208 4.64 -4.51 -77.87
C ARG D 208 3.36 -3.69 -77.71
N TYR D 209 2.32 -4.36 -77.25
CA TYR D 209 1.02 -3.74 -77.05
C TYR D 209 1.07 -2.56 -76.08
N PHE D 210 1.52 -2.86 -74.87
CA PHE D 210 1.58 -1.86 -73.82
C PHE D 210 2.65 -0.78 -74.01
N ARG D 211 3.76 -1.14 -74.66
CA ARG D 211 4.79 -0.14 -74.88
C ARG D 211 4.25 0.93 -75.77
N ARG D 212 3.43 0.58 -76.74
CA ARG D 212 2.80 1.49 -77.60
C ARG D 212 1.72 2.34 -76.89
N GLU D 213 1.15 1.75 -75.86
CA GLU D 213 0.14 2.44 -75.05
C GLU D 213 0.78 3.56 -74.21
N VAL D 214 1.88 3.26 -73.50
CA VAL D 214 2.52 4.30 -72.69
C VAL D 214 2.86 5.46 -73.62
N ASP D 215 3.28 5.08 -74.83
CA ASP D 215 3.64 6.02 -75.90
C ASP D 215 2.38 6.55 -76.57
N ASP D 224 -6.26 5.81 -67.25
CA ASP D 224 -5.41 6.72 -66.49
C ASP D 224 -4.57 5.95 -65.50
N LEU D 225 -4.85 4.68 -65.28
CA LEU D 225 -4.02 4.00 -64.30
C LEU D 225 -2.65 4.05 -64.96
N LEU D 226 -2.70 3.98 -66.29
CA LEU D 226 -1.49 4.02 -67.10
C LEU D 226 -0.98 5.46 -67.09
N THR D 227 -1.90 6.40 -67.24
CA THR D 227 -1.57 7.82 -67.23
C THR D 227 -0.82 8.11 -65.95
N LEU D 228 -1.44 7.75 -64.84
CA LEU D 228 -0.90 7.96 -63.50
C LEU D 228 0.48 7.31 -63.32
N LEU D 229 0.64 6.10 -63.85
CA LEU D 229 1.90 5.39 -63.73
C LEU D 229 2.98 5.98 -64.65
N VAL D 230 2.55 6.47 -65.81
CA VAL D 230 3.50 7.05 -66.74
C VAL D 230 3.87 8.44 -66.24
N ARG D 231 3.05 8.98 -65.34
CA ARG D 231 3.33 10.27 -64.76
C ARG D 231 4.45 10.07 -63.74
N ALA D 232 4.57 8.84 -63.27
CA ALA D 232 5.61 8.50 -62.28
C ALA D 232 6.99 8.81 -62.84
N GLY D 236 8.26 12.33 -62.13
CA GLY D 236 9.67 11.99 -62.20
C GLY D 236 10.17 11.18 -61.02
N SER D 237 9.52 10.05 -60.76
CA SER D 237 9.90 9.16 -59.66
C SER D 237 10.63 7.91 -60.22
N PRO D 238 10.61 6.77 -59.47
CA PRO D 238 11.30 5.58 -60.00
C PRO D 238 10.56 4.38 -60.61
N LEU D 239 10.44 4.34 -61.93
CA LEU D 239 9.83 3.22 -62.64
C LEU D 239 9.99 3.33 -64.17
N SER D 240 10.50 2.24 -64.74
CA SER D 240 10.81 2.03 -66.16
C SER D 240 9.61 1.81 -67.03
N VAL D 241 9.80 1.99 -68.33
CA VAL D 241 8.74 1.71 -69.27
C VAL D 241 8.50 0.20 -69.14
N ASP D 242 9.58 -0.55 -68.87
CA ASP D 242 9.51 -2.01 -68.67
C ASP D 242 8.67 -2.30 -67.44
N GLY D 243 8.85 -1.48 -66.41
CA GLY D 243 8.13 -1.67 -65.16
C GLY D 243 6.65 -1.36 -65.31
N ILE D 244 6.35 -0.29 -66.04
CA ILE D 244 4.97 0.09 -66.27
C ILE D 244 4.30 -1.02 -67.09
N VAL D 245 5.00 -1.47 -68.14
CA VAL D 245 4.52 -2.53 -69.01
C VAL D 245 4.27 -3.80 -68.21
N GLY D 246 5.29 -4.29 -67.53
CA GLY D 246 5.16 -5.51 -66.74
C GLY D 246 4.01 -5.42 -65.75
N THR D 247 3.82 -4.24 -65.16
CA THR D 247 2.74 -4.04 -64.20
C THR D 247 1.39 -4.15 -64.89
N CYS D 248 1.26 -3.58 -66.08
CA CYS D 248 0.01 -3.65 -66.84
C CYS D 248 -0.38 -5.09 -67.15
N VAL D 249 0.60 -5.90 -67.52
CA VAL D 249 0.32 -7.30 -67.85
C VAL D 249 -0.12 -8.06 -66.60
N HIS D 250 0.49 -7.76 -65.46
CA HIS D 250 0.13 -8.43 -64.21
C HIS D 250 -1.33 -8.09 -63.86
N LEU D 251 -1.63 -6.80 -63.81
CA LEU D 251 -2.96 -6.32 -63.48
C LEU D 251 -4.02 -6.83 -64.45
N LEU D 252 -3.64 -6.93 -65.71
CA LEU D 252 -4.56 -7.39 -66.75
C LEU D 252 -4.88 -8.89 -66.61
N THR D 253 -3.90 -9.67 -66.21
CA THR D 253 -4.07 -11.13 -66.07
C THR D 253 -4.38 -11.62 -64.66
N ALA D 254 -4.33 -10.72 -63.68
CA ALA D 254 -4.57 -11.09 -62.29
C ALA D 254 -6.00 -11.56 -62.04
N GLY D 255 -6.98 -10.76 -62.45
CA GLY D 255 -8.36 -11.14 -62.24
C GLY D 255 -8.79 -12.33 -63.09
N HIS D 256 -8.20 -12.47 -64.26
CA HIS D 256 -8.54 -13.55 -65.16
C HIS D 256 -8.15 -14.90 -64.61
N GLU D 257 -7.13 -14.94 -63.76
CA GLU D 257 -6.69 -16.22 -63.18
C GLU D 257 -7.26 -16.46 -61.80
N THR D 258 -8.03 -15.48 -61.31
CA THR D 258 -8.63 -15.61 -59.98
C THR D 258 -10.13 -15.32 -59.96
N THR D 259 -10.50 -14.08 -60.22
CA THR D 259 -11.91 -13.68 -60.24
C THR D 259 -12.73 -14.55 -61.21
N THR D 260 -12.17 -14.80 -62.39
CA THR D 260 -12.85 -15.63 -63.39
C THR D 260 -13.20 -16.98 -62.78
N ASN D 261 -12.22 -17.61 -62.13
CA ASN D 261 -12.42 -18.92 -61.49
C ASN D 261 -13.46 -18.80 -60.36
N PHE D 262 -13.43 -17.70 -59.62
CA PHE D 262 -14.38 -17.54 -58.54
C PHE D 262 -15.80 -17.55 -59.07
N LEU D 263 -16.06 -16.75 -60.10
CA LEU D 263 -17.39 -16.67 -60.70
C LEU D 263 -17.86 -17.99 -61.29
N ALA D 264 -16.99 -18.68 -62.01
CA ALA D 264 -17.38 -19.94 -62.61
C ALA D 264 -17.71 -21.00 -61.54
N LYS D 265 -16.85 -21.11 -60.52
CA LYS D 265 -17.07 -22.06 -59.45
C LYS D 265 -18.23 -21.64 -58.58
N ALA D 266 -18.50 -20.34 -58.53
CA ALA D 266 -19.62 -19.83 -57.74
C ALA D 266 -20.91 -20.35 -58.35
N VAL D 267 -20.95 -20.37 -59.69
CA VAL D 267 -22.13 -20.86 -60.39
C VAL D 267 -22.29 -22.36 -60.13
N LEU D 268 -21.18 -23.09 -60.07
CA LEU D 268 -21.22 -24.52 -59.78
C LEU D 268 -21.70 -24.75 -58.34
N THR D 269 -21.15 -23.98 -57.40
CA THR D 269 -21.54 -24.10 -56.01
C THR D 269 -23.03 -23.82 -55.81
N LEU D 270 -23.51 -22.70 -56.33
CA LEU D 270 -24.91 -22.34 -56.20
C LEU D 270 -25.88 -23.33 -56.88
N ARG D 271 -25.48 -23.95 -57.98
CA ARG D 271 -26.33 -24.91 -58.66
C ARG D 271 -26.41 -26.16 -57.81
N ALA D 272 -25.34 -26.42 -57.06
CA ALA D 272 -25.26 -27.58 -56.18
C ALA D 272 -25.99 -27.32 -54.85
N HIS D 273 -26.22 -26.05 -54.55
CA HIS D 273 -26.90 -25.61 -53.32
C HIS D 273 -28.06 -24.70 -53.70
N ARG D 274 -29.08 -25.28 -54.31
CA ARG D 274 -30.24 -24.51 -54.77
C ARG D 274 -30.96 -23.69 -53.70
N ASP D 275 -30.92 -24.12 -52.44
CA ASP D 275 -31.56 -23.35 -51.39
C ASP D 275 -30.88 -21.99 -51.30
N VAL D 276 -29.54 -21.97 -51.35
CA VAL D 276 -28.79 -20.72 -51.29
C VAL D 276 -28.97 -19.88 -52.55
N LEU D 277 -28.90 -20.55 -53.70
CA LEU D 277 -29.10 -19.87 -54.98
C LEU D 277 -30.46 -19.15 -54.98
N ASP D 278 -31.52 -19.90 -54.63
CA ASP D 278 -32.87 -19.33 -54.61
C ASP D 278 -33.07 -18.22 -53.60
N GLU D 279 -32.47 -18.36 -52.41
CA GLU D 279 -32.56 -17.31 -51.39
C GLU D 279 -31.86 -16.07 -51.92
N LEU D 280 -30.75 -16.26 -52.63
CA LEU D 280 -29.98 -15.17 -53.20
C LEU D 280 -30.80 -14.43 -54.26
N ARG D 281 -31.54 -15.18 -55.06
CA ARG D 281 -32.36 -14.57 -56.10
C ARG D 281 -33.37 -13.64 -55.46
N THR D 282 -33.98 -14.09 -54.37
CA THR D 282 -35.00 -13.30 -53.67
C THR D 282 -34.50 -12.34 -52.59
N THR D 283 -33.22 -12.36 -52.28
CA THR D 283 -32.68 -11.46 -51.26
C THR D 283 -31.39 -10.81 -51.78
N PRO D 284 -31.52 -9.93 -52.78
CA PRO D 284 -30.38 -9.23 -53.40
C PRO D 284 -29.38 -8.60 -52.43
N GLU D 285 -29.89 -8.02 -51.35
CA GLU D 285 -29.07 -7.39 -50.33
C GLU D 285 -28.09 -8.37 -49.67
N SER D 286 -28.33 -9.65 -49.90
CA SER D 286 -27.50 -10.68 -49.29
C SER D 286 -26.24 -11.03 -50.08
N THR D 287 -26.15 -10.51 -51.30
CA THR D 287 -25.01 -10.83 -52.16
C THR D 287 -23.63 -10.72 -51.51
N PRO D 288 -23.33 -9.61 -50.80
CA PRO D 288 -22.02 -9.45 -50.15
C PRO D 288 -21.61 -10.60 -49.23
N ALA D 289 -22.52 -11.01 -48.35
CA ALA D 289 -22.26 -12.11 -47.41
C ALA D 289 -22.12 -13.43 -48.16
N ALA D 290 -22.88 -13.55 -49.23
CA ALA D 290 -22.87 -14.74 -50.06
C ALA D 290 -21.49 -14.88 -50.69
N VAL D 291 -21.00 -13.78 -51.24
CA VAL D 291 -19.68 -13.76 -51.88
C VAL D 291 -18.59 -14.19 -50.89
N GLU D 292 -18.70 -13.73 -49.65
CA GLU D 292 -17.73 -14.08 -48.62
C GLU D 292 -17.74 -15.58 -48.35
N GLU D 293 -18.93 -16.17 -48.27
CA GLU D 293 -19.06 -17.59 -48.00
C GLU D 293 -18.69 -18.44 -49.22
N LEU D 294 -19.01 -17.95 -50.43
CA LEU D 294 -18.65 -18.67 -51.65
C LEU D 294 -17.14 -18.68 -51.77
N MET D 295 -16.53 -17.59 -51.31
CA MET D 295 -15.09 -17.45 -51.32
C MET D 295 -14.47 -18.45 -50.34
N ARG D 296 -15.05 -18.56 -49.14
CA ARG D 296 -14.53 -19.51 -48.16
C ARG D 296 -14.69 -20.93 -48.68
N TYR D 297 -15.88 -21.23 -49.19
CA TYR D 297 -16.26 -22.55 -49.69
C TYR D 297 -15.38 -23.10 -50.81
N ASP D 298 -15.11 -22.29 -51.82
CA ASP D 298 -14.30 -22.72 -52.95
C ASP D 298 -13.46 -21.57 -53.50
N PRO D 299 -12.33 -21.25 -52.83
CA PRO D 299 -11.50 -20.15 -53.30
C PRO D 299 -10.77 -20.41 -54.62
N PRO D 300 -10.56 -19.35 -55.43
CA PRO D 300 -9.89 -19.39 -56.74
C PRO D 300 -8.42 -19.82 -56.64
N VAL D 301 -7.68 -19.24 -55.70
CA VAL D 301 -6.27 -19.59 -55.51
C VAL D 301 -6.23 -20.60 -54.38
N GLN D 302 -5.77 -21.81 -54.69
CA GLN D 302 -5.73 -22.89 -53.72
C GLN D 302 -4.48 -22.98 -52.85
N ALA D 303 -3.45 -22.22 -53.20
CA ALA D 303 -2.24 -22.28 -52.41
C ALA D 303 -1.28 -21.15 -52.72
N VAL D 304 -0.40 -20.88 -51.75
CA VAL D 304 0.66 -19.88 -51.88
C VAL D 304 1.89 -20.55 -51.31
N THR D 305 3.03 -20.37 -51.97
CA THR D 305 4.22 -21.00 -51.44
C THR D 305 5.21 -20.01 -50.82
N ARG D 306 5.97 -20.55 -49.90
CA ARG D 306 6.99 -19.81 -49.18
C ARG D 306 8.25 -20.66 -49.06
N TRP D 307 9.32 -20.02 -48.59
CA TRP D 307 10.61 -20.66 -48.38
C TRP D 307 11.12 -20.24 -47.00
N ALA D 308 11.53 -21.23 -46.21
CA ALA D 308 12.01 -20.99 -44.86
C ALA D 308 13.40 -20.37 -44.87
N TYR D 309 13.52 -19.17 -44.30
CA TYR D 309 14.82 -18.51 -44.24
C TYR D 309 15.53 -18.92 -42.94
N GLU D 310 14.88 -19.76 -42.16
CA GLU D 310 15.44 -20.25 -40.91
C GLU D 310 14.67 -21.50 -40.48
N ASP D 311 15.27 -22.34 -39.64
CA ASP D 311 14.60 -23.54 -39.18
C ASP D 311 13.29 -23.10 -38.54
N ILE D 312 12.23 -23.89 -38.75
CA ILE D 312 10.91 -23.59 -38.19
C ILE D 312 10.23 -24.87 -37.71
N ARG D 313 9.33 -24.75 -36.73
CA ARG D 313 8.60 -25.90 -36.25
C ARG D 313 7.13 -25.65 -36.63
N LEU D 314 6.45 -26.68 -37.12
CA LEU D 314 5.05 -26.53 -37.53
C LEU D 314 4.46 -27.94 -37.46
N GLY D 315 3.24 -28.07 -36.94
CA GLY D 315 2.66 -29.40 -36.80
C GLY D 315 3.59 -30.11 -35.82
N ASP D 316 4.10 -31.28 -36.20
CA ASP D 316 5.06 -31.96 -35.33
C ASP D 316 6.37 -31.95 -36.10
N HIS D 317 6.45 -31.06 -37.08
CA HIS D 317 7.61 -30.93 -37.93
C HIS D 317 8.61 -29.83 -37.62
N ASP D 318 9.87 -30.24 -37.65
CA ASP D 318 11.05 -29.40 -37.44
C ASP D 318 11.45 -29.12 -38.88
N ILE D 319 11.04 -27.97 -39.41
CA ILE D 319 11.33 -27.60 -40.80
C ILE D 319 12.66 -26.86 -40.97
N PRO D 320 13.64 -27.50 -41.63
CA PRO D 320 14.97 -26.91 -41.87
C PRO D 320 14.94 -25.65 -42.73
N ARG D 321 15.92 -24.79 -42.53
CA ARG D 321 16.04 -23.55 -43.28
C ARG D 321 16.30 -23.81 -44.75
N GLY D 322 15.34 -23.48 -45.61
CA GLY D 322 15.53 -23.70 -47.04
C GLY D 322 14.41 -24.51 -47.64
N SER D 323 13.65 -25.18 -46.77
CA SER D 323 12.54 -26.02 -47.18
C SER D 323 11.50 -25.14 -47.86
N ARG D 324 10.70 -25.75 -48.74
CA ARG D 324 9.63 -25.01 -49.39
C ARG D 324 8.35 -25.28 -48.60
N VAL D 325 7.66 -24.23 -48.20
CA VAL D 325 6.43 -24.40 -47.43
C VAL D 325 5.23 -23.96 -48.24
N VAL D 326 4.27 -24.86 -48.38
CA VAL D 326 3.07 -24.56 -49.16
C VAL D 326 1.83 -24.44 -48.30
N ALA D 327 1.24 -23.24 -48.32
CA ALA D 327 0.02 -22.96 -47.57
C ALA D 327 -1.20 -23.31 -48.45
N LEU D 328 -1.97 -24.31 -48.02
CA LEU D 328 -3.15 -24.73 -48.78
C LEU D 328 -4.40 -23.95 -48.33
N LEU D 329 -4.71 -22.87 -49.04
CA LEU D 329 -5.83 -22.01 -48.72
C LEU D 329 -7.20 -22.69 -48.80
N GLY D 330 -7.40 -23.56 -49.79
CA GLY D 330 -8.68 -24.24 -49.93
C GLY D 330 -8.87 -25.21 -48.78
N SER D 331 -7.77 -25.81 -48.34
CA SER D 331 -7.79 -26.77 -47.23
C SER D 331 -8.07 -26.03 -45.91
N ALA D 332 -7.43 -24.88 -45.75
CA ALA D 332 -7.60 -24.07 -44.55
C ALA D 332 -9.04 -23.60 -44.44
N ASN D 333 -9.60 -23.12 -45.56
CA ASN D 333 -10.98 -22.63 -45.57
C ASN D 333 -12.04 -23.68 -45.27
N ARG D 334 -11.65 -24.94 -45.30
CA ARG D 334 -12.61 -25.99 -44.98
C ARG D 334 -12.13 -26.83 -43.80
N ASP D 335 -11.33 -26.18 -42.95
CA ASP D 335 -10.81 -26.79 -41.74
C ASP D 335 -11.90 -26.72 -40.67
N PRO D 336 -12.47 -27.87 -40.25
CA PRO D 336 -13.53 -27.92 -39.24
C PRO D 336 -13.14 -27.34 -37.88
N ALA D 337 -11.84 -27.14 -37.66
CA ALA D 337 -11.37 -26.58 -36.39
C ALA D 337 -11.67 -25.10 -36.34
N ARG D 338 -11.84 -24.50 -37.50
CA ARG D 338 -12.12 -23.08 -37.59
C ARG D 338 -13.52 -22.80 -38.12
N PHE D 339 -13.98 -23.65 -39.04
CA PHE D 339 -15.29 -23.51 -39.65
C PHE D 339 -16.12 -24.76 -39.40
N PRO D 340 -17.02 -24.72 -38.41
CA PRO D 340 -17.87 -25.88 -38.09
C PRO D 340 -18.72 -26.27 -39.29
N ASP D 341 -18.80 -27.57 -39.56
CA ASP D 341 -19.57 -28.10 -40.70
C ASP D 341 -19.03 -27.37 -41.95
N PRO D 342 -17.71 -27.50 -42.22
CA PRO D 342 -17.07 -26.83 -43.36
C PRO D 342 -17.64 -27.04 -44.76
N ASP D 343 -18.33 -28.17 -45.00
CA ASP D 343 -18.89 -28.44 -46.31
C ASP D 343 -20.29 -27.89 -46.51
N VAL D 344 -20.81 -27.25 -45.48
CA VAL D 344 -22.13 -26.64 -45.56
C VAL D 344 -21.92 -25.21 -46.06
N LEU D 345 -22.69 -24.79 -47.07
CA LEU D 345 -22.57 -23.43 -47.59
C LEU D 345 -23.46 -22.58 -46.68
N ASP D 346 -22.85 -21.92 -45.71
CA ASP D 346 -23.57 -21.12 -44.72
C ASP D 346 -23.23 -19.62 -44.79
N VAL D 347 -24.09 -18.84 -45.45
CA VAL D 347 -23.85 -17.40 -45.59
C VAL D 347 -23.92 -16.62 -44.29
N HIS D 348 -24.25 -17.31 -43.19
CA HIS D 348 -24.37 -16.65 -41.89
C HIS D 348 -23.13 -16.74 -41.00
N ARG D 349 -22.07 -17.34 -41.51
CA ARG D 349 -20.83 -17.42 -40.74
C ARG D 349 -20.28 -15.99 -40.60
N ALA D 350 -19.46 -15.78 -39.57
CA ALA D 350 -18.85 -14.47 -39.36
C ALA D 350 -17.84 -14.21 -40.49
N ALA D 351 -17.82 -12.98 -40.99
CA ALA D 351 -16.92 -12.60 -42.07
C ALA D 351 -15.48 -12.34 -41.62
N GLU D 352 -14.59 -12.11 -42.60
CA GLU D 352 -13.17 -11.84 -42.36
C GLU D 352 -12.38 -12.97 -41.70
N ARG D 353 -12.69 -14.21 -42.05
CA ARG D 353 -11.96 -15.34 -41.47
C ARG D 353 -11.23 -16.12 -42.57
N GLN D 354 -11.93 -16.37 -43.68
CA GLN D 354 -11.36 -17.14 -44.78
C GLN D 354 -10.11 -16.49 -45.32
N VAL D 355 -9.13 -17.34 -45.65
CA VAL D 355 -7.84 -16.88 -46.13
C VAL D 355 -7.63 -16.89 -47.63
N GLY D 356 -8.71 -16.77 -48.40
CA GLY D 356 -8.65 -16.78 -49.86
C GLY D 356 -7.88 -15.63 -50.52
N PHE D 357 -7.76 -14.49 -49.84
CA PHE D 357 -7.01 -13.34 -50.36
C PHE D 357 -5.68 -13.29 -49.62
N GLY D 358 -5.35 -14.37 -48.93
CA GLY D 358 -4.10 -14.40 -48.20
C GLY D 358 -4.24 -13.80 -46.81
N LEU D 359 -3.12 -13.39 -46.26
CA LEU D 359 -3.10 -12.80 -44.93
C LEU D 359 -1.71 -12.23 -44.70
N GLY D 360 -1.64 -11.00 -44.22
CA GLY D 360 -0.34 -10.41 -43.95
C GLY D 360 0.14 -9.33 -44.90
N ILE D 361 1.46 -9.18 -45.01
CA ILE D 361 2.06 -8.17 -45.87
C ILE D 361 1.71 -8.40 -47.34
N HIS D 362 1.50 -9.66 -47.73
CA HIS D 362 1.21 -9.99 -49.12
C HIS D 362 -0.28 -10.17 -49.41
N TYR D 363 -1.11 -9.67 -48.52
CA TYR D 363 -2.56 -9.76 -48.68
C TYR D 363 -2.98 -9.16 -50.03
N CYS D 364 -3.83 -9.88 -50.75
CA CYS D 364 -4.21 -9.51 -52.11
C CYS D 364 -4.41 -8.02 -52.30
N LEU D 365 -3.71 -7.42 -53.27
CA LEU D 365 -3.82 -6.00 -53.53
C LEU D 365 -5.13 -5.63 -54.22
N GLY D 366 -5.67 -6.54 -55.04
CA GLY D 366 -6.92 -6.27 -55.74
C GLY D 366 -8.15 -6.80 -55.02
N ALA D 367 -7.95 -7.26 -53.78
CA ALA D 367 -9.04 -7.84 -53.00
C ALA D 367 -10.34 -7.03 -53.05
N THR D 368 -10.20 -5.71 -53.01
CA THR D 368 -11.36 -4.83 -53.05
C THR D 368 -12.04 -4.86 -54.41
N LEU D 369 -11.24 -4.75 -55.45
CA LEU D 369 -11.74 -4.76 -56.80
C LEU D 369 -12.36 -6.11 -57.13
N ALA D 370 -11.69 -7.18 -56.71
CA ALA D 370 -12.16 -8.53 -56.97
C ALA D 370 -13.51 -8.76 -56.30
N ARG D 371 -13.63 -8.32 -55.06
CA ARG D 371 -14.87 -8.47 -54.32
C ARG D 371 -16.05 -7.78 -55.02
N ALA D 372 -15.80 -6.58 -55.55
CA ALA D 372 -16.84 -5.81 -56.25
C ALA D 372 -17.24 -6.49 -57.56
N GLU D 373 -16.26 -7.02 -58.29
CA GLU D 373 -16.53 -7.73 -59.54
C GLU D 373 -17.31 -9.01 -59.22
N ALA D 374 -17.00 -9.63 -58.09
CA ALA D 374 -17.65 -10.87 -57.67
C ALA D 374 -19.13 -10.62 -57.37
N GLU D 375 -19.39 -9.65 -56.52
CA GLU D 375 -20.76 -9.30 -56.15
C GLU D 375 -21.56 -8.83 -57.34
N ILE D 376 -21.02 -7.89 -58.10
CA ILE D 376 -21.71 -7.35 -59.26
C ILE D 376 -21.92 -8.35 -60.38
N GLY D 377 -20.91 -9.19 -60.61
CA GLY D 377 -21.03 -10.17 -61.67
C GLY D 377 -22.00 -11.28 -61.32
N LEU D 378 -21.97 -11.67 -60.05
CA LEU D 378 -22.85 -12.73 -59.56
C LEU D 378 -24.28 -12.26 -59.61
N ARG D 379 -24.51 -11.03 -59.17
CA ARG D 379 -25.85 -10.48 -59.17
C ARG D 379 -26.35 -10.42 -60.61
N ALA D 380 -25.47 -10.02 -61.51
CA ALA D 380 -25.81 -9.92 -62.92
C ALA D 380 -26.27 -11.28 -63.41
N LEU D 381 -25.52 -12.33 -63.08
CA LEU D 381 -25.88 -13.67 -63.48
C LEU D 381 -27.23 -14.11 -62.90
N LEU D 382 -27.43 -13.88 -61.61
CA LEU D 382 -28.68 -14.26 -60.93
C LEU D 382 -29.88 -13.56 -61.54
N ASP D 383 -29.78 -12.25 -61.75
CA ASP D 383 -30.88 -11.49 -62.33
C ASP D 383 -30.97 -11.72 -63.84
N GLY D 384 -29.84 -12.01 -64.48
CA GLY D 384 -29.84 -12.20 -65.92
C GLY D 384 -30.18 -13.58 -66.47
N ILE D 385 -29.89 -14.64 -65.72
CA ILE D 385 -30.19 -15.98 -66.21
C ILE D 385 -31.10 -16.72 -65.24
N PRO D 386 -32.43 -16.54 -65.38
CA PRO D 386 -33.43 -17.18 -64.53
C PRO D 386 -33.23 -18.68 -64.37
N ALA D 387 -32.82 -19.35 -65.45
CA ALA D 387 -32.62 -20.79 -65.42
C ALA D 387 -31.20 -21.22 -65.00
N LEU D 388 -30.45 -20.31 -64.38
CA LEU D 388 -29.08 -20.60 -63.95
C LEU D 388 -29.01 -21.89 -63.13
N GLY D 389 -29.97 -22.04 -62.21
CA GLY D 389 -29.98 -23.21 -61.35
C GLY D 389 -30.73 -24.41 -61.88
N ARG D 390 -31.24 -24.31 -63.11
CA ARG D 390 -31.99 -25.41 -63.69
C ARG D 390 -31.21 -26.11 -64.79
N GLY D 391 -31.71 -27.25 -65.25
CA GLY D 391 -31.04 -27.98 -66.32
C GLY D 391 -29.68 -28.54 -65.92
N ALA D 392 -28.98 -29.13 -66.89
CA ALA D 392 -27.66 -29.72 -66.65
C ALA D 392 -26.58 -28.81 -67.20
N HIS D 393 -25.34 -29.06 -66.80
CA HIS D 393 -24.23 -28.25 -67.26
C HIS D 393 -23.08 -29.13 -67.72
N GLU D 394 -22.19 -28.53 -68.49
CA GLU D 394 -21.01 -29.21 -69.02
C GLU D 394 -19.80 -28.45 -68.46
N VAL D 395 -19.04 -29.09 -67.59
CA VAL D 395 -17.89 -28.41 -66.98
C VAL D 395 -16.57 -29.16 -67.19
N GLU D 396 -15.51 -28.40 -67.43
CA GLU D 396 -14.16 -28.93 -67.64
C GLU D 396 -13.17 -28.06 -66.85
N TYR D 397 -12.41 -28.67 -65.95
CA TYR D 397 -11.44 -27.93 -65.13
C TYR D 397 -10.05 -27.90 -65.78
N ALA D 398 -9.29 -26.87 -65.43
CA ALA D 398 -7.94 -26.73 -65.93
C ALA D 398 -7.08 -27.65 -65.08
N ASP D 399 -6.03 -28.23 -65.66
CA ASP D 399 -5.16 -29.09 -64.88
C ASP D 399 -4.21 -28.14 -64.14
N ASP D 400 -4.74 -27.56 -63.08
CA ASP D 400 -4.03 -26.59 -62.27
C ASP D 400 -4.63 -26.70 -60.86
N MET D 401 -3.80 -26.94 -59.86
CA MET D 401 -4.29 -27.04 -58.48
C MET D 401 -3.97 -25.81 -57.66
N VAL D 402 -3.49 -24.75 -58.32
CA VAL D 402 -3.17 -23.49 -57.63
C VAL D 402 -4.20 -22.46 -58.06
N PHE D 403 -4.24 -22.17 -59.36
CA PHE D 403 -5.24 -21.25 -59.91
C PHE D 403 -6.30 -22.25 -60.42
N HIS D 404 -7.21 -22.56 -59.51
CA HIS D 404 -8.24 -23.57 -59.65
C HIS D 404 -9.61 -23.20 -60.18
N GLY D 405 -10.01 -23.81 -61.29
CA GLY D 405 -11.32 -23.50 -61.86
C GLY D 405 -11.63 -24.07 -63.23
N PRO D 406 -12.89 -23.99 -63.69
CA PRO D 406 -13.31 -24.50 -65.00
C PRO D 406 -12.70 -23.72 -66.18
N THR D 407 -12.26 -24.43 -67.21
CA THR D 407 -11.74 -23.77 -68.40
C THR D 407 -12.95 -23.45 -69.28
N ARG D 408 -14.05 -24.12 -68.98
CA ARG D 408 -15.30 -23.92 -69.72
C ARG D 408 -16.47 -24.42 -68.89
N LEU D 409 -17.59 -23.70 -68.95
CA LEU D 409 -18.79 -24.07 -68.21
C LEU D 409 -20.01 -23.84 -69.10
N LEU D 410 -20.45 -24.90 -69.77
CA LEU D 410 -21.61 -24.85 -70.67
C LEU D 410 -22.88 -25.01 -69.89
N LEU D 411 -23.88 -24.21 -70.24
CA LEU D 411 -25.16 -24.26 -69.55
C LEU D 411 -26.27 -24.47 -70.57
N ASP D 412 -27.20 -25.36 -70.24
CA ASP D 412 -28.33 -25.64 -71.11
C ASP D 412 -29.46 -24.65 -70.86
N LEU D 413 -29.81 -23.90 -71.89
CA LEU D 413 -30.88 -22.90 -71.77
C LEU D 413 -32.01 -23.13 -72.77
#